data_9E3P
#
_entry.id   9E3P
#
_cell.length_a   1.00
_cell.length_b   1.00
_cell.length_c   1.00
_cell.angle_alpha   90.00
_cell.angle_beta   90.00
_cell.angle_gamma   90.00
#
_symmetry.space_group_name_H-M   'P 1'
#
loop_
_entity.id
_entity.type
_entity.pdbx_description
1 polymer 'P2X purinoceptor 7'
2 branched 2-acetamido-2-deoxy-beta-D-glucopyranose-(1-4)-2-acetamido-2-deoxy-beta-D-glucopyranose
3 non-polymer "(1s,3R,4R,6r,8S,9S)-N'-(2-chlorophenyl)-3,4,8,9-tetramethyltetracyclo[4.4.0.0~3,9~.0~4,8~]decane-1-carbohydrazide"
4 non-polymer "GUANOSINE-5'-DIPHOSPHATE"
5 non-polymer 'ZINC ION'
6 non-polymer 2-acetamido-2-deoxy-beta-D-glucopyranose
7 non-polymer 'CHOLESTEROL HEMISUCCINATE'
8 non-polymer 'PALMITIC ACID'
9 non-polymer 'SODIUM ION'
10 water water
#
_entity_poly.entity_id   1
_entity_poly.type   'polypeptide(L)'
_entity_poly.pdbx_seq_one_letter_code
;MPACCSCSDVFQYETNKVTRIQSMNYGTIKWFFHVIIFSYVCFALVSDKLYQRKEPVISSVHTKVKGIAEVKEEIVENGV
KKLVHSVFDTADYTFPLQGNSFFVMTNFLKTEGQEQRLCPEYPTRRTLCSSDRGCKKGWMDPQSKGIQTGRCVVYEGNQK
TCEVSAWCPIEAVEEAPRPALLNSAENFTVLIKNNIDFPGHNYTTRNILPGLNITCTFHKTQNPQCPIFRLGDIFRETGD
NFSDVAIQGGIMGIEIYWDCNLDRWFHHCRPKYSFRRLDDKTTNVSLYPGYNFRYAKYYKENNVEKRTLIKVFGIRFDIL
VFGTGGKFDIIQLVVYIGSTLSYFGLAAVFIDFLIDTYSSNCCRSHIYPWCKCCQPCVVNEYYYRKKCESIVEPKPTLKY
VSFVDESHIRMVNQQLLGRSLQDVKGQEVPRPAMDFTDLSRLPLALHDTPPIPGQPEEIQLLRKEATPRSRDSPVWCQCG
SCLPSQLPESHRCLEELCCRKKPGACITTSELFRKLVLSRHVLQFLLLYQEPLLALDVDSTNSRLRHCAYRCYATWRFGS
QDMADFAILPSCCRWRIRKEFPKSEGQYSGFKSPY
;
_entity_poly.pdbx_strand_id   A,B,C
#
# COMPACT_ATOMS: atom_id res chain seq x y z
N SER A 6 36.95 5.51 7.56
CA SER A 6 37.23 6.22 8.81
C SER A 6 36.06 7.14 9.17
N CYS A 7 36.12 7.74 10.35
CA CYS A 7 34.99 8.53 10.84
C CYS A 7 34.72 9.72 9.92
N SER A 8 35.78 10.39 9.46
CA SER A 8 35.59 11.55 8.59
C SER A 8 34.88 11.16 7.29
N ASP A 9 35.08 9.93 6.81
CA ASP A 9 34.36 9.45 5.65
C ASP A 9 32.90 9.16 5.94
N VAL A 10 32.55 8.94 7.20
CA VAL A 10 31.14 8.76 7.57
C VAL A 10 30.40 10.08 7.47
N PHE A 11 31.04 11.16 7.90
CA PHE A 11 30.41 12.48 7.92
C PHE A 11 30.61 13.17 6.57
N GLN A 12 29.91 12.64 5.58
CA GLN A 12 29.95 13.15 4.23
C GLN A 12 28.53 13.20 3.68
N TYR A 13 28.29 14.16 2.79
CA TYR A 13 27.02 14.26 2.08
C TYR A 13 27.31 14.35 0.59
N GLU A 14 26.65 13.47 -0.17
CA GLU A 14 26.77 13.46 -1.62
C GLU A 14 25.56 14.15 -2.23
N THR A 15 25.79 15.17 -3.04
CA THR A 15 24.75 15.88 -3.74
C THR A 15 24.97 15.74 -5.24
N ASN A 16 23.88 15.62 -5.98
CA ASN A 16 23.95 15.43 -7.42
C ASN A 16 24.26 16.74 -8.12
N LYS A 17 25.22 16.68 -9.04
CA LYS A 17 25.46 17.81 -9.93
C LYS A 17 24.32 17.95 -10.92
N VAL A 18 23.84 19.18 -11.10
CA VAL A 18 22.64 19.44 -11.87
C VAL A 18 22.89 20.56 -12.86
N THR A 19 22.14 20.53 -13.96
CA THR A 19 22.13 21.60 -14.95
C THR A 19 20.76 22.26 -14.91
N ARG A 20 20.73 23.53 -14.52
CA ARG A 20 19.50 24.29 -14.44
C ARG A 20 19.25 24.99 -15.77
N ILE A 21 18.14 24.66 -16.42
CA ILE A 21 17.78 25.17 -17.74
C ILE A 21 16.68 26.20 -17.60
N GLN A 22 16.80 27.30 -18.34
CA GLN A 22 15.82 28.38 -18.34
C GLN A 22 15.00 28.25 -19.62
N SER A 23 13.95 27.44 -19.56
CA SER A 23 13.08 27.18 -20.69
C SER A 23 11.64 27.23 -20.22
N MET A 24 10.81 27.99 -20.95
CA MET A 24 9.39 28.06 -20.61
C MET A 24 8.71 26.71 -20.79
N ASN A 25 9.02 26.01 -21.89
CA ASN A 25 8.36 24.75 -22.17
C ASN A 25 8.55 23.75 -21.04
N TYR A 26 9.79 23.58 -20.61
CA TYR A 26 10.11 22.55 -19.63
C TYR A 26 9.64 22.91 -18.24
N GLY A 27 9.76 24.18 -17.85
CA GLY A 27 9.19 24.60 -16.57
C GLY A 27 7.69 24.42 -16.53
N THR A 28 7.01 24.81 -17.61
CA THR A 28 5.57 24.64 -17.69
C THR A 28 5.19 23.17 -17.61
N ILE A 29 5.92 22.31 -18.32
CA ILE A 29 5.62 20.88 -18.28
C ILE A 29 5.81 20.34 -16.87
N LYS A 30 6.91 20.71 -16.22
CA LYS A 30 7.18 20.24 -14.87
C LYS A 30 6.07 20.63 -13.92
N TRP A 31 5.66 21.90 -13.97
CA TRP A 31 4.64 22.38 -13.04
C TRP A 31 3.27 21.79 -13.35
N PHE A 32 2.96 21.59 -14.64
CA PHE A 32 1.73 20.90 -15.01
C PHE A 32 1.71 19.48 -14.44
N PHE A 33 2.78 18.72 -14.65
CA PHE A 33 2.87 17.39 -14.09
C PHE A 33 2.66 17.41 -12.58
N HIS A 34 3.36 18.31 -11.89
CA HIS A 34 3.30 18.34 -10.44
C HIS A 34 1.89 18.67 -9.95
N VAL A 35 1.24 19.65 -10.59
CA VAL A 35 -0.10 20.04 -10.17
C VAL A 35 -1.08 18.91 -10.40
N ILE A 36 -1.03 18.26 -11.56
CA ILE A 36 -1.96 17.17 -11.82
C ILE A 36 -1.75 16.04 -10.81
N ILE A 37 -0.48 15.68 -10.57
CA ILE A 37 -0.21 14.56 -9.67
C ILE A 37 -0.66 14.89 -8.26
N PHE A 38 -0.37 16.11 -7.79
CA PHE A 38 -0.80 16.51 -6.45
C PHE A 38 -2.32 16.49 -6.33
N SER A 39 -3.02 17.01 -7.34
CA SER A 39 -4.47 17.05 -7.29
C SER A 39 -5.05 15.64 -7.24
N TYR A 40 -4.54 14.75 -8.08
CA TYR A 40 -5.04 13.37 -8.07
C TYR A 40 -4.74 12.69 -6.74
N VAL A 41 -3.55 12.94 -6.19
CA VAL A 41 -3.18 12.31 -4.93
C VAL A 41 -4.11 12.74 -3.82
N CYS A 42 -4.39 14.04 -3.74
CA CYS A 42 -5.31 14.54 -2.72
C CYS A 42 -6.72 14.02 -2.94
N PHE A 43 -7.18 13.98 -4.20
CA PHE A 43 -8.51 13.48 -4.49
C PHE A 43 -8.66 12.02 -4.09
N ALA A 44 -7.66 11.20 -4.42
CA ALA A 44 -7.72 9.78 -4.04
C ALA A 44 -7.66 9.61 -2.53
N LEU A 45 -6.85 10.43 -1.85
CA LEU A 45 -6.79 10.35 -0.40
C LEU A 45 -8.13 10.69 0.24
N VAL A 46 -8.82 11.69 -0.30
CA VAL A 46 -10.07 12.15 0.32
C VAL A 46 -11.23 11.24 -0.02
N SER A 47 -11.32 10.81 -1.28
CA SER A 47 -12.50 10.07 -1.73
C SER A 47 -12.58 8.69 -1.08
N ASP A 48 -11.46 7.96 -1.03
CA ASP A 48 -11.43 6.64 -0.41
C ASP A 48 -10.89 6.67 1.01
N LYS A 49 -10.66 7.84 1.57
CA LYS A 49 -10.23 8.00 2.96
C LYS A 49 -9.09 7.03 3.28
N LEU A 50 -7.99 7.20 2.56
CA LEU A 50 -6.84 6.33 2.71
C LEU A 50 -5.94 6.75 3.86
N TYR A 51 -6.28 7.82 4.56
CA TYR A 51 -5.68 8.18 5.82
C TYR A 51 -6.34 7.50 7.01
N GLN A 52 -7.43 6.77 6.76
CA GLN A 52 -8.22 6.13 7.81
C GLN A 52 -7.92 4.64 7.90
N ARG A 53 -8.00 4.11 9.11
CA ARG A 53 -8.07 2.67 9.34
C ARG A 53 -9.53 2.27 9.46
N LYS A 54 -9.92 1.26 8.70
CA LYS A 54 -11.31 0.85 8.58
C LYS A 54 -11.55 -0.44 9.34
N GLU A 55 -12.59 -0.46 10.17
CA GLU A 55 -12.99 -1.62 10.93
C GLU A 55 -14.38 -2.06 10.50
N PRO A 56 -14.61 -3.36 10.28
CA PRO A 56 -15.97 -3.81 9.99
C PRO A 56 -16.85 -3.79 11.23
N VAL A 57 -18.15 -3.74 10.98
CA VAL A 57 -19.16 -3.53 12.01
C VAL A 57 -19.49 -4.86 12.69
N ILE A 58 -19.63 -4.80 14.02
CA ILE A 58 -20.18 -5.89 14.82
C ILE A 58 -21.59 -5.48 15.23
N SER A 59 -22.59 -6.28 14.86
CA SER A 59 -23.97 -5.86 14.93
C SER A 59 -24.82 -6.82 15.78
N SER A 60 -25.79 -6.23 16.47
CA SER A 60 -26.85 -6.96 17.17
C SER A 60 -28.19 -6.37 16.79
N VAL A 61 -29.15 -7.22 16.45
CA VAL A 61 -30.46 -6.80 15.98
C VAL A 61 -31.53 -7.33 16.91
N HIS A 62 -32.53 -6.49 17.20
CA HIS A 62 -33.69 -6.86 17.99
C HIS A 62 -34.93 -6.30 17.33
N THR A 63 -35.92 -7.17 17.07
CA THR A 63 -37.11 -6.81 16.33
C THR A 63 -38.37 -6.95 17.18
N LYS A 64 -39.38 -6.19 16.80
CA LYS A 64 -40.69 -6.20 17.47
C LYS A 64 -41.77 -6.04 16.41
N VAL A 65 -42.47 -7.12 16.09
CA VAL A 65 -43.55 -7.12 15.12
C VAL A 65 -44.86 -6.83 15.84
N LYS A 66 -45.72 -6.07 15.17
CA LYS A 66 -46.99 -5.65 15.73
C LYS A 66 -48.09 -5.81 14.68
N GLY A 67 -49.25 -6.27 15.13
CA GLY A 67 -50.40 -6.41 14.27
C GLY A 67 -51.20 -7.69 14.46
N ILE A 68 -52.49 -7.61 14.18
CA ILE A 68 -53.40 -8.75 14.23
C ILE A 68 -54.08 -8.88 12.88
N ALA A 69 -54.49 -10.11 12.56
CA ALA A 69 -55.14 -10.42 11.30
C ALA A 69 -56.43 -11.18 11.56
N GLU A 70 -57.47 -10.82 10.80
CA GLU A 70 -58.70 -11.58 10.76
C GLU A 70 -58.63 -12.58 9.60
N VAL A 71 -58.90 -13.83 9.90
CA VAL A 71 -58.68 -14.94 8.96
C VAL A 71 -60.00 -15.64 8.71
N LYS A 72 -60.30 -15.88 7.44
CA LYS A 72 -61.49 -16.60 7.01
C LYS A 72 -61.06 -17.95 6.44
N GLU A 73 -61.48 -19.03 7.10
CA GLU A 73 -61.20 -20.39 6.62
C GLU A 73 -62.51 -21.15 6.57
N GLU A 74 -62.82 -21.71 5.39
CA GLU A 74 -64.06 -22.48 5.23
C GLU A 74 -64.04 -23.71 6.11
N ILE A 75 -65.16 -23.97 6.77
CA ILE A 75 -65.30 -25.12 7.65
C ILE A 75 -66.70 -25.17 8.23
N LEU A 83 -68.11 -21.09 7.03
CA LEU A 83 -67.00 -20.16 7.16
C LEU A 83 -66.90 -19.63 8.58
N VAL A 84 -65.67 -19.48 9.06
CA VAL A 84 -65.41 -19.02 10.42
C VAL A 84 -64.48 -17.81 10.37
N HIS A 85 -64.61 -16.94 11.36
CA HIS A 85 -63.78 -15.76 11.49
C HIS A 85 -62.93 -15.89 12.76
N SER A 86 -61.62 -15.77 12.60
CA SER A 86 -60.68 -15.92 13.69
C SER A 86 -59.67 -14.79 13.64
N VAL A 87 -59.12 -14.46 14.80
CA VAL A 87 -58.12 -13.40 14.95
C VAL A 87 -56.78 -14.03 15.26
N PHE A 88 -55.78 -13.66 14.47
CA PHE A 88 -54.41 -14.11 14.67
C PHE A 88 -53.58 -12.96 15.20
N ASP A 89 -52.90 -13.19 16.32
CA ASP A 89 -51.95 -12.23 16.87
C ASP A 89 -50.54 -12.80 16.82
N THR A 90 -49.59 -12.01 17.33
CA THR A 90 -48.18 -12.33 17.20
C THR A 90 -47.86 -13.74 17.68
N ALA A 91 -48.52 -14.19 18.74
CA ALA A 91 -48.31 -15.54 19.24
C ALA A 91 -48.76 -16.60 18.25
N ASP A 92 -49.52 -16.22 17.23
CA ASP A 92 -50.05 -17.16 16.26
C ASP A 92 -49.34 -17.16 14.92
N TYR A 93 -48.53 -16.13 14.63
CA TYR A 93 -47.91 -16.02 13.32
C TYR A 93 -46.42 -15.70 13.33
N THR A 94 -45.82 -15.37 14.48
CA THR A 94 -44.40 -15.03 14.52
C THR A 94 -43.78 -15.56 15.80
N PHE A 95 -42.47 -15.70 15.76
CA PHE A 95 -41.61 -16.09 16.87
C PHE A 95 -40.46 -15.11 16.95
N PRO A 96 -39.86 -14.95 18.12
CA PRO A 96 -38.78 -13.95 18.27
C PRO A 96 -37.66 -14.17 17.26
N LEU A 97 -37.10 -13.07 16.78
CA LEU A 97 -36.07 -13.11 15.74
C LEU A 97 -34.88 -13.95 16.19
N GLN A 98 -34.43 -14.84 15.30
CA GLN A 98 -33.27 -15.69 15.54
C GLN A 98 -32.31 -15.54 14.37
N GLY A 99 -31.04 -15.33 14.68
CA GLY A 99 -30.03 -15.21 13.65
C GLY A 99 -30.29 -14.09 12.67
N ASN A 100 -30.70 -12.93 13.17
CA ASN A 100 -30.95 -11.76 12.33
C ASN A 100 -32.02 -12.03 11.28
N SER A 101 -33.00 -12.87 11.61
CA SER A 101 -34.11 -13.17 10.73
C SER A 101 -35.37 -13.37 11.56
N PHE A 102 -36.49 -12.89 11.04
CA PHE A 102 -37.79 -13.14 11.64
C PHE A 102 -38.77 -13.55 10.54
N PHE A 103 -39.75 -14.36 10.94
CA PHE A 103 -40.70 -14.99 10.04
C PHE A 103 -42.12 -14.56 10.38
N VAL A 104 -42.91 -14.28 9.35
CA VAL A 104 -44.33 -13.98 9.49
C VAL A 104 -45.11 -14.94 8.61
N MET A 105 -45.97 -15.74 9.23
CA MET A 105 -46.86 -16.62 8.48
C MET A 105 -47.93 -15.84 7.76
N THR A 106 -48.15 -16.19 6.49
CA THR A 106 -49.14 -15.55 5.65
C THR A 106 -50.20 -16.49 5.12
N ASN A 107 -49.96 -17.79 5.14
CA ASN A 107 -50.88 -18.77 4.61
C ASN A 107 -50.58 -20.11 5.29
N PHE A 108 -51.57 -20.98 5.31
CA PHE A 108 -51.37 -22.29 5.91
C PHE A 108 -52.39 -23.27 5.37
N LEU A 109 -51.97 -24.53 5.32
CA LEU A 109 -52.86 -25.66 5.08
C LEU A 109 -52.78 -26.58 6.28
N LYS A 110 -53.93 -27.05 6.73
CA LYS A 110 -54.04 -27.78 7.99
C LYS A 110 -54.57 -29.19 7.75
N THR A 111 -54.00 -30.15 8.47
CA THR A 111 -54.39 -31.56 8.39
C THR A 111 -54.55 -32.08 9.81
N GLU A 112 -55.79 -32.15 10.29
CA GLU A 112 -56.07 -32.53 11.66
C GLU A 112 -56.08 -34.05 11.87
N GLY A 113 -55.80 -34.43 13.11
CA GLY A 113 -56.03 -35.79 13.58
C GLY A 113 -55.25 -36.88 12.90
N GLN A 114 -53.95 -36.66 12.68
CA GLN A 114 -53.11 -37.69 12.09
C GLN A 114 -52.71 -38.71 13.14
N GLU A 115 -52.67 -39.97 12.74
CA GLU A 115 -52.22 -41.06 13.59
C GLU A 115 -51.19 -41.89 12.84
N GLN A 116 -50.26 -42.47 13.60
CA GLN A 116 -49.32 -43.43 13.04
C GLN A 116 -50.07 -44.72 12.78
N ARG A 117 -50.39 -44.97 11.53
CA ARG A 117 -51.27 -46.07 11.15
C ARG A 117 -50.88 -46.56 9.76
N LEU A 118 -51.73 -47.39 9.18
CA LEU A 118 -51.68 -47.76 7.77
C LEU A 118 -52.85 -47.12 7.07
N CYS A 119 -52.60 -46.53 5.90
CA CYS A 119 -53.63 -45.79 5.20
C CYS A 119 -53.38 -45.88 3.71
N PRO A 120 -54.41 -45.66 2.89
CA PRO A 120 -54.18 -45.46 1.45
C PRO A 120 -53.53 -44.12 1.18
N GLU A 121 -52.54 -44.11 0.30
CA GLU A 121 -51.92 -42.87 -0.10
C GLU A 121 -52.90 -42.04 -0.93
N TYR A 122 -52.76 -40.72 -0.82
CA TYR A 122 -53.68 -39.84 -1.51
C TYR A 122 -53.55 -40.05 -3.03
N PRO A 123 -54.66 -40.05 -3.76
CA PRO A 123 -54.59 -40.42 -5.18
C PRO A 123 -53.70 -39.50 -5.99
N THR A 124 -52.79 -40.12 -6.74
CA THR A 124 -51.95 -39.42 -7.70
C THR A 124 -51.61 -40.41 -8.80
N ARG A 125 -51.01 -39.90 -9.88
CA ARG A 125 -50.57 -40.78 -10.95
C ARG A 125 -49.63 -41.86 -10.41
N ARG A 126 -48.77 -41.49 -9.46
CA ARG A 126 -47.82 -42.44 -8.90
C ARG A 126 -48.51 -43.44 -7.98
N THR A 127 -49.41 -42.96 -7.12
CA THR A 127 -50.01 -43.80 -6.09
C THR A 127 -51.24 -44.55 -6.57
N LEU A 128 -51.74 -44.28 -7.77
CA LEU A 128 -52.90 -44.98 -8.28
C LEU A 128 -52.49 -46.36 -8.78
N CYS A 129 -53.15 -47.38 -8.25
CA CYS A 129 -52.86 -48.77 -8.55
C CYS A 129 -54.02 -49.40 -9.31
N SER A 130 -53.81 -50.64 -9.74
CA SER A 130 -54.88 -51.52 -10.18
C SER A 130 -54.83 -52.89 -9.54
N SER A 131 -53.68 -53.28 -8.98
CA SER A 131 -53.54 -54.53 -8.24
C SER A 131 -52.31 -54.40 -7.34
N ASP A 132 -52.09 -55.40 -6.50
CA ASP A 132 -50.94 -55.39 -5.61
C ASP A 132 -49.61 -55.55 -6.33
N ARG A 133 -49.62 -55.65 -7.66
CA ARG A 133 -48.38 -55.73 -8.42
C ARG A 133 -47.81 -54.36 -8.74
N GLY A 134 -48.58 -53.28 -8.55
CA GLY A 134 -48.09 -51.94 -8.78
C GLY A 134 -47.40 -51.32 -7.59
N CYS A 135 -47.37 -52.04 -6.48
CA CYS A 135 -46.77 -51.55 -5.25
C CYS A 135 -45.79 -52.56 -4.66
N LYS A 136 -44.72 -52.09 -4.01
CA LYS A 136 -43.70 -52.98 -3.46
C LYS A 136 -43.45 -52.69 -2.01
N LYS A 137 -43.42 -53.73 -1.18
CA LYS A 137 -43.22 -53.56 0.23
C LYS A 137 -41.90 -52.90 0.55
N GLY A 138 -41.91 -51.87 1.40
CA GLY A 138 -40.70 -51.22 1.79
C GLY A 138 -40.25 -50.14 0.87
N TRP A 139 -41.12 -49.69 -0.02
CA TRP A 139 -40.72 -48.69 -1.00
C TRP A 139 -40.70 -47.26 -0.45
N MET A 140 -39.59 -46.52 -0.66
CA MET A 140 -39.51 -45.15 -0.18
C MET A 140 -39.40 -44.24 -1.39
N ASP A 141 -40.54 -43.82 -1.92
CA ASP A 141 -40.52 -42.86 -3.01
C ASP A 141 -40.15 -41.47 -2.48
N PRO A 142 -39.28 -40.74 -3.16
CA PRO A 142 -38.91 -39.41 -2.68
C PRO A 142 -40.08 -38.44 -2.62
N GLN A 143 -41.19 -38.74 -3.29
CA GLN A 143 -42.36 -37.88 -3.31
C GLN A 143 -43.45 -38.37 -2.36
N SER A 144 -43.15 -39.32 -1.48
CA SER A 144 -44.10 -39.83 -0.53
C SER A 144 -43.62 -39.58 0.90
N LYS A 145 -44.58 -39.39 1.79
CA LYS A 145 -44.33 -39.26 3.22
C LYS A 145 -44.59 -40.56 3.96
N GLY A 146 -44.66 -41.69 3.26
CA GLY A 146 -44.92 -42.97 3.86
C GLY A 146 -44.14 -44.08 3.19
N ILE A 147 -44.21 -45.26 3.81
CA ILE A 147 -43.51 -46.44 3.33
C ILE A 147 -44.55 -47.47 2.89
N GLN A 148 -44.41 -47.94 1.65
CA GLN A 148 -45.36 -48.89 1.09
C GLN A 148 -45.33 -50.21 1.84
N THR A 149 -46.50 -50.84 1.95
CA THR A 149 -46.63 -52.16 2.56
C THR A 149 -46.75 -53.27 1.53
N GLY A 150 -46.76 -52.94 0.24
CA GLY A 150 -46.82 -53.93 -0.82
C GLY A 150 -48.20 -54.23 -1.34
N ARG A 151 -49.24 -53.77 -0.66
CA ARG A 151 -50.62 -53.99 -1.08
C ARG A 151 -51.35 -52.67 -1.22
N CYS A 152 -52.16 -52.56 -2.27
CA CYS A 152 -52.85 -51.32 -2.60
C CYS A 152 -54.34 -51.45 -2.32
N VAL A 153 -54.95 -50.34 -1.92
CA VAL A 153 -56.25 -50.32 -1.27
C VAL A 153 -57.11 -49.22 -1.91
N VAL A 154 -58.35 -49.13 -1.44
CA VAL A 154 -59.31 -48.13 -1.92
C VAL A 154 -59.19 -46.85 -1.11
N TYR A 155 -59.02 -45.72 -1.81
CA TYR A 155 -59.08 -44.43 -1.16
C TYR A 155 -60.51 -43.93 -1.05
N GLU A 156 -61.26 -44.02 -2.14
CA GLU A 156 -62.64 -43.52 -2.17
C GLU A 156 -63.32 -44.19 -3.35
N GLY A 157 -64.36 -44.97 -3.09
CA GLY A 157 -65.11 -45.62 -4.15
C GLY A 157 -64.25 -46.38 -5.15
N ASN A 158 -64.25 -45.90 -6.40
CA ASN A 158 -63.51 -46.59 -7.45
C ASN A 158 -62.00 -46.41 -7.30
N GLN A 159 -61.57 -45.32 -6.68
CA GLN A 159 -60.15 -45.00 -6.64
C GLN A 159 -59.38 -46.08 -5.88
N LYS A 160 -58.28 -46.52 -6.48
CA LYS A 160 -57.40 -47.52 -5.91
C LYS A 160 -56.03 -46.91 -5.70
N THR A 161 -55.50 -47.01 -4.48
CA THR A 161 -54.22 -46.39 -4.16
C THR A 161 -53.38 -47.35 -3.31
N CYS A 162 -52.07 -47.17 -3.41
CA CYS A 162 -51.13 -47.98 -2.64
C CYS A 162 -51.25 -47.70 -1.15
N GLU A 163 -51.11 -48.74 -0.35
CA GLU A 163 -51.13 -48.59 1.09
C GLU A 163 -49.75 -48.24 1.61
N VAL A 164 -49.70 -47.37 2.62
CA VAL A 164 -48.45 -46.93 3.21
C VAL A 164 -48.59 -46.89 4.72
N SER A 165 -47.48 -47.15 5.40
CA SER A 165 -47.35 -46.85 6.82
C SER A 165 -46.82 -45.43 6.96
N ALA A 166 -47.53 -44.61 7.71
CA ALA A 166 -47.23 -43.18 7.79
C ALA A 166 -48.09 -42.58 8.88
N TRP A 167 -48.00 -41.26 9.01
CA TRP A 167 -49.01 -40.49 9.72
C TRP A 167 -50.25 -40.41 8.84
N CYS A 168 -51.38 -40.87 9.38
CA CYS A 168 -52.58 -40.99 8.59
C CYS A 168 -53.73 -40.26 9.27
N PRO A 169 -54.62 -39.62 8.50
CA PRO A 169 -54.69 -39.56 7.04
C PRO A 169 -53.59 -38.74 6.37
N ILE A 170 -53.24 -39.15 5.16
CA ILE A 170 -52.17 -38.50 4.41
C ILE A 170 -52.62 -37.14 3.92
N GLU A 171 -51.68 -36.21 3.82
CA GLU A 171 -51.99 -34.87 3.37
C GLU A 171 -52.50 -34.89 1.93
N ALA A 172 -53.49 -34.06 1.65
CA ALA A 172 -53.97 -33.90 0.29
C ALA A 172 -53.01 -33.05 -0.52
N VAL A 173 -52.88 -33.40 -1.80
CA VAL A 173 -52.09 -32.61 -2.73
C VAL A 173 -52.94 -31.41 -3.14
N GLU A 174 -52.70 -30.27 -2.51
CA GLU A 174 -53.51 -29.08 -2.70
C GLU A 174 -52.59 -27.87 -2.81
N GLU A 175 -52.98 -26.93 -3.65
CA GLU A 175 -52.23 -25.69 -3.78
C GLU A 175 -52.54 -24.75 -2.62
N ALA A 176 -51.64 -23.80 -2.43
CA ALA A 176 -51.80 -22.85 -1.34
C ALA A 176 -53.10 -22.05 -1.52
N PRO A 177 -53.82 -21.76 -0.45
CA PRO A 177 -55.06 -21.00 -0.60
C PRO A 177 -54.85 -19.67 -1.30
N ARG A 178 -55.78 -19.34 -2.18
CA ARG A 178 -55.78 -18.07 -2.91
C ARG A 178 -57.15 -17.44 -2.69
N PRO A 179 -57.23 -16.25 -2.09
CA PRO A 179 -56.18 -15.40 -1.55
C PRO A 179 -55.62 -15.88 -0.22
N ALA A 180 -54.43 -15.39 0.12
CA ALA A 180 -53.78 -15.80 1.35
C ALA A 180 -54.64 -15.45 2.55
N LEU A 181 -54.62 -16.32 3.56
CA LEU A 181 -55.48 -16.15 4.73
C LEU A 181 -55.02 -14.98 5.60
N LEU A 182 -53.74 -14.67 5.60
CA LEU A 182 -53.22 -13.55 6.37
C LEU A 182 -52.73 -12.40 5.49
N ASN A 183 -53.37 -12.20 4.34
CA ASN A 183 -53.04 -11.07 3.49
C ASN A 183 -53.06 -9.72 4.17
N SER A 184 -53.74 -9.60 5.31
CA SER A 184 -53.71 -8.38 6.11
C SER A 184 -52.34 -8.15 6.76
N ALA A 185 -51.43 -9.11 6.64
CA ALA A 185 -50.09 -8.96 7.18
C ALA A 185 -49.32 -7.81 6.56
N GLU A 186 -49.73 -7.32 5.39
CA GLU A 186 -49.05 -6.18 4.80
C GLU A 186 -49.22 -4.92 5.63
N ASN A 187 -50.19 -4.90 6.53
CA ASN A 187 -50.38 -3.79 7.46
C ASN A 187 -49.67 -4.01 8.79
N PHE A 188 -49.01 -5.14 8.97
CA PHE A 188 -48.16 -5.32 10.14
C PHE A 188 -46.97 -4.38 10.07
N THR A 189 -46.46 -4.03 11.24
CA THR A 189 -45.29 -3.19 11.37
C THR A 189 -44.22 -3.92 12.17
N VAL A 190 -42.97 -3.59 11.89
CA VAL A 190 -41.83 -4.13 12.63
C VAL A 190 -40.93 -2.97 13.03
N LEU A 191 -40.55 -2.94 14.30
CA LEU A 191 -39.56 -2.01 14.81
C LEU A 191 -38.24 -2.74 14.92
N ILE A 192 -37.21 -2.20 14.28
CA ILE A 192 -35.88 -2.77 14.27
C ILE A 192 -34.97 -1.92 15.14
N LYS A 193 -34.30 -2.57 16.08
CA LYS A 193 -33.26 -1.95 16.88
C LYS A 193 -31.92 -2.57 16.52
N ASN A 194 -30.96 -1.73 16.14
CA ASN A 194 -29.67 -2.17 15.67
C ASN A 194 -28.58 -1.56 16.54
N ASN A 195 -27.85 -2.41 17.25
CA ASN A 195 -26.69 -2.02 18.03
C ASN A 195 -25.43 -2.43 17.26
N ILE A 196 -24.50 -1.51 17.11
CA ILE A 196 -23.26 -1.77 16.40
C ILE A 196 -22.07 -1.31 17.25
N ASP A 197 -20.91 -1.85 16.92
CA ASP A 197 -19.69 -1.59 17.66
C ASP A 197 -18.50 -1.72 16.73
N PHE A 198 -17.48 -0.92 17.00
CA PHE A 198 -16.16 -1.03 16.38
C PHE A 198 -15.16 -1.28 17.50
N PRO A 199 -14.89 -2.55 17.84
CA PRO A 199 -14.06 -2.81 19.03
C PRO A 199 -12.67 -2.21 18.97
N GLY A 200 -12.05 -2.18 17.79
CA GLY A 200 -10.73 -1.59 17.69
C GLY A 200 -10.74 -0.09 17.92
N HIS A 201 -11.73 0.62 17.38
CA HIS A 201 -11.88 2.04 17.61
C HIS A 201 -12.60 2.36 18.91
N ASN A 202 -13.07 1.34 19.62
CA ASN A 202 -13.80 1.49 20.91
C ASN A 202 -14.94 2.48 20.70
N TYR A 203 -15.83 2.21 19.74
CA TYR A 203 -17.02 3.02 19.48
C TYR A 203 -18.22 2.12 19.30
N THR A 204 -19.32 2.46 19.96
CA THR A 204 -20.60 1.82 19.75
C THR A 204 -21.70 2.86 19.75
N THR A 205 -22.66 2.68 18.86
CA THR A 205 -23.84 3.54 18.78
C THR A 205 -25.04 2.65 18.47
N ARG A 206 -26.16 3.28 18.14
CA ARG A 206 -27.37 2.55 17.82
C ARG A 206 -28.21 3.39 16.87
N ASN A 207 -29.21 2.74 16.26
CA ASN A 207 -30.00 3.33 15.21
C ASN A 207 -31.12 4.24 15.72
N ILE A 208 -31.44 4.18 17.00
CA ILE A 208 -32.50 5.01 17.58
C ILE A 208 -31.83 5.94 18.57
N LEU A 209 -31.79 7.18 18.24
CA LEU A 209 -31.19 8.18 19.09
C LEU A 209 -32.28 8.93 19.86
N PRO A 210 -31.94 9.47 21.03
CA PRO A 210 -32.95 10.22 21.79
C PRO A 210 -33.49 11.38 20.97
N GLY A 211 -34.79 11.60 21.08
CA GLY A 211 -35.48 12.61 20.31
C GLY A 211 -36.13 12.10 19.04
N LEU A 212 -35.71 10.92 18.56
CA LEU A 212 -36.29 10.36 17.35
C LEU A 212 -37.79 10.16 17.53
N ASN A 213 -38.56 10.58 16.53
CA ASN A 213 -40.00 10.37 16.56
C ASN A 213 -40.32 8.88 16.57
N ILE A 214 -41.24 8.48 17.44
CA ILE A 214 -41.54 7.08 17.68
C ILE A 214 -42.91 6.67 17.16
N THR A 215 -43.61 7.55 16.45
CA THR A 215 -44.91 7.24 15.87
C THR A 215 -44.88 7.24 14.35
N CYS A 216 -43.71 7.42 13.75
CA CYS A 216 -43.60 7.52 12.31
C CYS A 216 -43.55 6.14 11.66
N THR A 217 -43.55 6.15 10.34
CA THR A 217 -43.27 4.97 9.54
C THR A 217 -42.24 5.36 8.48
N PHE A 218 -41.36 4.42 8.16
CA PHE A 218 -40.24 4.71 7.27
C PHE A 218 -40.72 5.22 5.92
N HIS A 219 -39.99 6.21 5.39
CA HIS A 219 -40.11 6.67 4.02
C HIS A 219 -38.75 7.15 3.58
N LYS A 220 -38.35 6.78 2.37
CA LYS A 220 -36.98 7.05 1.91
C LYS A 220 -36.66 8.54 1.85
N THR A 221 -37.67 9.39 1.66
CA THR A 221 -37.46 10.83 1.58
C THR A 221 -37.99 11.58 2.79
N GLN A 222 -39.13 11.16 3.34
CA GLN A 222 -39.79 11.89 4.42
C GLN A 222 -39.32 11.46 5.80
N ASN A 223 -39.23 10.15 6.05
CA ASN A 223 -38.78 9.60 7.33
C ASN A 223 -37.71 8.55 7.06
N PRO A 224 -36.55 8.95 6.54
CA PRO A 224 -35.52 7.98 6.20
C PRO A 224 -34.75 7.42 7.40
N GLN A 225 -35.11 7.82 8.61
CA GLN A 225 -34.46 7.31 9.82
C GLN A 225 -35.44 6.71 10.81
N CYS A 226 -36.72 6.58 10.46
CA CYS A 226 -37.67 5.92 11.34
C CYS A 226 -37.49 4.41 11.22
N PRO A 227 -37.22 3.69 12.30
CA PRO A 227 -36.95 2.26 12.19
C PRO A 227 -38.18 1.38 12.23
N ILE A 228 -39.36 1.98 12.02
CA ILE A 228 -40.61 1.23 11.94
C ILE A 228 -40.99 1.09 10.48
N PHE A 229 -41.24 -0.16 10.06
CA PHE A 229 -41.50 -0.48 8.67
C PHE A 229 -42.80 -1.23 8.54
N ARG A 230 -43.66 -0.77 7.64
CA ARG A 230 -44.81 -1.54 7.18
C ARG A 230 -44.36 -2.49 6.09
N LEU A 231 -44.75 -3.76 6.21
CA LEU A 231 -44.24 -4.80 5.33
C LEU A 231 -44.67 -4.57 3.88
N GLY A 232 -45.93 -4.20 3.68
CA GLY A 232 -46.38 -3.87 2.34
C GLY A 232 -45.58 -2.75 1.72
N ASP A 233 -45.18 -1.76 2.52
CA ASP A 233 -44.36 -0.67 1.99
C ASP A 233 -42.99 -1.18 1.57
N ILE A 234 -42.43 -2.13 2.30
CA ILE A 234 -41.18 -2.76 1.89
C ILE A 234 -41.34 -3.41 0.53
N PHE A 235 -42.40 -4.21 0.36
CA PHE A 235 -42.59 -4.91 -0.90
C PHE A 235 -42.84 -3.92 -2.04
N ARG A 236 -43.56 -2.85 -1.76
CA ARG A 236 -43.78 -1.81 -2.75
C ARG A 236 -42.46 -1.16 -3.16
N GLU A 237 -41.59 -0.88 -2.19
CA GLU A 237 -40.28 -0.32 -2.48
C GLU A 237 -39.46 -1.25 -3.37
N THR A 238 -39.58 -2.56 -3.16
CA THR A 238 -38.87 -3.51 -4.00
C THR A 238 -39.54 -3.78 -5.34
N GLY A 239 -40.81 -3.37 -5.52
CA GLY A 239 -41.53 -3.66 -6.73
C GLY A 239 -42.21 -5.01 -6.77
N ASP A 240 -42.62 -5.53 -5.63
CA ASP A 240 -43.29 -6.82 -5.53
C ASP A 240 -44.70 -6.64 -4.99
N ASN A 241 -45.57 -7.60 -5.30
CA ASN A 241 -46.90 -7.68 -4.72
C ASN A 241 -46.79 -8.46 -3.41
N PHE A 242 -47.30 -7.87 -2.33
CA PHE A 242 -47.42 -8.63 -1.09
C PHE A 242 -48.47 -9.71 -1.22
N SER A 243 -49.54 -9.43 -1.98
CA SER A 243 -50.62 -10.40 -2.11
C SER A 243 -50.17 -11.68 -2.78
N ASP A 244 -49.36 -11.58 -3.85
CA ASP A 244 -48.90 -12.76 -4.55
C ASP A 244 -47.83 -13.52 -3.77
N VAL A 245 -46.88 -12.81 -3.17
CA VAL A 245 -45.82 -13.46 -2.40
C VAL A 245 -46.38 -14.09 -1.14
N ALA A 246 -47.45 -13.53 -0.59
CA ALA A 246 -48.05 -14.07 0.62
C ALA A 246 -48.71 -15.42 0.40
N ILE A 247 -48.99 -15.79 -0.85
CA ILE A 247 -49.66 -17.05 -1.13
C ILE A 247 -48.70 -18.22 -0.96
N GLN A 248 -47.56 -18.18 -1.62
CA GLN A 248 -46.58 -19.26 -1.56
C GLN A 248 -45.39 -18.94 -0.67
N GLY A 249 -45.16 -17.67 -0.36
CA GLY A 249 -44.09 -17.25 0.52
C GLY A 249 -42.89 -16.72 -0.23
N GLY A 250 -41.93 -16.25 0.55
CA GLY A 250 -40.72 -15.69 -0.01
C GLY A 250 -39.77 -15.26 1.07
N ILE A 251 -38.68 -14.63 0.66
CA ILE A 251 -37.67 -14.10 1.55
C ILE A 251 -37.34 -12.68 1.12
N MET A 252 -37.37 -11.76 2.06
CA MET A 252 -37.09 -10.35 1.82
C MET A 252 -35.94 -9.90 2.71
N GLY A 253 -35.04 -9.10 2.13
CA GLY A 253 -33.90 -8.57 2.85
C GLY A 253 -34.10 -7.11 3.22
N ILE A 254 -33.76 -6.81 4.47
CA ILE A 254 -33.69 -5.44 4.96
C ILE A 254 -32.22 -5.14 5.22
N GLU A 255 -31.65 -4.25 4.42
CA GLU A 255 -30.24 -3.91 4.49
C GLU A 255 -30.04 -2.65 5.32
N ILE A 256 -29.10 -2.70 6.26
CA ILE A 256 -28.72 -1.55 7.06
C ILE A 256 -27.24 -1.32 6.81
N TYR A 257 -26.93 -0.24 6.12
CA TYR A 257 -25.57 0.12 5.76
C TYR A 257 -25.06 1.18 6.73
N TRP A 258 -23.87 0.96 7.26
CA TRP A 258 -23.20 1.88 8.17
C TRP A 258 -21.89 2.34 7.52
N ASP A 259 -21.88 3.56 6.99
CA ASP A 259 -20.67 4.20 6.50
C ASP A 259 -20.34 5.29 7.52
N CYS A 260 -19.48 4.97 8.48
CA CYS A 260 -19.28 5.79 9.67
C CYS A 260 -17.90 6.39 9.68
N ASN A 261 -17.83 7.67 10.02
CA ASN A 261 -16.59 8.39 10.22
C ASN A 261 -16.50 8.77 11.69
N LEU A 262 -15.43 8.30 12.34
CA LEU A 262 -15.28 8.47 13.77
C LEU A 262 -14.29 9.57 14.14
N ASP A 263 -13.88 10.39 13.18
CA ASP A 263 -13.13 11.60 13.50
C ASP A 263 -14.07 12.62 14.13
N ARG A 264 -13.65 13.18 15.26
CA ARG A 264 -14.60 13.95 16.07
C ARG A 264 -15.00 15.26 15.41
N TRP A 265 -14.19 15.76 14.48
CA TRP A 265 -14.57 16.96 13.74
C TRP A 265 -15.53 16.65 12.60
N PHE A 266 -15.36 15.50 11.94
CA PHE A 266 -16.18 15.08 10.82
C PHE A 266 -17.10 13.92 11.16
N HIS A 267 -17.43 13.76 12.44
CA HIS A 267 -18.15 12.59 12.90
C HIS A 267 -19.54 12.44 12.34
N HIS A 268 -19.80 11.28 11.74
CA HIS A 268 -21.15 10.93 11.28
C HIS A 268 -21.26 9.41 11.28
N CYS A 269 -22.24 8.89 12.02
CA CYS A 269 -22.50 7.45 12.06
C CYS A 269 -24.01 7.23 12.14
N ARG A 270 -24.65 7.12 10.99
CA ARG A 270 -26.06 6.84 10.87
C ARG A 270 -26.29 5.72 9.88
N PRO A 271 -27.39 4.99 10.00
CA PRO A 271 -27.69 3.92 9.05
C PRO A 271 -28.48 4.36 7.84
N LYS A 272 -28.24 3.66 6.74
CA LYS A 272 -28.96 3.81 5.50
C LYS A 272 -29.73 2.51 5.25
N TYR A 273 -31.05 2.62 5.11
CA TYR A 273 -31.92 1.47 4.97
C TYR A 273 -32.22 1.19 3.50
N SER A 274 -32.29 -0.09 3.15
CA SER A 274 -32.51 -0.53 1.79
C SER A 274 -33.17 -1.89 1.82
N PHE A 275 -33.78 -2.27 0.70
CA PHE A 275 -34.58 -3.48 0.63
C PHE A 275 -34.27 -4.25 -0.65
N ARG A 276 -34.25 -5.58 -0.52
CA ARG A 276 -33.87 -6.47 -1.61
C ARG A 276 -34.55 -7.81 -1.40
N ARG A 277 -35.22 -8.30 -2.43
CA ARG A 277 -35.79 -9.63 -2.39
C ARG A 277 -34.70 -10.68 -2.54
N LEU A 278 -34.72 -11.69 -1.69
CA LEU A 278 -33.63 -12.65 -1.58
C LEU A 278 -33.98 -14.02 -2.12
N ASP A 279 -35.25 -14.34 -2.30
CA ASP A 279 -35.65 -15.61 -2.87
C ASP A 279 -35.75 -15.47 -4.38
N ASP A 280 -35.38 -16.54 -5.07
CA ASP A 280 -35.52 -16.56 -6.52
C ASP A 280 -37.00 -16.68 -6.89
N LYS A 281 -37.44 -15.85 -7.82
CA LYS A 281 -38.83 -15.86 -8.24
C LYS A 281 -38.99 -16.97 -9.25
N THR A 282 -38.74 -18.20 -8.83
CA THR A 282 -38.83 -19.35 -9.71
C THR A 282 -40.25 -19.89 -9.69
N THR A 283 -40.71 -20.35 -10.85
CA THR A 283 -42.00 -21.00 -10.99
C THR A 283 -41.86 -22.50 -11.19
N ASN A 284 -40.65 -23.04 -11.06
CA ASN A 284 -40.40 -24.46 -11.28
C ASN A 284 -40.67 -25.21 -9.98
N VAL A 285 -41.67 -26.08 -9.99
CA VAL A 285 -42.02 -26.85 -8.80
C VAL A 285 -40.86 -27.74 -8.39
N SER A 286 -39.96 -28.06 -9.31
CA SER A 286 -38.81 -28.88 -8.98
C SER A 286 -37.86 -28.16 -8.04
N LEU A 287 -37.81 -26.83 -8.11
CA LEU A 287 -36.91 -26.04 -7.29
C LEU A 287 -37.56 -25.56 -6.00
N TYR A 288 -38.78 -26.01 -5.71
CA TYR A 288 -39.46 -25.69 -4.46
C TYR A 288 -39.68 -24.20 -4.31
N PRO A 289 -40.49 -23.60 -5.16
CA PRO A 289 -40.70 -22.15 -5.09
C PRO A 289 -41.32 -21.68 -3.78
N GLY A 290 -40.99 -20.45 -3.42
CA GLY A 290 -41.56 -19.82 -2.24
C GLY A 290 -40.81 -20.07 -0.96
N TYR A 291 -41.55 -20.10 0.15
CA TYR A 291 -40.98 -20.43 1.45
C TYR A 291 -42.09 -21.10 2.26
N ASN A 292 -41.91 -22.38 2.54
CA ASN A 292 -42.86 -23.11 3.37
C ASN A 292 -42.12 -24.20 4.12
N PHE A 293 -42.74 -24.64 5.21
CA PHE A 293 -42.23 -25.76 5.97
C PHE A 293 -43.41 -26.46 6.62
N ARG A 294 -43.19 -27.70 7.01
CA ARG A 294 -44.19 -28.52 7.68
C ARG A 294 -43.93 -28.52 9.17
N TYR A 295 -44.98 -28.26 9.94
CA TYR A 295 -44.88 -28.15 11.39
C TYR A 295 -45.94 -29.05 12.02
N ALA A 296 -45.54 -29.76 13.07
CA ALA A 296 -46.41 -30.70 13.75
C ALA A 296 -46.86 -30.14 15.08
N LYS A 297 -48.17 -30.12 15.28
CA LYS A 297 -48.79 -29.84 16.57
C LYS A 297 -49.21 -31.17 17.18
N TYR A 298 -48.50 -31.61 18.21
CA TYR A 298 -48.74 -32.89 18.84
C TYR A 298 -49.74 -32.76 19.97
N TYR A 299 -50.60 -33.76 20.11
CA TYR A 299 -51.58 -33.75 21.18
C TYR A 299 -52.06 -35.18 21.43
N LYS A 300 -52.49 -35.43 22.66
CA LYS A 300 -52.96 -36.73 23.08
C LYS A 300 -54.47 -36.72 23.20
N GLU A 301 -55.12 -37.71 22.61
CA GLU A 301 -56.57 -37.83 22.64
C GLU A 301 -56.94 -39.29 22.85
N ASN A 302 -57.63 -39.58 23.95
CA ASN A 302 -58.00 -40.95 24.30
C ASN A 302 -56.78 -41.83 24.51
N ASN A 303 -55.71 -41.23 25.01
CA ASN A 303 -54.41 -41.86 25.20
C ASN A 303 -53.75 -42.25 23.88
N VAL A 304 -54.32 -41.82 22.75
CA VAL A 304 -53.71 -42.04 21.44
C VAL A 304 -52.91 -40.81 21.08
N GLU A 305 -51.65 -41.02 20.69
CA GLU A 305 -50.78 -39.93 20.27
C GLU A 305 -51.20 -39.48 18.87
N LYS A 306 -51.59 -38.20 18.79
CA LYS A 306 -52.11 -37.63 17.53
C LYS A 306 -51.25 -36.45 17.11
N ARG A 307 -51.44 -35.98 15.89
CA ARG A 307 -50.69 -34.89 15.29
C ARG A 307 -51.60 -34.08 14.37
N THR A 308 -51.56 -32.77 14.52
CA THR A 308 -52.12 -31.85 13.55
C THR A 308 -50.96 -31.24 12.77
N LEU A 309 -50.91 -31.53 11.47
CA LEU A 309 -49.85 -31.03 10.61
C LEU A 309 -50.32 -29.78 9.88
N ILE A 310 -49.51 -28.73 9.97
CA ILE A 310 -49.74 -27.48 9.26
C ILE A 310 -48.61 -27.30 8.25
N LYS A 311 -48.97 -27.08 6.99
CA LYS A 311 -48.02 -26.61 6.00
C LYS A 311 -48.02 -25.09 6.06
N VAL A 312 -46.94 -24.51 6.54
CA VAL A 312 -46.83 -23.10 6.84
C VAL A 312 -46.22 -22.39 5.64
N PHE A 313 -46.88 -21.36 5.14
CA PHE A 313 -46.33 -20.44 4.16
C PHE A 313 -46.14 -19.08 4.80
N GLY A 314 -45.12 -18.37 4.35
CA GLY A 314 -44.91 -17.04 4.87
C GLY A 314 -43.64 -16.44 4.28
N ILE A 315 -43.34 -15.24 4.77
CA ILE A 315 -42.21 -14.46 4.31
C ILE A 315 -41.19 -14.39 5.44
N ARG A 316 -39.97 -14.81 5.15
CA ARG A 316 -38.85 -14.65 6.06
C ARG A 316 -38.15 -13.34 5.76
N PHE A 317 -37.90 -12.55 6.80
CA PHE A 317 -37.25 -11.27 6.68
C PHE A 317 -35.85 -11.38 7.27
N ASP A 318 -34.84 -11.21 6.43
CA ASP A 318 -33.45 -11.27 6.84
C ASP A 318 -32.90 -9.87 6.98
N ILE A 319 -32.38 -9.55 8.17
CA ILE A 319 -31.79 -8.24 8.45
C ILE A 319 -30.30 -8.35 8.17
N LEU A 320 -29.86 -7.64 7.14
CA LEU A 320 -28.47 -7.68 6.68
C LEU A 320 -27.80 -6.37 7.05
N VAL A 321 -26.79 -6.45 7.91
CA VAL A 321 -26.11 -5.29 8.45
C VAL A 321 -24.64 -5.38 8.07
N PHE A 322 -24.15 -4.35 7.39
CA PHE A 322 -22.78 -4.31 6.90
C PHE A 322 -22.31 -2.87 6.97
N GLY A 323 -21.00 -2.70 6.93
CA GLY A 323 -20.42 -1.37 6.90
C GLY A 323 -19.08 -1.33 7.58
N THR A 324 -18.53 -0.11 7.66
CA THR A 324 -17.18 0.12 8.12
C THR A 324 -17.14 1.37 8.98
N GLY A 325 -16.16 1.41 9.88
CA GLY A 325 -15.88 2.58 10.67
C GLY A 325 -14.45 3.03 10.49
N GLY A 326 -14.26 4.31 10.19
CA GLY A 326 -12.94 4.84 9.91
C GLY A 326 -12.51 5.90 10.90
N LYS A 327 -11.27 5.81 11.34
CA LYS A 327 -10.63 6.82 12.16
C LYS A 327 -9.22 7.05 11.63
N PHE A 328 -8.73 8.28 11.78
CA PHE A 328 -7.43 8.65 11.25
C PHE A 328 -6.33 7.78 11.83
N ASP A 329 -5.45 7.29 10.96
CA ASP A 329 -4.29 6.49 11.35
C ASP A 329 -3.05 7.07 10.69
N ILE A 330 -2.01 7.30 11.49
CA ILE A 330 -0.78 7.90 10.97
C ILE A 330 -0.06 6.95 10.03
N ILE A 331 -0.01 5.66 10.38
CA ILE A 331 0.75 4.70 9.59
C ILE A 331 0.15 4.55 8.19
N GLN A 332 -1.17 4.51 8.09
CA GLN A 332 -1.81 4.38 6.79
C GLN A 332 -1.48 5.59 5.91
N LEU A 333 -1.54 6.80 6.47
CA LEU A 333 -1.18 7.99 5.72
C LEU A 333 0.28 7.98 5.30
N VAL A 334 1.17 7.56 6.19
CA VAL A 334 2.58 7.50 5.85
C VAL A 334 2.81 6.54 4.70
N VAL A 335 2.13 5.39 4.73
CA VAL A 335 2.27 4.41 3.67
C VAL A 335 1.75 4.97 2.35
N TYR A 336 0.60 5.64 2.37
CA TYR A 336 0.03 6.18 1.14
C TYR A 336 0.93 7.25 0.54
N ILE A 337 1.42 8.17 1.36
CA ILE A 337 2.28 9.23 0.86
C ILE A 337 3.55 8.65 0.25
N GLY A 338 4.15 7.66 0.90
CA GLY A 338 5.31 7.01 0.34
C GLY A 338 5.01 6.31 -0.97
N SER A 339 3.84 5.67 -1.07
CA SER A 339 3.44 5.04 -2.31
C SER A 339 3.24 6.06 -3.42
N THR A 340 2.96 7.31 -3.08
CA THR A 340 2.74 8.34 -4.10
C THR A 340 3.99 9.14 -4.44
N LEU A 341 5.00 9.17 -3.55
CA LEU A 341 6.11 10.10 -3.72
C LEU A 341 6.82 9.92 -5.05
N SER A 342 6.94 8.68 -5.53
CA SER A 342 7.72 8.42 -6.73
C SER A 342 7.07 8.92 -8.00
N TYR A 343 5.80 9.33 -7.96
CA TYR A 343 5.14 9.86 -9.13
C TYR A 343 5.59 11.27 -9.48
N PHE A 344 6.25 11.97 -8.56
CA PHE A 344 6.73 13.32 -8.81
C PHE A 344 8.03 13.37 -9.61
N GLY A 345 8.66 12.22 -9.84
CA GLY A 345 9.82 12.15 -10.72
C GLY A 345 9.53 11.85 -12.16
N LEU A 346 8.27 11.58 -12.49
CA LEU A 346 7.90 11.28 -13.86
C LEU A 346 8.08 12.49 -14.77
N ALA A 347 7.94 13.70 -14.24
CA ALA A 347 8.21 14.89 -15.02
C ALA A 347 9.66 14.90 -15.50
N ALA A 348 10.59 14.64 -14.57
CA ALA A 348 12.00 14.58 -14.94
C ALA A 348 12.26 13.45 -15.92
N VAL A 349 11.67 12.29 -15.67
CA VAL A 349 11.86 11.16 -16.58
C VAL A 349 11.45 11.53 -17.99
N PHE A 350 10.26 12.12 -18.13
CA PHE A 350 9.71 12.46 -19.44
C PHE A 350 10.52 13.55 -20.13
N ILE A 351 10.92 14.58 -19.39
CA ILE A 351 11.66 15.68 -20.01
C ILE A 351 13.06 15.21 -20.41
N ASP A 352 13.71 14.39 -19.59
CA ASP A 352 15.00 13.85 -19.96
C ASP A 352 14.88 12.93 -21.17
N PHE A 353 13.78 12.19 -21.28
CA PHE A 353 13.52 11.41 -22.47
C PHE A 353 13.42 12.30 -23.70
N LEU A 354 12.72 13.43 -23.58
CA LEU A 354 12.62 14.37 -24.69
C LEU A 354 13.99 14.89 -25.09
N ILE A 355 14.79 15.27 -24.10
CA ILE A 355 16.14 15.78 -24.38
C ILE A 355 16.95 14.73 -25.13
N ASP A 356 16.89 13.48 -24.67
CA ASP A 356 17.66 12.43 -25.32
C ASP A 356 17.18 12.16 -26.74
N THR A 357 15.87 12.19 -26.96
CA THR A 357 15.34 11.89 -28.29
C THR A 357 15.65 13.01 -29.27
N TYR A 358 15.28 14.24 -28.94
CA TYR A 358 15.48 15.34 -29.87
C TYR A 358 16.95 15.73 -30.01
N SER A 359 17.87 15.00 -29.41
CA SER A 359 19.29 15.22 -29.61
C SER A 359 19.82 14.28 -30.69
N SER A 360 19.00 13.31 -31.07
CA SER A 360 19.34 12.38 -32.13
C SER A 360 19.33 13.15 -33.44
N ASN A 361 20.34 12.92 -34.29
CA ASN A 361 20.43 13.58 -35.58
C ASN A 361 19.31 13.13 -36.51
N CYS A 362 18.70 11.98 -36.20
CA CYS A 362 17.55 11.52 -36.92
C CYS A 362 16.41 12.54 -36.92
N CYS A 363 16.18 13.09 -35.74
CA CYS A 363 15.11 14.04 -35.55
C CYS A 363 15.29 15.33 -36.34
N ARG A 364 16.47 15.47 -36.92
CA ARG A 364 16.75 16.58 -37.83
C ARG A 364 17.01 16.30 -39.32
N SER A 365 17.45 15.08 -39.62
CA SER A 365 17.68 14.72 -41.02
C SER A 365 16.38 14.42 -41.74
N HIS A 366 15.42 13.77 -41.04
CA HIS A 366 14.16 13.36 -41.65
C HIS A 366 12.96 14.06 -41.04
N ILE A 367 12.88 14.13 -39.71
CA ILE A 367 11.65 14.58 -39.06
C ILE A 367 11.38 16.05 -39.35
N TYR A 368 12.33 16.92 -39.04
CA TYR A 368 12.10 18.35 -39.18
C TYR A 368 11.74 18.76 -40.61
N PRO A 369 12.41 18.26 -41.65
CA PRO A 369 11.99 18.60 -43.01
C PRO A 369 10.52 18.30 -43.29
N TRP A 370 10.02 17.18 -42.80
CA TRP A 370 8.60 16.88 -42.95
C TRP A 370 7.79 17.76 -41.99
N CYS A 371 7.94 17.51 -40.70
CA CYS A 371 7.27 18.30 -39.70
C CYS A 371 8.13 19.47 -39.24
N LYS A 372 7.93 20.58 -39.93
CA LYS A 372 8.68 21.80 -39.67
C LYS A 372 8.21 22.50 -38.41
N CYS A 373 7.26 21.89 -37.72
CA CYS A 373 6.77 22.42 -36.48
C CYS A 373 7.71 22.11 -35.31
N CYS A 374 8.34 20.95 -35.42
CA CYS A 374 9.20 20.44 -34.39
C CYS A 374 10.65 20.90 -34.45
N GLN A 375 10.90 21.86 -35.33
CA GLN A 375 12.26 22.31 -35.60
C GLN A 375 12.90 23.03 -34.41
N PRO A 376 12.13 23.90 -33.72
CA PRO A 376 12.73 24.59 -32.57
C PRO A 376 13.19 23.65 -31.45
N CYS A 377 12.91 22.36 -31.58
CA CYS A 377 13.30 21.40 -30.58
C CYS A 377 14.76 20.97 -30.62
N VAL A 378 15.49 21.66 -31.48
CA VAL A 378 16.91 21.40 -31.71
C VAL A 378 17.84 21.91 -30.60
N VAL A 379 17.27 22.73 -29.70
CA VAL A 379 17.98 23.17 -28.50
C VAL A 379 18.38 21.98 -27.64
N ASN A 380 17.71 20.85 -27.81
CA ASN A 380 18.00 19.69 -26.99
C ASN A 380 19.37 19.10 -27.30
N GLU A 381 19.95 19.41 -28.45
CA GLU A 381 21.35 19.06 -28.70
C GLU A 381 22.26 19.76 -27.71
N TYR A 382 22.08 21.07 -27.56
CA TYR A 382 22.83 21.82 -26.55
C TYR A 382 22.56 21.29 -25.15
N TYR A 383 21.30 21.03 -24.83
CA TYR A 383 20.95 20.54 -23.51
C TYR A 383 21.62 19.19 -23.22
N TYR A 384 21.57 18.27 -24.17
CA TYR A 384 22.19 16.96 -24.01
C TYR A 384 23.70 17.08 -23.88
N ARG A 385 24.30 17.98 -24.65
CA ARG A 385 25.73 18.20 -24.54
C ARG A 385 26.10 18.69 -23.14
N LYS A 386 25.30 19.59 -22.58
CA LYS A 386 25.54 20.08 -21.23
C LYS A 386 25.13 19.08 -20.15
N LYS A 387 24.39 18.04 -20.49
CA LYS A 387 23.91 17.07 -19.52
C LYS A 387 24.79 15.84 -19.40
N CYS A 388 25.08 15.17 -20.51
CA CYS A 388 25.68 13.85 -20.48
C CYS A 388 27.10 13.86 -21.02
N GLU A 389 27.99 13.18 -20.32
CA GLU A 389 29.33 12.87 -20.78
C GLU A 389 29.44 11.36 -20.96
N SER A 390 29.93 10.95 -22.13
CA SER A 390 30.04 9.53 -22.47
C SER A 390 31.49 9.09 -22.39
N ILE A 391 31.71 7.94 -21.75
CA ILE A 391 33.04 7.35 -21.61
C ILE A 391 32.94 5.88 -21.96
N VAL A 392 34.11 5.29 -22.25
CA VAL A 392 34.17 3.89 -22.65
C VAL A 392 34.99 3.12 -21.62
N GLU A 393 34.85 1.81 -21.66
CA GLU A 393 35.58 0.94 -20.76
C GLU A 393 37.06 0.94 -21.13
N PRO A 394 37.97 1.32 -20.23
CA PRO A 394 39.40 1.34 -20.57
C PRO A 394 40.01 -0.06 -20.59
N LYS A 395 39.54 -0.88 -21.52
CA LYS A 395 40.05 -2.22 -21.66
C LYS A 395 41.47 -2.21 -22.22
N PRO A 396 42.25 -3.26 -21.98
CA PRO A 396 43.61 -3.30 -22.53
C PRO A 396 43.65 -3.25 -24.04
N THR A 397 42.57 -3.65 -24.70
CA THR A 397 42.47 -3.62 -26.15
C THR A 397 42.20 -2.22 -26.69
N LEU A 398 41.82 -1.28 -25.85
CA LEU A 398 41.39 0.03 -26.32
C LEU A 398 42.55 0.78 -26.96
N LYS A 399 42.27 1.40 -28.10
CA LYS A 399 43.27 2.13 -28.87
C LYS A 399 42.57 3.23 -29.65
N TYR A 400 43.29 4.33 -29.86
CA TYR A 400 42.78 5.47 -30.62
C TYR A 400 43.79 5.85 -31.68
N VAL A 401 43.29 6.16 -32.87
CA VAL A 401 44.12 6.48 -34.02
C VAL A 401 43.58 7.73 -34.69
N SER A 402 44.49 8.59 -35.14
CA SER A 402 44.15 9.83 -35.83
C SER A 402 44.97 9.92 -37.11
N PHE A 403 44.31 10.33 -38.19
CA PHE A 403 44.95 10.55 -39.48
C PHE A 403 44.87 12.03 -39.83
N VAL A 404 46.00 12.60 -40.22
CA VAL A 404 46.05 14.02 -40.55
C VAL A 404 45.19 14.32 -41.78
N ASP A 405 45.11 13.36 -42.71
CA ASP A 405 44.29 13.54 -43.90
C ASP A 405 42.81 13.29 -43.67
N GLU A 406 42.42 12.86 -42.48
CA GLU A 406 41.03 12.67 -42.11
C GLU A 406 40.61 13.73 -41.09
N SER A 407 39.35 13.68 -40.68
CA SER A 407 38.78 14.66 -39.77
C SER A 407 38.13 14.04 -38.55
N HIS A 408 38.32 12.75 -38.31
CA HIS A 408 37.78 12.07 -37.15
C HIS A 408 38.86 11.18 -36.54
N ILE A 409 38.51 10.55 -35.43
CA ILE A 409 39.41 9.66 -34.71
C ILE A 409 38.78 8.28 -34.64
N ARG A 410 39.63 7.26 -34.67
CA ARG A 410 39.19 5.87 -34.77
C ARG A 410 39.49 5.15 -33.46
N MET A 411 38.46 4.54 -32.88
CA MET A 411 38.61 3.74 -31.67
C MET A 411 38.74 2.28 -32.08
N VAL A 412 39.98 1.78 -32.07
CA VAL A 412 40.24 0.37 -32.40
C VAL A 412 40.20 -0.39 -31.08
N ASN A 413 38.99 -0.75 -30.67
CA ASN A 413 38.79 -1.58 -29.48
C ASN A 413 38.69 -3.03 -29.93
N GLN A 414 39.76 -3.49 -30.56
CA GLN A 414 39.83 -4.82 -31.14
C GLN A 414 41.29 -5.26 -31.15
N GLN A 415 41.49 -6.56 -31.06
CA GLN A 415 42.83 -7.13 -31.00
C GLN A 415 43.39 -7.28 -32.40
N LEU A 416 44.57 -6.72 -32.65
CA LEU A 416 45.22 -6.85 -33.95
C LEU A 416 45.79 -8.26 -34.08
N LEU A 417 45.17 -9.06 -34.95
CA LEU A 417 45.61 -10.44 -35.17
C LEU A 417 46.66 -10.46 -36.29
N GLY A 418 47.82 -9.89 -35.96
CA GLY A 418 48.87 -9.74 -36.94
C GLY A 418 48.56 -8.74 -38.03
N ARG A 419 47.51 -7.94 -37.87
CA ARG A 419 47.12 -6.94 -38.86
C ARG A 419 47.73 -5.60 -38.47
N SER A 420 48.30 -4.91 -39.46
CA SER A 420 48.80 -3.57 -39.22
C SER A 420 47.69 -2.67 -38.72
N LEU A 421 47.99 -1.87 -37.70
CA LEU A 421 47.01 -0.92 -37.18
C LEU A 421 46.55 0.06 -38.24
N GLN A 422 47.38 0.28 -39.27
CA GLN A 422 46.96 1.10 -40.39
C GLN A 422 45.77 0.48 -41.11
N ASP A 423 45.79 -0.84 -41.29
CA ASP A 423 44.71 -1.54 -41.98
C ASP A 423 43.47 -1.65 -41.11
N VAL A 424 43.65 -2.03 -39.84
CA VAL A 424 42.51 -2.19 -38.94
C VAL A 424 41.81 -0.85 -38.79
N LYS A 425 40.54 -0.80 -39.17
CA LYS A 425 39.72 0.39 -39.01
C LYS A 425 38.70 0.13 -37.90
N GLY A 426 38.55 1.09 -37.01
CA GLY A 426 37.67 0.98 -35.87
C GLY A 426 36.52 1.96 -35.93
N GLN A 427 35.82 2.03 -34.80
CA GLN A 427 34.67 2.92 -34.69
C GLN A 427 35.11 4.37 -34.81
N GLU A 428 34.25 5.17 -35.43
CA GLU A 428 34.53 6.57 -35.73
C GLU A 428 34.06 7.43 -34.56
N VAL A 429 35.00 8.01 -33.83
CA VAL A 429 34.72 8.86 -32.68
C VAL A 429 35.12 10.29 -33.04
N PRO A 430 34.27 11.28 -32.81
CA PRO A 430 34.65 12.65 -33.17
C PRO A 430 35.76 13.20 -32.30
N ARG A 431 36.56 14.09 -32.89
CA ARG A 431 37.60 14.76 -32.13
C ARG A 431 36.98 15.81 -31.21
N PRO A 432 37.50 15.99 -30.00
CA PRO A 432 36.95 17.05 -29.13
C PRO A 432 37.07 18.42 -29.78
N ALA A 433 36.06 19.27 -29.59
CA ALA A 433 36.02 20.62 -30.21
C ALA A 433 36.65 21.64 -29.26
N MET A 434 37.28 22.70 -29.80
CA MET A 434 37.93 23.76 -28.99
C MET A 434 37.96 25.06 -29.81
N SER A 473 60.50 2.68 -47.38
CA SER A 473 59.28 3.01 -46.61
C SER A 473 58.31 1.83 -46.66
N PRO A 474 57.61 1.50 -45.55
CA PRO A 474 56.71 0.34 -45.51
C PRO A 474 55.57 0.44 -46.54
N VAL A 475 54.82 -0.65 -46.74
CA VAL A 475 53.72 -0.69 -47.75
C VAL A 475 52.45 -0.05 -47.18
N TRP A 476 52.36 0.08 -45.85
CA TRP A 476 51.18 0.69 -45.17
C TRP A 476 51.42 2.20 -45.02
N CYS A 477 52.59 2.68 -45.41
CA CYS A 477 52.98 4.08 -45.26
C CYS A 477 52.54 4.88 -46.48
N GLN A 478 51.71 5.88 -46.25
CA GLN A 478 51.27 6.80 -47.27
C GLN A 478 52.00 8.15 -47.20
N CYS A 479 53.07 8.24 -46.40
CA CYS A 479 53.79 9.50 -46.24
C CYS A 479 55.30 9.39 -46.48
N GLY A 480 55.87 8.19 -46.49
CA GLY A 480 57.23 8.00 -46.90
C GLY A 480 58.29 8.32 -45.86
N SER A 481 57.91 8.47 -44.58
CA SER A 481 58.88 8.72 -43.52
C SER A 481 58.68 7.78 -42.34
N CYS A 482 57.96 6.68 -42.54
CA CYS A 482 57.71 5.69 -41.50
C CYS A 482 58.73 4.56 -41.58
N LEU A 483 58.92 3.87 -40.46
CA LEU A 483 59.90 2.82 -40.31
C LEU A 483 59.24 1.55 -39.78
N PRO A 484 59.84 0.39 -39.99
CA PRO A 484 59.30 -0.85 -39.42
C PRO A 484 59.63 -0.97 -37.94
N SER A 485 58.71 -1.58 -37.20
CA SER A 485 58.87 -1.69 -35.76
C SER A 485 59.97 -2.66 -35.35
N GLN A 486 60.61 -2.31 -34.24
CA GLN A 486 61.65 -3.08 -33.58
C GLN A 486 61.10 -3.91 -32.43
N LEU A 487 59.79 -3.87 -32.21
CA LEU A 487 59.16 -4.69 -31.19
C LEU A 487 59.21 -6.16 -31.62
N PRO A 488 58.84 -7.09 -30.74
CA PRO A 488 58.76 -8.48 -31.16
C PRO A 488 57.73 -8.66 -32.26
N GLU A 489 57.96 -9.67 -33.10
CA GLU A 489 57.10 -9.87 -34.27
C GLU A 489 55.64 -9.99 -33.88
N SER A 490 55.37 -10.50 -32.67
CA SER A 490 53.98 -10.60 -32.21
C SER A 490 53.38 -9.22 -31.99
N HIS A 491 54.15 -8.29 -31.42
CA HIS A 491 53.69 -6.96 -31.08
C HIS A 491 54.11 -5.91 -32.10
N ARG A 492 54.62 -6.33 -33.26
CA ARG A 492 55.14 -5.39 -34.29
C ARG A 492 54.01 -4.68 -35.02
N CYS A 493 52.79 -5.22 -35.00
CA CYS A 493 51.70 -4.65 -35.78
C CYS A 493 51.08 -3.42 -35.13
N LEU A 494 51.18 -3.29 -33.81
CA LEU A 494 50.61 -2.14 -33.14
C LEU A 494 51.27 -0.84 -33.64
N GLU A 495 52.57 -0.88 -33.85
CA GLU A 495 53.32 0.29 -34.29
C GLU A 495 53.46 0.36 -35.81
N GLU A 496 52.66 -0.39 -36.55
CA GLU A 496 52.63 -0.31 -38.01
C GLU A 496 51.52 0.66 -38.45
N LEU A 497 51.68 1.91 -38.05
CA LEU A 497 50.70 2.95 -38.27
C LEU A 497 51.37 4.17 -38.89
N CYS A 498 50.68 4.80 -39.83
CA CYS A 498 51.13 6.01 -40.49
C CYS A 498 50.26 7.18 -40.03
N CYS A 499 50.74 8.39 -40.32
CA CYS A 499 50.05 9.60 -39.93
C CYS A 499 48.91 9.97 -40.87
N ARG A 500 48.65 9.17 -41.90
CA ARG A 500 47.58 9.48 -42.82
C ARG A 500 47.10 8.21 -43.50
N LYS A 501 45.85 8.27 -43.98
CA LYS A 501 45.22 7.15 -44.65
C LYS A 501 45.47 7.14 -46.15
N LYS A 502 45.67 8.30 -46.75
CA LYS A 502 45.87 8.44 -48.19
C LYS A 502 47.16 9.17 -48.48
N PRO A 503 47.75 8.97 -49.65
CA PRO A 503 49.08 9.53 -49.93
C PRO A 503 49.11 11.04 -49.85
N GLY A 504 50.27 11.57 -49.47
CA GLY A 504 50.46 13.01 -49.36
C GLY A 504 51.65 13.33 -48.46
N ALA A 505 51.58 14.51 -47.85
CA ALA A 505 52.63 15.01 -46.99
C ALA A 505 52.59 14.32 -45.63
N CYS A 506 53.58 14.63 -44.80
CA CYS A 506 53.73 14.04 -43.48
C CYS A 506 53.52 15.08 -42.40
N ILE A 507 52.91 14.65 -41.29
CA ILE A 507 52.66 15.58 -40.18
C ILE A 507 53.95 16.01 -39.51
N THR A 508 55.03 15.25 -39.66
CA THR A 508 56.31 15.62 -39.06
C THR A 508 56.92 16.85 -39.71
N THR A 509 56.49 17.21 -40.92
CA THR A 509 56.97 18.42 -41.57
C THR A 509 56.21 19.66 -41.10
N SER A 510 55.10 19.49 -40.42
CA SER A 510 54.34 20.63 -39.93
C SER A 510 55.15 21.44 -38.94
N GLU A 511 55.03 22.76 -39.01
CA GLU A 511 55.78 23.62 -38.10
C GLU A 511 55.37 23.38 -36.65
N LEU A 512 54.07 23.16 -36.42
CA LEU A 512 53.61 22.90 -35.06
C LEU A 512 54.29 21.68 -34.46
N PHE A 513 54.69 20.71 -35.29
CA PHE A 513 55.39 19.55 -34.78
C PHE A 513 56.71 19.94 -34.15
N ARG A 514 57.45 20.84 -34.81
CA ARG A 514 58.77 21.29 -34.31
C ARG A 514 58.55 22.22 -33.12
N LYS A 515 57.49 23.03 -33.12
CA LYS A 515 57.28 24.00 -32.05
C LYS A 515 56.76 23.36 -30.77
N LEU A 516 55.94 22.31 -30.87
CA LEU A 516 55.34 21.68 -29.70
C LEU A 516 56.05 20.39 -29.33
N VAL A 517 56.14 19.44 -30.26
CA VAL A 517 56.63 18.11 -29.92
C VAL A 517 58.13 18.11 -29.64
N LEU A 518 58.89 18.85 -30.46
CA LEU A 518 60.35 18.78 -30.40
C LEU A 518 61.01 19.97 -29.73
N SER A 519 60.27 21.02 -29.42
CA SER A 519 60.89 22.18 -28.79
C SER A 519 61.40 21.79 -27.41
N ARG A 520 62.72 21.68 -27.27
CA ARG A 520 63.29 21.24 -26.01
C ARG A 520 62.98 22.23 -24.90
N HIS A 521 62.85 23.51 -25.24
CA HIS A 521 62.49 24.52 -24.25
C HIS A 521 61.08 24.27 -23.71
N VAL A 522 60.13 23.99 -24.60
CA VAL A 522 58.76 23.70 -24.17
C VAL A 522 58.74 22.48 -23.27
N LEU A 523 59.43 21.42 -23.67
CA LEU A 523 59.41 20.19 -22.89
C LEU A 523 60.06 20.41 -21.52
N GLN A 524 61.17 21.15 -21.45
CA GLN A 524 61.79 21.38 -20.16
C GLN A 524 60.91 22.25 -19.27
N PHE A 525 60.23 23.23 -19.86
CA PHE A 525 59.29 24.02 -19.07
C PHE A 525 58.20 23.13 -18.50
N LEU A 526 57.69 22.20 -19.30
CA LEU A 526 56.67 21.28 -18.81
C LEU A 526 57.22 20.40 -17.70
N LEU A 527 58.46 19.92 -17.85
CA LEU A 527 59.06 19.09 -16.81
C LEU A 527 59.25 19.87 -15.52
N LEU A 528 59.68 21.13 -15.63
CA LEU A 528 59.95 21.95 -14.45
C LEU A 528 58.68 22.49 -13.80
N TYR A 529 57.57 22.54 -14.53
CA TYR A 529 56.32 23.00 -13.92
C TYR A 529 55.92 22.10 -12.76
N GLN A 530 56.01 20.78 -12.95
CA GLN A 530 55.69 19.85 -11.88
C GLN A 530 56.81 19.77 -10.86
N GLU A 531 58.06 19.85 -11.31
CA GLU A 531 59.25 19.74 -10.48
C GLU A 531 60.10 20.98 -10.67
N PRO A 532 59.85 22.04 -9.89
CA PRO A 532 60.62 23.28 -10.09
C PRO A 532 62.13 23.07 -10.07
N LEU A 533 62.65 22.45 -9.02
CA LEU A 533 64.08 22.24 -8.87
C LEU A 533 64.44 20.82 -9.29
N LEU A 534 64.38 20.60 -10.60
CA LEU A 534 64.62 19.29 -11.19
C LEU A 534 65.97 19.32 -11.89
N ALA A 535 66.86 18.41 -11.49
CA ALA A 535 68.15 18.22 -12.15
C ALA A 535 68.35 16.73 -12.37
N LEU A 536 68.65 16.36 -13.60
CA LEU A 536 68.74 14.95 -13.98
C LEU A 536 69.94 14.75 -14.89
N ASP A 537 70.31 13.49 -15.08
CA ASP A 537 71.40 13.13 -15.97
C ASP A 537 70.99 13.42 -17.41
N VAL A 538 71.93 13.19 -18.33
CA VAL A 538 71.66 13.41 -19.75
C VAL A 538 70.66 12.38 -20.27
N ASP A 539 70.90 11.10 -19.97
CA ASP A 539 70.01 10.05 -20.46
C ASP A 539 68.65 10.12 -19.78
N SER A 540 68.63 10.36 -18.47
CA SER A 540 67.36 10.50 -17.77
C SER A 540 66.56 11.67 -18.32
N THR A 541 67.22 12.80 -18.56
CA THR A 541 66.52 13.96 -19.12
C THR A 541 66.02 13.66 -20.52
N ASN A 542 66.81 12.94 -21.32
CA ASN A 542 66.36 12.57 -22.66
C ASN A 542 65.13 11.69 -22.60
N SER A 543 65.12 10.71 -21.70
CA SER A 543 63.94 9.85 -21.56
C SER A 543 62.73 10.64 -21.12
N ARG A 544 62.93 11.56 -20.16
CA ARG A 544 61.83 12.40 -19.70
C ARG A 544 61.26 13.22 -20.85
N LEU A 545 62.13 13.83 -21.65
CA LEU A 545 61.68 14.65 -22.76
C LEU A 545 61.03 13.81 -23.85
N ARG A 546 61.49 12.57 -24.03
CA ARG A 546 60.87 11.67 -25.00
C ARG A 546 59.43 11.36 -24.59
N HIS A 547 59.22 11.01 -23.32
CA HIS A 547 57.87 10.76 -22.85
C HIS A 547 57.01 12.01 -22.93
N CYS A 548 57.59 13.17 -22.62
CA CYS A 548 56.87 14.42 -22.71
C CYS A 548 56.45 14.71 -24.15
N ALA A 549 57.33 14.41 -25.11
CA ALA A 549 57.00 14.61 -26.51
C ALA A 549 55.88 13.69 -26.97
N TYR A 550 55.92 12.43 -26.55
CA TYR A 550 54.80 11.53 -26.83
C TYR A 550 53.49 12.13 -26.31
N ARG A 551 53.51 12.58 -25.06
CA ARG A 551 52.30 13.11 -24.44
C ARG A 551 51.84 14.39 -25.15
N CYS A 552 52.78 15.24 -25.55
CA CYS A 552 52.41 16.46 -26.24
C CYS A 552 51.77 16.18 -27.60
N TYR A 553 52.33 15.24 -28.36
CA TYR A 553 51.69 14.87 -29.62
C TYR A 553 50.29 14.32 -29.39
N ALA A 554 50.15 13.43 -28.40
CA ALA A 554 48.85 12.82 -28.15
C ALA A 554 47.83 13.87 -27.72
N THR A 555 48.23 14.82 -26.89
CA THR A 555 47.32 15.88 -26.49
C THR A 555 46.96 16.79 -27.66
N TRP A 556 47.94 17.10 -28.51
CA TRP A 556 47.68 17.95 -29.66
C TRP A 556 46.68 17.32 -30.62
N ARG A 557 46.84 16.03 -30.91
CA ARG A 557 46.04 15.40 -31.94
C ARG A 557 44.75 14.78 -31.43
N PHE A 558 44.70 14.35 -30.16
CA PHE A 558 43.55 13.67 -29.62
C PHE A 558 42.82 14.46 -28.55
N GLY A 559 43.44 15.49 -27.99
CA GLY A 559 42.77 16.37 -27.06
C GLY A 559 42.64 15.79 -25.67
N SER A 560 41.43 15.34 -25.34
CA SER A 560 41.14 14.75 -24.05
C SER A 560 42.21 13.77 -23.63
N GLN A 561 42.59 13.83 -22.35
CA GLN A 561 43.54 12.88 -21.80
C GLN A 561 42.99 11.46 -21.79
N ASP A 562 41.67 11.31 -21.92
CA ASP A 562 41.08 9.98 -21.96
C ASP A 562 41.52 9.23 -23.22
N MET A 563 41.51 9.91 -24.36
CA MET A 563 41.95 9.30 -25.61
C MET A 563 43.45 9.40 -25.80
N ALA A 564 44.07 10.44 -25.25
CA ALA A 564 45.53 10.56 -25.33
C ALA A 564 46.24 9.46 -24.56
N ASP A 565 45.62 8.95 -23.49
CA ASP A 565 46.25 7.87 -22.73
C ASP A 565 46.27 6.57 -23.50
N PHE A 566 45.33 6.39 -24.43
CA PHE A 566 45.24 5.18 -25.24
C PHE A 566 45.54 5.44 -26.71
N ALA A 567 46.07 6.61 -27.05
CA ALA A 567 46.41 6.91 -28.42
C ALA A 567 47.62 6.09 -28.85
N ILE A 568 47.90 6.11 -30.14
CA ILE A 568 49.04 5.40 -30.73
C ILE A 568 49.75 6.37 -31.66
N LEU A 569 51.03 6.59 -31.41
CA LEU A 569 51.81 7.48 -32.25
C LEU A 569 52.17 6.79 -33.56
N PRO A 570 52.17 7.51 -34.67
CA PRO A 570 52.67 6.94 -35.92
C PRO A 570 54.16 6.67 -35.85
N SER A 571 54.62 5.74 -36.68
CA SER A 571 56.04 5.42 -36.71
C SER A 571 56.87 6.61 -37.18
N CYS A 572 56.33 7.43 -38.06
CA CYS A 572 57.07 8.63 -38.49
C CYS A 572 57.31 9.57 -37.32
N CYS A 573 56.25 9.96 -36.63
CA CYS A 573 56.38 10.84 -35.47
C CYS A 573 57.09 10.14 -34.33
N ARG A 574 56.77 8.86 -34.11
CA ARG A 574 57.43 8.08 -33.06
C ARG A 574 58.95 8.13 -33.22
N TRP A 575 59.43 7.81 -34.42
CA TRP A 575 60.87 7.71 -34.62
C TRP A 575 61.52 9.07 -34.76
N ARG A 576 60.80 10.09 -35.23
CA ARG A 576 61.29 11.45 -35.15
C ARG A 576 61.57 11.83 -33.69
N ILE A 577 60.60 11.57 -32.81
CA ILE A 577 60.77 11.90 -31.40
C ILE A 577 61.92 11.10 -30.80
N ARG A 578 61.96 9.80 -31.08
CA ARG A 578 63.03 8.96 -30.53
C ARG A 578 64.39 9.39 -31.02
N LYS A 579 64.45 9.94 -32.24
CA LYS A 579 65.71 10.47 -32.76
C LYS A 579 66.11 11.74 -32.04
N GLU A 580 65.15 12.63 -31.79
CA GLU A 580 65.50 13.89 -31.14
C GLU A 580 65.87 13.68 -29.68
N PHE A 581 65.31 12.67 -29.02
CA PHE A 581 65.57 12.39 -27.61
C PHE A 581 65.84 10.90 -27.43
N PRO A 582 66.99 10.42 -27.92
CA PRO A 582 67.26 8.98 -27.85
C PRO A 582 67.66 8.54 -26.45
N LYS A 583 67.59 7.24 -26.25
CA LYS A 583 68.06 6.61 -25.01
C LYS A 583 69.44 6.02 -25.23
N SER A 584 70.26 6.06 -24.18
CA SER A 584 71.66 5.68 -24.33
C SER A 584 71.81 4.24 -24.77
N GLU A 585 71.05 3.33 -24.17
CA GLU A 585 71.21 1.91 -24.44
C GLU A 585 69.86 1.21 -24.29
N GLY A 586 69.72 0.09 -25.00
CA GLY A 586 68.52 -0.72 -24.93
C GLY A 586 67.54 -0.40 -26.03
N GLN A 587 66.40 -1.08 -25.96
CA GLN A 587 65.29 -0.91 -26.88
C GLN A 587 64.16 -0.15 -26.19
N TYR A 588 63.12 0.14 -26.97
CA TYR A 588 61.99 0.92 -26.50
C TYR A 588 60.78 0.01 -26.30
N SER A 589 60.17 0.09 -25.12
CA SER A 589 59.00 -0.74 -24.84
C SER A 589 57.81 -0.35 -25.72
N GLY A 590 57.49 0.93 -25.75
CA GLY A 590 56.35 1.41 -26.51
C GLY A 590 55.11 1.60 -25.67
N PHE A 591 53.94 1.52 -26.30
CA PHE A 591 52.69 1.79 -25.61
C PHE A 591 52.39 0.75 -24.55
N LYS A 592 52.01 1.21 -23.36
CA LYS A 592 51.44 0.37 -22.32
C LYS A 592 50.12 0.98 -21.88
N SER A 593 49.07 0.17 -21.88
CA SER A 593 47.78 0.65 -21.42
C SER A 593 47.83 0.93 -19.92
N PRO A 594 47.39 2.11 -19.47
CA PRO A 594 47.42 2.37 -18.02
C PRO A 594 46.61 1.37 -17.21
N TYR A 595 45.58 0.77 -17.80
CA TYR A 595 44.77 -0.22 -17.11
C TYR A 595 44.93 -1.59 -17.76
N SER B 6 11.55 35.20 -8.67
CA SER B 6 10.78 35.85 -9.73
C SER B 6 10.17 34.81 -10.66
N CYS B 7 9.33 35.28 -11.59
CA CYS B 7 8.61 34.35 -12.45
C CYS B 7 9.56 33.53 -13.30
N SER B 8 10.60 34.16 -13.84
CA SER B 8 11.54 33.44 -14.68
C SER B 8 12.25 32.32 -13.91
N ASP B 9 12.43 32.50 -12.60
CA ASP B 9 12.99 31.43 -11.78
C ASP B 9 12.01 30.31 -11.53
N VAL B 10 10.71 30.56 -11.69
CA VAL B 10 9.72 29.51 -11.58
C VAL B 10 9.81 28.58 -12.78
N PHE B 11 9.98 29.16 -13.98
CA PHE B 11 10.00 28.38 -15.21
C PHE B 11 11.42 27.89 -15.47
N GLN B 12 11.82 26.92 -14.65
CA GLN B 12 13.13 26.30 -14.74
C GLN B 12 12.97 24.80 -14.58
N TYR B 13 13.86 24.05 -15.23
CA TYR B 13 13.92 22.60 -15.08
C TYR B 13 15.34 22.21 -14.72
N GLU B 14 15.49 21.45 -13.65
CA GLU B 14 16.78 20.95 -13.20
C GLU B 14 16.92 19.50 -13.64
N THR B 15 17.99 19.21 -14.38
CA THR B 15 18.29 17.86 -14.82
C THR B 15 19.63 17.45 -14.26
N ASN B 16 19.74 16.17 -13.89
CA ASN B 16 20.96 15.65 -13.29
C ASN B 16 22.03 15.43 -14.35
N LYS B 17 23.24 15.89 -14.05
CA LYS B 17 24.39 15.56 -14.87
C LYS B 17 24.75 14.09 -14.69
N VAL B 18 25.00 13.39 -15.79
CA VAL B 18 25.17 11.95 -15.76
C VAL B 18 26.42 11.58 -16.55
N THR B 19 27.02 10.45 -16.17
CA THR B 19 28.12 9.85 -16.90
C THR B 19 27.63 8.53 -17.50
N ARG B 20 27.60 8.47 -18.83
CA ARG B 20 27.16 7.28 -19.54
C ARG B 20 28.36 6.38 -19.81
N ILE B 21 28.33 5.17 -19.26
CA ILE B 21 29.42 4.22 -19.35
C ILE B 21 29.06 3.12 -20.34
N GLN B 22 30.02 2.74 -21.17
CA GLN B 22 29.85 1.69 -22.17
C GLN B 22 30.55 0.43 -21.64
N SER B 23 29.81 -0.34 -20.85
CA SER B 23 30.33 -1.55 -20.23
C SER B 23 29.28 -2.65 -20.37
N MET B 24 29.72 -3.82 -20.85
CA MET B 24 28.81 -4.95 -20.97
C MET B 24 28.32 -5.41 -19.61
N ASN B 25 29.23 -5.49 -18.64
CA ASN B 25 28.87 -6.00 -17.32
C ASN B 25 27.73 -5.18 -16.72
N TYR B 26 27.88 -3.87 -16.72
CA TYR B 26 26.93 -3.01 -16.02
C TYR B 26 25.61 -2.89 -16.77
N GLY B 27 25.65 -2.81 -18.10
CA GLY B 27 24.40 -2.85 -18.86
C GLY B 27 23.64 -4.15 -18.64
N THR B 28 24.36 -5.27 -18.68
CA THR B 28 23.73 -6.56 -18.45
C THR B 28 23.12 -6.63 -17.05
N ILE B 29 23.84 -6.15 -16.04
CA ILE B 29 23.33 -6.16 -14.68
C ILE B 29 22.08 -5.31 -14.57
N LYS B 30 22.11 -4.11 -15.17
CA LYS B 30 20.96 -3.22 -15.12
C LYS B 30 19.73 -3.88 -15.74
N TRP B 31 19.91 -4.47 -16.92
CA TRP B 31 18.77 -5.06 -17.61
C TRP B 31 18.27 -6.32 -16.91
N PHE B 32 19.18 -7.11 -16.34
CA PHE B 32 18.78 -8.24 -15.53
C PHE B 32 17.92 -7.79 -14.34
N PHE B 33 18.41 -6.81 -13.59
CA PHE B 33 17.63 -6.26 -12.48
C PHE B 33 16.25 -5.82 -12.94
N HIS B 34 16.20 -5.04 -14.02
CA HIS B 34 14.93 -4.50 -14.48
C HIS B 34 13.97 -5.60 -14.89
N VAL B 35 14.45 -6.61 -15.62
CA VAL B 35 13.59 -7.69 -16.07
C VAL B 35 13.05 -8.47 -14.89
N ILE B 36 13.92 -8.82 -13.93
CA ILE B 36 13.45 -9.58 -12.78
C ILE B 36 12.41 -8.78 -12.00
N ILE B 37 12.67 -7.49 -11.77
CA ILE B 37 11.76 -6.68 -10.98
C ILE B 37 10.41 -6.54 -11.69
N PHE B 38 10.44 -6.29 -13.01
CA PHE B 38 9.20 -6.17 -13.76
C PHE B 38 8.41 -7.47 -13.73
N SER B 39 9.09 -8.60 -13.91
CA SER B 39 8.40 -9.88 -13.92
C SER B 39 7.75 -10.15 -12.56
N TYR B 40 8.47 -9.91 -11.48
CA TYR B 40 7.90 -10.12 -10.15
C TYR B 40 6.74 -9.18 -9.90
N VAL B 41 6.86 -7.93 -10.34
CA VAL B 41 5.79 -6.96 -10.12
C VAL B 41 4.52 -7.40 -10.83
N CYS B 42 4.65 -7.81 -12.09
CA CYS B 42 3.48 -8.28 -12.83
C CYS B 42 2.91 -9.56 -12.21
N PHE B 43 3.77 -10.48 -11.80
CA PHE B 43 3.30 -11.72 -11.19
C PHE B 43 2.51 -11.44 -9.91
N ALA B 44 3.04 -10.56 -9.06
CA ALA B 44 2.35 -10.21 -7.82
C ALA B 44 1.03 -9.50 -8.10
N LEU B 45 1.02 -8.62 -9.11
CA LEU B 45 -0.22 -7.94 -9.47
C LEU B 45 -1.28 -8.92 -9.92
N VAL B 46 -0.89 -9.93 -10.71
CA VAL B 46 -1.86 -10.85 -11.28
C VAL B 46 -2.32 -11.89 -10.27
N SER B 47 -1.39 -12.44 -9.48
CA SER B 47 -1.73 -13.55 -8.61
C SER B 47 -2.66 -13.12 -7.48
N ASP B 48 -2.38 -11.99 -6.84
CA ASP B 48 -3.22 -11.49 -5.76
C ASP B 48 -4.19 -10.40 -6.22
N LYS B 49 -4.27 -10.15 -7.51
CA LYS B 49 -5.23 -9.21 -8.09
C LYS B 49 -5.23 -7.90 -7.29
N LEU B 50 -4.08 -7.25 -7.29
CA LEU B 50 -3.89 -6.01 -6.54
C LEU B 50 -4.38 -4.80 -7.30
N TYR B 51 -4.86 -4.98 -8.53
CA TYR B 51 -5.58 -3.96 -9.26
C TYR B 51 -7.06 -3.95 -8.93
N GLN B 52 -7.53 -4.90 -8.12
CA GLN B 52 -8.94 -5.05 -7.80
C GLN B 52 -9.24 -4.52 -6.41
N ARG B 53 -10.45 -3.99 -6.26
CA ARG B 53 -11.03 -3.71 -4.96
C ARG B 53 -11.91 -4.90 -4.55
N LYS B 54 -11.68 -5.42 -3.35
CA LYS B 54 -12.31 -6.63 -2.88
C LYS B 54 -13.38 -6.31 -1.85
N GLU B 55 -14.57 -6.89 -2.05
CA GLU B 55 -15.69 -6.72 -1.15
C GLU B 55 -16.07 -8.07 -0.56
N PRO B 56 -16.29 -8.16 0.75
CA PRO B 56 -16.78 -9.42 1.32
C PRO B 56 -18.24 -9.69 0.96
N VAL B 57 -18.59 -10.96 1.03
CA VAL B 57 -19.88 -11.46 0.56
C VAL B 57 -20.94 -11.26 1.64
N ILE B 58 -22.13 -10.82 1.21
CA ILE B 58 -23.34 -10.80 2.03
C ILE B 58 -24.22 -11.95 1.56
N SER B 59 -24.54 -12.86 2.47
CA SER B 59 -25.13 -14.14 2.10
C SER B 59 -26.48 -14.38 2.78
N SER B 60 -27.37 -15.05 2.06
CA SER B 60 -28.62 -15.57 2.58
C SER B 60 -28.76 -17.02 2.17
N VAL B 61 -29.10 -17.89 3.13
CA VAL B 61 -29.20 -19.33 2.91
C VAL B 61 -30.62 -19.80 3.17
N HIS B 62 -31.10 -20.70 2.32
CA HIS B 62 -32.40 -21.33 2.47
C HIS B 62 -32.26 -22.81 2.18
N THR B 63 -32.70 -23.66 3.11
CA THR B 63 -32.51 -25.10 3.04
C THR B 63 -33.84 -25.83 2.97
N LYS B 64 -33.79 -27.03 2.38
CA LYS B 64 -34.96 -27.90 2.24
C LYS B 64 -34.50 -29.34 2.43
N VAL B 65 -34.80 -29.92 3.59
CA VAL B 65 -34.47 -31.30 3.90
C VAL B 65 -35.59 -32.21 3.46
N LYS B 66 -35.23 -33.38 2.96
CA LYS B 66 -36.17 -34.35 2.43
C LYS B 66 -35.82 -35.74 2.93
N GLY B 67 -36.84 -36.52 3.28
CA GLY B 67 -36.66 -37.89 3.71
C GLY B 67 -37.50 -38.31 4.91
N ILE B 68 -37.82 -39.59 4.95
CA ILE B 68 -38.56 -40.19 6.05
C ILE B 68 -37.74 -41.35 6.60
N ALA B 69 -37.96 -41.64 7.88
CA ALA B 69 -37.26 -42.71 8.58
C ALA B 69 -38.24 -43.64 9.27
N GLU B 70 -37.98 -44.94 9.17
CA GLU B 70 -38.69 -45.93 9.97
C GLU B 70 -37.91 -46.18 11.25
N VAL B 71 -38.60 -46.10 12.38
CA VAL B 71 -37.96 -46.12 13.70
C VAL B 71 -38.53 -47.29 14.49
N LYS B 72 -37.63 -48.06 15.10
CA LYS B 72 -37.98 -49.18 15.96
C LYS B 72 -37.63 -48.83 17.40
N GLU B 73 -38.65 -48.74 18.26
CA GLU B 73 -38.45 -48.48 19.67
C GLU B 73 -39.19 -49.55 20.46
N GLU B 74 -38.47 -50.22 21.35
CA GLU B 74 -39.07 -51.28 22.17
C GLU B 74 -40.13 -50.69 23.10
N ILE B 75 -41.26 -51.38 23.19
CA ILE B 75 -42.36 -50.93 24.04
C ILE B 75 -43.51 -51.93 23.96
N LEU B 83 -42.10 -54.35 20.47
CA LEU B 83 -41.48 -53.46 19.49
C LEU B 83 -42.52 -52.85 18.57
N VAL B 84 -42.34 -51.58 18.23
CA VAL B 84 -43.27 -50.84 17.39
C VAL B 84 -42.50 -50.23 16.23
N HIS B 85 -43.20 -50.06 15.11
CA HIS B 85 -42.65 -49.47 13.91
C HIS B 85 -43.37 -48.16 13.64
N SER B 86 -42.62 -47.08 13.52
CA SER B 86 -43.17 -45.75 13.31
C SER B 86 -42.38 -45.04 12.21
N VAL B 87 -43.05 -44.12 11.54
CA VAL B 87 -42.47 -43.35 10.44
C VAL B 87 -42.28 -41.91 10.92
N PHE B 88 -41.06 -41.41 10.76
CA PHE B 88 -40.72 -40.03 11.08
C PHE B 88 -40.51 -39.26 9.79
N ASP B 89 -41.22 -38.14 9.67
CA ASP B 89 -41.03 -37.22 8.55
C ASP B 89 -40.49 -35.90 9.06
N THR B 90 -40.30 -34.95 8.13
CA THR B 90 -39.63 -33.70 8.43
C THR B 90 -40.25 -32.99 9.63
N ALA B 91 -41.57 -33.05 9.76
CA ALA B 91 -42.22 -32.44 10.90
C ALA B 91 -41.85 -33.08 12.21
N ASP B 92 -41.23 -34.25 12.19
CA ASP B 92 -40.87 -34.98 13.39
C ASP B 92 -39.40 -34.92 13.75
N TYR B 93 -38.53 -34.48 12.83
CA TYR B 93 -37.10 -34.50 13.08
C TYR B 93 -36.36 -33.22 12.72
N THR B 94 -36.99 -32.26 12.04
CA THR B 94 -36.30 -31.03 11.67
C THR B 94 -37.23 -29.85 11.77
N PHE B 95 -36.64 -28.67 11.88
CA PHE B 95 -37.31 -27.38 11.89
C PHE B 95 -36.61 -26.48 10.89
N PRO B 96 -37.31 -25.47 10.37
CA PRO B 96 -36.69 -24.61 9.35
C PRO B 96 -35.38 -24.00 9.81
N LEU B 97 -34.44 -23.89 8.88
CA LEU B 97 -33.10 -23.40 9.19
C LEU B 97 -33.15 -22.01 9.82
N GLN B 98 -32.41 -21.85 10.91
CA GLN B 98 -32.30 -20.58 11.62
C GLN B 98 -30.82 -20.23 11.80
N GLY B 99 -30.47 -19.01 11.45
CA GLY B 99 -29.09 -18.56 11.60
C GLY B 99 -28.09 -19.39 10.83
N ASN B 100 -28.43 -19.74 9.59
CA ASN B 100 -27.53 -20.50 8.72
C ASN B 100 -27.18 -21.85 9.33
N SER B 101 -28.11 -22.45 10.07
CA SER B 101 -27.93 -23.77 10.66
C SER B 101 -29.26 -24.50 10.64
N PHE B 102 -29.20 -25.80 10.37
CA PHE B 102 -30.36 -26.67 10.49
C PHE B 102 -29.98 -27.94 11.23
N PHE B 103 -30.96 -28.51 11.93
CA PHE B 103 -30.77 -29.64 12.82
C PHE B 103 -31.60 -30.82 12.36
N VAL B 104 -31.01 -32.01 12.42
CA VAL B 104 -31.69 -33.27 12.14
C VAL B 104 -31.53 -34.17 13.35
N MET B 105 -32.65 -34.56 13.95
CA MET B 105 -32.63 -35.51 15.05
C MET B 105 -32.29 -36.91 14.54
N THR B 106 -31.40 -37.58 15.27
CA THR B 106 -30.96 -38.92 14.93
C THR B 106 -31.23 -39.94 16.02
N ASN B 107 -31.46 -39.51 17.25
CA ASN B 107 -31.67 -40.39 18.38
C ASN B 107 -32.44 -39.62 19.43
N PHE B 108 -33.11 -40.36 20.31
CA PHE B 108 -33.87 -39.71 21.36
C PHE B 108 -34.11 -40.69 22.50
N LEU B 109 -34.19 -40.14 23.70
CA LEU B 109 -34.66 -40.84 24.88
C LEU B 109 -35.89 -40.11 25.41
N LYS B 110 -36.91 -40.87 25.76
CA LYS B 110 -38.22 -40.32 26.09
C LYS B 110 -38.60 -40.67 27.52
N THR B 111 -39.19 -39.70 28.22
CA THR B 111 -39.65 -39.85 29.60
C THR B 111 -41.07 -39.30 29.69
N GLU B 112 -42.05 -40.20 29.65
CA GLU B 112 -43.46 -39.81 29.62
C GLU B 112 -44.02 -39.48 31.01
N GLY B 113 -45.04 -38.64 31.00
CA GLY B 113 -45.89 -38.43 32.16
C GLY B 113 -45.23 -37.84 33.38
N GLN B 114 -44.39 -36.82 33.20
CA GLN B 114 -43.77 -36.14 34.31
C GLN B 114 -44.75 -35.18 34.96
N GLU B 115 -44.69 -35.10 36.29
CA GLU B 115 -45.49 -34.17 37.07
C GLU B 115 -44.59 -33.44 38.04
N GLN B 116 -44.96 -32.20 38.34
CA GLN B 116 -44.29 -31.44 39.39
C GLN B 116 -44.73 -32.01 40.73
N ARG B 117 -43.85 -32.78 41.36
CA ARG B 117 -44.20 -33.56 42.54
C ARG B 117 -42.95 -33.70 43.40
N LEU B 118 -43.05 -34.58 44.40
CA LEU B 118 -41.91 -35.06 45.17
C LEU B 118 -41.69 -36.52 44.80
N CYS B 119 -40.43 -36.88 44.58
CA CYS B 119 -40.10 -38.22 44.10
C CYS B 119 -38.74 -38.61 44.63
N PRO B 120 -38.44 -39.91 44.69
CA PRO B 120 -37.06 -40.34 44.92
C PRO B 120 -36.21 -40.10 43.68
N GLU B 121 -35.00 -39.59 43.91
CA GLU B 121 -34.07 -39.41 42.81
C GLU B 121 -33.60 -40.76 42.29
N TYR B 122 -33.30 -40.81 40.99
CA TYR B 122 -32.90 -42.06 40.39
C TYR B 122 -31.61 -42.55 41.03
N PRO B 123 -31.47 -43.86 41.28
CA PRO B 123 -30.32 -44.34 42.05
C PRO B 123 -28.99 -44.04 41.39
N THR B 124 -28.09 -43.45 42.17
CA THR B 124 -26.71 -43.21 41.76
C THR B 124 -25.86 -43.23 43.02
N ARG B 125 -24.54 -43.23 42.83
CA ARG B 125 -23.65 -43.14 43.97
C ARG B 125 -23.95 -41.90 44.80
N ARG B 126 -24.28 -40.78 44.14
CA ARG B 126 -24.57 -39.55 44.86
C ARG B 126 -25.92 -39.61 45.56
N THR B 127 -26.95 -40.13 44.88
CA THR B 127 -28.30 -40.09 45.40
C THR B 127 -28.64 -41.27 46.31
N LEU B 128 -27.77 -42.26 46.41
CA LEU B 128 -28.03 -43.40 47.27
C LEU B 128 -27.76 -43.03 48.72
N CYS B 129 -28.76 -43.23 49.56
CA CYS B 129 -28.71 -42.86 50.98
C CYS B 129 -28.75 -44.13 51.84
N SER B 130 -28.60 -43.92 53.14
CA SER B 130 -28.91 -44.92 54.14
C SER B 130 -29.78 -44.36 55.26
N SER B 131 -29.84 -43.05 55.43
CA SER B 131 -30.72 -42.41 56.40
C SER B 131 -30.90 -40.96 55.96
N ASP B 132 -31.77 -40.24 56.67
CA ASP B 132 -32.01 -38.84 56.36
C ASP B 132 -30.84 -37.93 56.67
N ARG B 133 -29.73 -38.49 57.17
CA ARG B 133 -28.53 -37.70 57.42
C ARG B 133 -27.66 -37.54 56.19
N GLY B 134 -27.90 -38.32 55.13
CA GLY B 134 -27.16 -38.20 53.90
C GLY B 134 -27.70 -37.19 52.93
N CYS B 135 -28.83 -36.56 53.30
CA CYS B 135 -29.48 -35.60 52.45
C CYS B 135 -29.79 -34.31 53.21
N LYS B 136 -29.75 -33.16 52.53
CA LYS B 136 -29.98 -31.86 53.18
C LYS B 136 -31.05 -31.08 52.47
N LYS B 137 -31.99 -30.53 53.22
CA LYS B 137 -33.07 -29.78 52.62
C LYS B 137 -32.57 -28.57 51.86
N GLY B 138 -33.06 -28.40 50.64
CA GLY B 138 -32.69 -27.25 49.85
C GLY B 138 -31.42 -27.42 49.07
N TRP B 139 -30.94 -28.64 48.93
CA TRP B 139 -29.68 -28.86 48.26
C TRP B 139 -29.79 -28.85 46.72
N MET B 140 -28.92 -28.08 46.05
CA MET B 140 -28.96 -28.01 44.60
C MET B 140 -27.64 -28.58 44.08
N ASP B 141 -27.61 -29.88 43.86
CA ASP B 141 -26.43 -30.49 43.27
C ASP B 141 -26.36 -30.16 41.78
N PRO B 142 -25.20 -29.78 41.26
CA PRO B 142 -25.12 -29.47 39.83
C PRO B 142 -25.46 -30.64 38.92
N GLN B 143 -25.46 -31.87 39.45
CA GLN B 143 -25.76 -33.05 38.67
C GLN B 143 -27.18 -33.56 38.90
N SER B 144 -28.04 -32.75 39.53
CA SER B 144 -29.42 -33.12 39.78
C SER B 144 -30.36 -32.13 39.10
N LYS B 145 -31.51 -32.64 38.69
CA LYS B 145 -32.59 -31.83 38.13
C LYS B 145 -33.67 -31.54 39.16
N GLY B 146 -33.37 -31.71 40.45
CA GLY B 146 -34.33 -31.48 41.50
C GLY B 146 -33.67 -30.90 42.74
N ILE B 147 -34.52 -30.50 43.68
CA ILE B 147 -34.09 -29.88 44.93
C ILE B 147 -34.44 -30.82 46.08
N GLN B 148 -33.43 -31.16 46.88
CA GLN B 148 -33.62 -32.09 47.99
C GLN B 148 -34.57 -31.52 49.04
N THR B 149 -35.35 -32.41 49.63
CA THR B 149 -36.26 -32.06 50.73
C THR B 149 -35.70 -32.43 52.10
N GLY B 150 -34.53 -33.03 52.16
CA GLY B 150 -33.89 -33.37 53.41
C GLY B 150 -34.14 -34.78 53.90
N ARG B 151 -35.08 -35.50 53.29
CA ARG B 151 -35.40 -36.87 53.69
C ARG B 151 -35.28 -37.79 52.49
N CYS B 152 -34.72 -38.97 52.71
CA CYS B 152 -34.44 -39.93 51.65
C CYS B 152 -35.39 -41.12 51.74
N VAL B 153 -35.74 -41.67 50.59
CA VAL B 153 -36.88 -42.56 50.43
C VAL B 153 -36.44 -43.77 49.59
N VAL B 154 -37.38 -44.70 49.40
CA VAL B 154 -37.16 -45.91 48.63
C VAL B 154 -37.47 -45.68 47.17
N TYR B 155 -36.52 -46.00 46.28
CA TYR B 155 -36.78 -45.98 44.85
C TYR B 155 -37.41 -47.30 44.40
N GLU B 156 -36.83 -48.42 44.83
CA GLU B 156 -37.30 -49.73 44.41
C GLU B 156 -36.76 -50.74 45.42
N GLY B 157 -37.65 -51.42 46.12
CA GLY B 157 -37.25 -52.43 47.08
C GLY B 157 -36.20 -51.97 48.07
N ASN B 158 -35.00 -52.57 47.98
CA ASN B 158 -33.94 -52.24 48.93
C ASN B 158 -33.34 -50.87 48.66
N GLN B 159 -33.41 -50.40 47.42
CA GLN B 159 -32.72 -49.16 47.05
C GLN B 159 -33.28 -47.99 47.84
N LYS B 160 -32.38 -47.18 48.40
CA LYS B 160 -32.73 -46.00 49.15
C LYS B 160 -32.13 -44.78 48.46
N THR B 161 -32.96 -43.79 48.18
CA THR B 161 -32.51 -42.60 47.44
C THR B 161 -33.08 -41.34 48.09
N CYS B 162 -32.37 -40.24 47.90
CA CYS B 162 -32.80 -38.96 48.41
C CYS B 162 -34.06 -38.48 47.71
N GLU B 163 -34.94 -37.84 48.47
CA GLU B 163 -36.16 -37.27 47.91
C GLU B 163 -35.88 -35.87 47.37
N VAL B 164 -36.51 -35.55 46.24
CA VAL B 164 -36.34 -34.26 45.60
C VAL B 164 -37.69 -33.75 45.13
N SER B 165 -37.84 -32.42 45.13
CA SER B 165 -38.91 -31.76 44.42
C SER B 165 -38.45 -31.46 43.01
N ALA B 166 -39.21 -31.91 42.02
CA ALA B 166 -38.78 -31.84 40.64
C ALA B 166 -39.96 -32.24 39.76
N TRP B 167 -39.70 -32.32 38.46
CA TRP B 167 -40.58 -33.04 37.56
C TRP B 167 -40.37 -34.53 37.77
N CYS B 168 -41.45 -35.23 38.10
CA CYS B 168 -41.34 -36.63 38.48
C CYS B 168 -42.27 -37.49 37.63
N PRO B 169 -41.86 -38.70 37.27
CA PRO B 169 -40.61 -39.39 37.65
C PRO B 169 -39.35 -38.83 37.02
N ILE B 170 -38.25 -38.96 37.76
CA ILE B 170 -36.96 -38.43 37.33
C ILE B 170 -36.41 -39.27 36.17
N GLU B 171 -35.67 -38.61 35.29
CA GLU B 171 -35.09 -39.30 34.15
C GLU B 171 -34.09 -40.35 34.61
N ALA B 172 -34.10 -41.49 33.93
CA ALA B 172 -33.12 -42.52 34.20
C ALA B 172 -31.77 -42.15 33.60
N VAL B 173 -30.70 -42.52 34.29
CA VAL B 173 -29.35 -42.34 33.79
C VAL B 173 -29.09 -43.47 32.80
N GLU B 174 -29.23 -43.17 31.52
CA GLU B 174 -29.14 -44.17 30.46
C GLU B 174 -28.34 -43.59 29.31
N GLU B 175 -27.56 -44.44 28.66
CA GLU B 175 -26.79 -44.03 27.51
C GLU B 175 -27.69 -43.96 26.28
N ALA B 176 -27.22 -43.25 25.27
CA ALA B 176 -27.99 -43.07 24.05
C ALA B 176 -28.22 -44.43 23.40
N PRO B 177 -29.40 -44.67 22.82
CA PRO B 177 -29.65 -45.97 22.18
C PRO B 177 -28.62 -46.28 21.11
N ARG B 178 -28.20 -47.55 21.08
CA ARG B 178 -27.26 -48.06 20.08
C ARG B 178 -27.91 -49.30 19.46
N PRO B 179 -28.17 -49.31 18.15
CA PRO B 179 -27.94 -48.28 17.14
C PRO B 179 -28.95 -47.14 17.20
N ALA B 180 -28.59 -46.01 16.59
CA ALA B 180 -29.45 -44.84 16.59
C ALA B 180 -30.79 -45.16 15.93
N LEU B 181 -31.84 -44.57 16.47
CA LEU B 181 -33.19 -44.86 15.99
C LEU B 181 -33.44 -44.28 14.61
N LEU B 182 -32.79 -43.19 14.26
CA LEU B 182 -32.93 -42.58 12.95
C LEU B 182 -31.68 -42.70 12.09
N ASN B 183 -30.94 -43.79 12.26
CA ASN B 183 -29.76 -44.05 11.42
C ASN B 183 -30.03 -43.99 9.93
N SER B 184 -31.29 -44.13 9.51
CA SER B 184 -31.65 -43.95 8.11
C SER B 184 -31.52 -42.52 7.65
N ALA B 185 -31.26 -41.59 8.57
CA ALA B 185 -31.08 -40.19 8.23
C ALA B 185 -29.90 -39.96 7.28
N GLU B 186 -28.97 -40.90 7.17
CA GLU B 186 -27.88 -40.73 6.23
C GLU B 186 -28.35 -40.72 4.79
N ASN B 187 -29.56 -41.21 4.53
CA ASN B 187 -30.16 -41.17 3.21
C ASN B 187 -31.03 -39.94 3.01
N PHE B 188 -31.17 -39.08 4.01
CA PHE B 188 -31.84 -37.81 3.81
C PHE B 188 -31.01 -36.92 2.90
N THR B 189 -31.70 -36.03 2.20
CA THR B 189 -31.06 -35.07 1.31
C THR B 189 -31.44 -33.66 1.75
N VAL B 190 -30.55 -32.72 1.46
CA VAL B 190 -30.81 -31.31 1.72
C VAL B 190 -30.46 -30.52 0.47
N LEU B 191 -31.37 -29.65 0.04
CA LEU B 191 -31.13 -28.71 -1.03
C LEU B 191 -30.81 -27.36 -0.41
N ILE B 192 -29.66 -26.80 -0.76
CA ILE B 192 -29.19 -25.52 -0.25
C ILE B 192 -29.31 -24.49 -1.35
N LYS B 193 -29.97 -23.38 -1.04
CA LYS B 193 -30.04 -22.22 -1.90
C LYS B 193 -29.27 -21.08 -1.24
N ASN B 194 -28.31 -20.52 -1.97
CA ASN B 194 -27.43 -19.49 -1.45
C ASN B 194 -27.53 -18.25 -2.34
N ASN B 195 -28.02 -17.17 -1.75
CA ASN B 195 -28.06 -15.86 -2.40
C ASN B 195 -26.95 -15.00 -1.81
N ILE B 196 -26.16 -14.38 -2.69
CA ILE B 196 -25.06 -13.54 -2.27
C ILE B 196 -25.14 -12.21 -3.00
N ASP B 197 -24.46 -11.22 -2.43
CA ASP B 197 -24.48 -9.85 -2.93
C ASP B 197 -23.18 -9.17 -2.58
N PHE B 198 -22.75 -8.27 -3.46
CA PHE B 198 -21.65 -7.34 -3.21
C PHE B 198 -22.22 -5.94 -3.33
N PRO B 199 -22.69 -5.35 -2.23
CA PRO B 199 -23.41 -4.06 -2.36
C PRO B 199 -22.59 -2.95 -2.96
N GLY B 200 -21.29 -2.89 -2.67
CA GLY B 200 -20.44 -1.86 -3.24
C GLY B 200 -20.29 -2.01 -4.74
N HIS B 201 -20.09 -3.24 -5.23
CA HIS B 201 -20.01 -3.51 -6.65
C HIS B 201 -21.37 -3.65 -7.31
N ASN B 202 -22.45 -3.61 -6.54
CA ASN B 202 -23.84 -3.73 -7.03
C ASN B 202 -23.93 -5.00 -7.88
N TYR B 203 -23.58 -6.16 -7.30
CA TYR B 203 -23.68 -7.45 -7.97
C TYR B 203 -24.30 -8.45 -7.01
N THR B 204 -25.27 -9.21 -7.50
CA THR B 204 -25.83 -10.33 -6.77
C THR B 204 -26.07 -11.48 -7.73
N THR B 205 -25.79 -12.70 -7.27
CA THR B 205 -26.05 -13.91 -8.02
C THR B 205 -26.55 -14.96 -7.04
N ARG B 206 -26.62 -16.21 -7.50
CA ARG B 206 -27.06 -17.31 -6.67
C ARG B 206 -26.42 -18.60 -7.17
N ASN B 207 -26.52 -19.63 -6.34
CA ASN B 207 -25.82 -20.89 -6.56
C ASN B 207 -26.54 -21.81 -7.53
N ILE B 208 -27.80 -21.55 -7.85
CA ILE B 208 -28.57 -22.37 -8.78
C ILE B 208 -28.88 -21.51 -9.99
N LEU B 209 -28.26 -21.82 -11.07
CA LEU B 209 -28.47 -21.09 -12.30
C LEU B 209 -29.44 -21.84 -13.20
N PRO B 210 -30.17 -21.15 -14.07
CA PRO B 210 -31.08 -21.84 -14.98
C PRO B 210 -30.34 -22.85 -15.83
N GLY B 211 -30.97 -24.01 -16.03
CA GLY B 211 -30.37 -25.11 -16.73
C GLY B 211 -29.71 -26.14 -15.85
N LEU B 212 -29.39 -25.78 -14.61
CA LEU B 212 -28.76 -26.73 -13.70
C LEU B 212 -29.64 -27.94 -13.51
N ASN B 213 -29.03 -29.13 -13.58
CA ASN B 213 -29.75 -30.36 -13.33
C ASN B 213 -30.27 -30.40 -11.91
N ILE B 214 -31.53 -30.79 -11.75
CA ILE B 214 -32.23 -30.73 -10.47
C ILE B 214 -32.49 -32.10 -9.88
N THR B 215 -31.99 -33.16 -10.50
CA THR B 215 -32.16 -34.52 -9.98
C THR B 215 -30.84 -35.14 -9.54
N CYS B 216 -29.75 -34.38 -9.57
CA CYS B 216 -28.44 -34.91 -9.26
C CYS B 216 -28.21 -34.91 -7.74
N THR B 217 -27.08 -35.48 -7.35
CA THR B 217 -26.55 -35.38 -6.01
C THR B 217 -25.09 -34.97 -6.11
N PHE B 218 -24.65 -34.17 -5.14
CA PHE B 218 -23.31 -33.60 -5.20
C PHE B 218 -22.24 -34.67 -5.27
N HIS B 219 -21.22 -34.40 -6.08
CA HIS B 219 -19.99 -35.17 -6.11
C HIS B 219 -18.86 -34.21 -6.48
N LYS B 220 -17.73 -34.31 -5.79
CA LYS B 220 -16.66 -33.34 -5.97
C LYS B 220 -16.10 -33.32 -7.37
N THR B 221 -16.18 -34.43 -8.10
CA THR B 221 -15.66 -34.51 -9.46
C THR B 221 -16.75 -34.60 -10.52
N GLN B 222 -17.84 -35.31 -10.24
CA GLN B 222 -18.88 -35.57 -11.23
C GLN B 222 -19.96 -34.49 -11.24
N ASN B 223 -20.46 -34.10 -10.07
CA ASN B 223 -21.48 -33.06 -9.94
C ASN B 223 -21.04 -32.05 -8.89
N PRO B 224 -19.96 -31.31 -9.15
CA PRO B 224 -19.44 -30.36 -8.16
C PRO B 224 -20.26 -29.09 -8.01
N GLN B 225 -21.37 -28.96 -8.73
CA GLN B 225 -22.23 -27.80 -8.62
C GLN B 225 -23.68 -28.14 -8.30
N CYS B 226 -23.99 -29.41 -8.04
CA CYS B 226 -25.33 -29.78 -7.63
C CYS B 226 -25.52 -29.42 -6.16
N PRO B 227 -26.51 -28.61 -5.81
CA PRO B 227 -26.64 -28.17 -4.41
C PRO B 227 -27.45 -29.12 -3.54
N ILE B 228 -27.66 -30.35 -4.01
CA ILE B 228 -28.34 -31.39 -3.24
C ILE B 228 -27.29 -32.32 -2.65
N PHE B 229 -27.35 -32.51 -1.34
CA PHE B 229 -26.36 -33.28 -0.61
C PHE B 229 -27.03 -34.38 0.19
N ARG B 230 -26.53 -35.60 0.04
CA ARG B 230 -26.85 -36.69 0.95
C ARG B 230 -25.94 -36.59 2.16
N LEU B 231 -26.54 -36.69 3.35
CA LEU B 231 -25.82 -36.44 4.59
C LEU B 231 -24.72 -37.47 4.82
N GLY B 232 -25.01 -38.74 4.55
CA GLY B 232 -23.98 -39.76 4.66
C GLY B 232 -22.81 -39.50 3.74
N ASP B 233 -23.07 -38.97 2.55
CA ASP B 233 -21.99 -38.63 1.63
C ASP B 233 -21.12 -37.50 2.20
N ILE B 234 -21.74 -36.53 2.88
CA ILE B 234 -20.98 -35.49 3.56
C ILE B 234 -20.04 -36.12 4.58
N PHE B 235 -20.57 -36.99 5.43
CA PHE B 235 -19.75 -37.58 6.47
C PHE B 235 -18.65 -38.44 5.88
N ARG B 236 -18.94 -39.15 4.79
CA ARG B 236 -17.94 -39.93 4.09
C ARG B 236 -16.83 -39.04 3.55
N GLU B 237 -17.21 -37.89 2.98
CA GLU B 237 -16.21 -36.95 2.48
C GLU B 237 -15.32 -36.44 3.60
N THR B 238 -15.88 -36.25 4.80
CA THR B 238 -15.07 -35.81 5.93
C THR B 238 -14.29 -36.93 6.60
N GLY B 239 -14.61 -38.20 6.30
CA GLY B 239 -13.97 -39.32 6.96
C GLY B 239 -14.58 -39.72 8.28
N ASP B 240 -15.88 -39.51 8.46
CA ASP B 240 -16.58 -39.86 9.69
C ASP B 240 -17.64 -40.92 9.40
N ASN B 241 -18.00 -41.67 10.45
CA ASN B 241 -19.12 -42.60 10.39
C ASN B 241 -20.39 -41.83 10.75
N PHE B 242 -21.40 -41.91 9.88
CA PHE B 242 -22.70 -41.37 10.24
C PHE B 242 -23.33 -42.20 11.35
N SER B 243 -23.10 -43.51 11.35
CA SER B 243 -23.71 -44.37 12.34
C SER B 243 -23.25 -44.05 13.76
N ASP B 244 -21.95 -43.79 13.94
CA ASP B 244 -21.43 -43.48 15.27
C ASP B 244 -21.80 -42.07 15.73
N VAL B 245 -21.71 -41.09 14.83
CA VAL B 245 -22.05 -39.72 15.19
C VAL B 245 -23.54 -39.58 15.45
N ALA B 246 -24.36 -40.39 14.78
CA ALA B 246 -25.80 -40.34 14.96
C ALA B 246 -26.24 -40.79 16.34
N ILE B 247 -25.39 -41.51 17.07
CA ILE B 247 -25.77 -42.01 18.38
C ILE B 247 -25.78 -40.90 19.41
N GLN B 248 -24.67 -40.17 19.53
CA GLN B 248 -24.55 -39.10 20.52
C GLN B 248 -24.70 -37.71 19.90
N GLY B 249 -24.54 -37.58 18.59
CA GLY B 249 -24.71 -36.32 17.90
C GLY B 249 -23.39 -35.66 17.57
N GLY B 250 -23.51 -34.55 16.86
CA GLY B 250 -22.35 -33.80 16.44
C GLY B 250 -22.74 -32.56 15.68
N ILE B 251 -21.72 -31.87 15.17
CA ILE B 251 -21.90 -30.68 14.37
C ILE B 251 -21.04 -30.79 13.13
N MET B 252 -21.63 -30.56 11.96
CA MET B 252 -20.94 -30.65 10.69
C MET B 252 -21.07 -29.32 9.96
N GLY B 253 -19.98 -28.90 9.33
CA GLY B 253 -19.95 -27.67 8.57
C GLY B 253 -20.00 -27.91 7.07
N ILE B 254 -20.83 -27.14 6.41
CA ILE B 254 -20.89 -27.09 4.96
C ILE B 254 -20.36 -25.71 4.55
N GLU B 255 -19.21 -25.70 3.91
CA GLU B 255 -18.54 -24.46 3.51
C GLU B 255 -18.85 -24.14 2.06
N ILE B 256 -19.24 -22.90 1.81
CA ILE B 256 -19.48 -22.40 0.46
C ILE B 256 -18.54 -21.22 0.26
N TYR B 257 -17.53 -21.42 -0.58
CA TYR B 257 -16.52 -20.41 -0.87
C TYR B 257 -16.85 -19.72 -2.19
N TRP B 258 -16.83 -18.39 -2.16
CA TRP B 258 -17.07 -17.56 -3.34
C TRP B 258 -15.81 -16.75 -3.62
N ASP B 259 -15.05 -17.16 -4.64
CA ASP B 259 -13.93 -16.39 -5.15
C ASP B 259 -14.39 -15.85 -6.50
N CYS B 260 -14.90 -14.63 -6.50
CA CYS B 260 -15.61 -14.08 -7.64
C CYS B 260 -14.85 -12.92 -8.27
N ASN B 261 -14.80 -12.94 -9.60
CA ASN B 261 -14.22 -11.87 -10.39
C ASN B 261 -15.35 -11.22 -11.18
N LEU B 262 -15.54 -9.92 -10.96
CA LEU B 262 -16.66 -9.20 -11.54
C LEU B 262 -16.26 -8.34 -12.73
N ASP B 263 -15.04 -8.52 -13.26
CA ASP B 263 -14.68 -7.91 -14.53
C ASP B 263 -15.38 -8.64 -15.66
N ARG B 264 -16.03 -7.89 -16.54
CA ARG B 264 -16.96 -8.51 -17.48
C ARG B 264 -16.26 -9.36 -18.53
N TRP B 265 -14.97 -9.11 -18.76
CA TRP B 265 -14.20 -9.96 -19.67
C TRP B 265 -13.74 -11.25 -19.00
N PHE B 266 -13.38 -11.18 -17.73
CA PHE B 266 -12.89 -12.33 -16.96
C PHE B 266 -13.89 -12.83 -15.92
N HIS B 267 -15.18 -12.54 -16.14
CA HIS B 267 -16.19 -12.79 -15.13
C HIS B 267 -16.38 -14.26 -14.77
N HIS B 268 -16.28 -14.55 -13.48
CA HIS B 268 -16.57 -15.88 -12.97
C HIS B 268 -17.01 -15.73 -11.51
N CYS B 269 -18.20 -16.22 -11.20
CA CYS B 269 -18.71 -16.19 -9.83
C CYS B 269 -19.52 -17.47 -9.60
N ARG B 270 -18.84 -18.52 -9.12
CA ARG B 270 -19.46 -19.78 -8.77
C ARG B 270 -18.98 -20.22 -7.40
N PRO B 271 -19.77 -21.03 -6.71
CA PRO B 271 -19.36 -21.52 -5.39
C PRO B 271 -18.56 -22.81 -5.42
N LYS B 272 -17.69 -22.94 -4.44
CA LYS B 272 -16.92 -24.15 -4.19
C LYS B 272 -17.38 -24.73 -2.86
N TYR B 273 -17.83 -25.98 -2.88
CA TYR B 273 -18.38 -26.63 -1.69
C TYR B 273 -17.32 -27.47 -1.00
N SER B 274 -17.38 -27.47 0.32
CA SER B 274 -16.41 -28.18 1.16
C SER B 274 -17.08 -28.52 2.48
N PHE B 275 -16.49 -29.49 3.18
CA PHE B 275 -17.09 -30.03 4.39
C PHE B 275 -16.05 -30.18 5.49
N ARG B 276 -16.47 -29.88 6.72
CA ARG B 276 -15.59 -29.86 7.88
C ARG B 276 -16.41 -30.16 9.12
N ARG B 277 -15.95 -31.12 9.91
CA ARG B 277 -16.58 -31.39 11.20
C ARG B 277 -16.21 -30.31 12.20
N LEU B 278 -17.21 -29.81 12.92
CA LEU B 278 -17.05 -28.64 13.77
C LEU B 278 -17.08 -28.95 15.25
N ASP B 279 -17.57 -30.11 15.65
CA ASP B 279 -17.58 -30.51 17.04
C ASP B 279 -16.30 -31.25 17.37
N ASP B 280 -15.80 -31.05 18.57
CA ASP B 280 -14.63 -31.78 19.01
C ASP B 280 -15.01 -33.23 19.29
N LYS B 281 -14.20 -34.15 18.78
CA LYS B 281 -14.48 -35.57 18.97
C LYS B 281 -13.96 -35.96 20.34
N THR B 282 -14.52 -35.36 21.38
CA THR B 282 -14.08 -35.62 22.74
C THR B 282 -14.89 -36.79 23.29
N THR B 283 -14.21 -37.62 24.08
CA THR B 283 -14.84 -38.72 24.79
C THR B 283 -14.97 -38.44 26.28
N ASN B 284 -14.66 -37.23 26.72
CA ASN B 284 -14.72 -36.86 28.12
C ASN B 284 -16.14 -36.43 28.47
N VAL B 285 -16.80 -37.20 29.33
CA VAL B 285 -18.17 -36.87 29.73
C VAL B 285 -18.22 -35.51 30.42
N SER B 286 -17.09 -35.06 30.97
CA SER B 286 -17.06 -33.76 31.62
C SER B 286 -17.26 -32.62 30.62
N LEU B 287 -16.85 -32.83 29.38
CA LEU B 287 -16.96 -31.81 28.34
C LEU B 287 -18.24 -31.91 27.54
N TYR B 288 -19.15 -32.80 27.92
CA TYR B 288 -20.44 -32.93 27.28
C TYR B 288 -20.30 -33.30 25.81
N PRO B 289 -19.79 -34.49 25.50
CA PRO B 289 -19.59 -34.89 24.11
C PRO B 289 -20.87 -34.95 23.30
N GLY B 290 -20.73 -34.71 22.01
CA GLY B 290 -21.83 -34.82 21.08
C GLY B 290 -22.66 -33.57 20.92
N TYR B 291 -23.94 -33.75 20.64
CA TYR B 291 -24.89 -32.65 20.55
C TYR B 291 -26.24 -33.18 20.99
N ASN B 292 -26.73 -32.70 22.13
CA ASN B 292 -28.04 -33.07 22.61
C ASN B 292 -28.63 -31.92 23.41
N PHE B 293 -29.95 -31.94 23.53
CA PHE B 293 -30.65 -30.98 24.36
C PHE B 293 -31.92 -31.65 24.88
N ARG B 294 -32.46 -31.07 25.94
CA ARG B 294 -33.68 -31.56 26.55
C ARG B 294 -34.85 -30.69 26.11
N TYR B 295 -35.91 -31.33 25.67
CA TYR B 295 -37.08 -30.66 25.14
C TYR B 295 -38.32 -31.19 25.84
N ALA B 296 -39.22 -30.28 26.19
CA ALA B 296 -40.43 -30.61 26.93
C ALA B 296 -41.64 -30.54 26.02
N LYS B 297 -42.40 -31.63 25.98
CA LYS B 297 -43.71 -31.67 25.36
C LYS B 297 -44.75 -31.57 26.46
N TYR B 298 -45.42 -30.42 26.55
CA TYR B 298 -46.38 -30.18 27.61
C TYR B 298 -47.77 -30.60 27.17
N TYR B 299 -48.52 -31.15 28.12
CA TYR B 299 -49.89 -31.57 27.83
C TYR B 299 -50.66 -31.67 29.13
N LYS B 300 -51.98 -31.49 29.03
CA LYS B 300 -52.88 -31.52 30.18
C LYS B 300 -53.66 -32.82 30.17
N GLU B 301 -53.70 -33.48 31.32
CA GLU B 301 -54.41 -34.74 31.47
C GLU B 301 -55.12 -34.74 32.81
N ASN B 302 -56.44 -34.85 32.79
CA ASN B 302 -57.25 -34.82 34.01
C ASN B 302 -57.08 -33.49 34.74
N ASN B 303 -56.89 -32.42 33.98
CA ASN B 303 -56.62 -31.07 34.50
C ASN B 303 -55.29 -30.99 35.23
N VAL B 304 -54.46 -32.04 35.18
CA VAL B 304 -53.13 -32.02 35.75
C VAL B 304 -52.14 -31.65 34.65
N GLU B 305 -51.31 -30.66 34.92
CA GLU B 305 -50.28 -30.25 33.97
C GLU B 305 -49.17 -31.28 33.96
N LYS B 306 -48.95 -31.88 32.78
CA LYS B 306 -47.97 -32.97 32.62
C LYS B 306 -46.92 -32.57 31.60
N ARG B 307 -45.84 -33.33 31.50
CA ARG B 307 -44.71 -33.10 30.62
C ARG B 307 -44.15 -34.42 30.15
N THR B 308 -43.94 -34.54 28.85
CA THR B 308 -43.12 -35.59 28.28
C THR B 308 -41.78 -34.99 27.89
N LEU B 309 -40.72 -35.44 28.54
CA LEU B 309 -39.38 -34.95 28.28
C LEU B 309 -38.66 -35.88 27.31
N ILE B 310 -38.11 -35.29 26.26
CA ILE B 310 -37.28 -35.99 25.29
C ILE B 310 -35.87 -35.45 25.38
N LYS B 311 -34.90 -36.33 25.54
CA LYS B 311 -33.50 -35.99 25.35
C LYS B 311 -33.18 -36.21 23.88
N VAL B 312 -32.95 -35.13 23.16
CA VAL B 312 -32.81 -35.15 21.71
C VAL B 312 -31.33 -35.21 21.37
N PHE B 313 -30.96 -36.19 20.55
CA PHE B 313 -29.64 -36.26 19.96
C PHE B 313 -29.77 -36.05 18.45
N GLY B 314 -28.75 -35.44 17.87
CA GLY B 314 -28.75 -35.25 16.44
C GLY B 314 -27.54 -34.47 16.00
N ILE B 315 -27.52 -34.18 14.71
CA ILE B 315 -26.42 -33.50 14.05
C ILE B 315 -26.90 -32.12 13.62
N ARG B 316 -26.20 -31.09 14.06
CA ARG B 316 -26.44 -29.73 13.60
C ARG B 316 -25.54 -29.45 12.41
N PHE B 317 -26.13 -28.92 11.36
CA PHE B 317 -25.42 -28.59 10.13
C PHE B 317 -25.31 -27.08 10.02
N ASP B 318 -24.09 -26.56 10.07
CA ASP B 318 -23.83 -25.13 9.97
C ASP B 318 -23.36 -24.81 8.56
N ILE B 319 -24.06 -23.90 7.90
CA ILE B 319 -23.72 -23.47 6.55
C ILE B 319 -22.82 -22.24 6.67
N LEU B 320 -21.56 -22.39 6.28
CA LEU B 320 -20.55 -21.34 6.41
C LEU B 320 -20.24 -20.80 5.03
N VAL B 321 -20.54 -19.53 4.82
CA VAL B 321 -20.40 -18.87 3.53
C VAL B 321 -19.44 -17.72 3.67
N PHE B 322 -18.37 -17.73 2.88
CA PHE B 322 -17.33 -16.72 2.93
C PHE B 322 -16.82 -16.50 1.53
N GLY B 323 -16.15 -15.39 1.33
CA GLY B 323 -15.54 -15.10 0.05
C GLY B 323 -15.50 -13.62 -0.23
N THR B 324 -15.02 -13.30 -1.43
CA THR B 324 -14.75 -11.94 -1.84
C THR B 324 -15.16 -11.73 -3.29
N GLY B 325 -15.48 -10.49 -3.62
CA GLY B 325 -15.73 -10.09 -4.99
C GLY B 325 -14.82 -8.97 -5.41
N GLY B 326 -14.16 -9.13 -6.55
CA GLY B 326 -13.19 -8.16 -7.03
C GLY B 326 -13.57 -7.54 -8.35
N LYS B 327 -13.43 -6.22 -8.42
CA LYS B 327 -13.59 -5.47 -9.66
C LYS B 327 -12.44 -4.48 -9.76
N PHE B 328 -12.05 -4.18 -11.00
CA PHE B 328 -10.91 -3.31 -11.25
C PHE B 328 -11.12 -1.94 -10.63
N ASP B 329 -10.10 -1.45 -9.92
CA ASP B 329 -10.11 -0.11 -9.32
C ASP B 329 -8.83 0.62 -9.72
N ILE B 330 -8.99 1.85 -10.20
CA ILE B 330 -7.85 2.62 -10.67
C ILE B 330 -6.95 3.03 -9.50
N ILE B 331 -7.55 3.41 -8.39
CA ILE B 331 -6.77 3.92 -7.26
C ILE B 331 -5.88 2.82 -6.68
N GLN B 332 -6.40 1.60 -6.57
CA GLN B 332 -5.59 0.50 -6.05
C GLN B 332 -4.39 0.23 -6.95
N LEU B 333 -4.61 0.22 -8.26
CA LEU B 333 -3.51 0.03 -9.20
C LEU B 333 -2.48 1.15 -9.11
N VAL B 334 -2.96 2.39 -9.01
CA VAL B 334 -2.03 3.52 -8.90
C VAL B 334 -1.19 3.39 -7.65
N VAL B 335 -1.81 2.99 -6.53
CA VAL B 335 -1.07 2.82 -5.29
C VAL B 335 -0.04 1.70 -5.42
N TYR B 336 -0.42 0.57 -6.03
CA TYR B 336 0.52 -0.54 -6.16
C TYR B 336 1.71 -0.16 -7.03
N ILE B 337 1.45 0.48 -8.17
CA ILE B 337 2.53 0.86 -9.07
C ILE B 337 3.48 1.83 -8.38
N GLY B 338 2.95 2.79 -7.65
CA GLY B 338 3.79 3.69 -6.89
C GLY B 338 4.61 2.99 -5.84
N SER B 339 4.00 2.01 -5.16
CA SER B 339 4.74 1.22 -4.17
C SER B 339 5.84 0.41 -4.81
N THR B 340 5.74 0.10 -6.10
CA THR B 340 6.76 -0.68 -6.77
C THR B 340 7.83 0.16 -7.49
N LEU B 341 7.53 1.41 -7.80
CA LEU B 341 8.40 2.19 -8.68
C LEU B 341 9.82 2.28 -8.14
N SER B 342 9.97 2.39 -6.82
CA SER B 342 11.29 2.62 -6.25
C SER B 342 12.22 1.42 -6.33
N TYR B 343 11.71 0.25 -6.70
CA TYR B 343 12.54 -0.93 -6.83
C TYR B 343 13.39 -0.91 -8.09
N PHE B 344 13.08 -0.04 -9.04
CA PHE B 344 13.85 0.06 -10.28
C PHE B 344 15.13 0.87 -10.14
N GLY B 345 15.34 1.53 -8.99
CA GLY B 345 16.58 2.20 -8.71
C GLY B 345 17.61 1.37 -7.98
N LEU B 346 17.26 0.16 -7.60
CA LEU B 346 18.20 -0.71 -6.88
C LEU B 346 19.35 -1.12 -7.77
N ALA B 347 19.13 -1.22 -9.09
CA ALA B 347 20.23 -1.50 -10.00
C ALA B 347 21.29 -0.41 -9.93
N ALA B 348 20.86 0.85 -9.98
CA ALA B 348 21.79 1.96 -9.86
C ALA B 348 22.47 1.96 -8.50
N VAL B 349 21.70 1.72 -7.44
CA VAL B 349 22.28 1.71 -6.10
C VAL B 349 23.40 0.67 -6.03
N PHE B 350 23.12 -0.55 -6.51
CA PHE B 350 24.08 -1.63 -6.43
C PHE B 350 25.31 -1.38 -7.30
N ILE B 351 25.11 -0.89 -8.52
CA ILE B 351 26.26 -0.67 -9.41
C ILE B 351 27.12 0.49 -8.90
N ASP B 352 26.50 1.55 -8.38
CA ASP B 352 27.26 2.63 -7.78
C ASP B 352 28.03 2.15 -6.55
N PHE B 353 27.43 1.25 -5.78
CA PHE B 353 28.15 0.64 -4.67
C PHE B 353 29.38 -0.12 -5.15
N LEU B 354 29.23 -0.87 -6.25
CA LEU B 354 30.36 -1.59 -6.82
C LEU B 354 31.46 -0.61 -7.24
N ILE B 355 31.07 0.46 -7.92
CA ILE B 355 32.05 1.45 -8.36
C ILE B 355 32.79 2.03 -7.17
N ASP B 356 32.07 2.38 -6.11
CA ASP B 356 32.70 2.96 -4.94
C ASP B 356 33.64 1.97 -4.27
N THR B 357 33.24 0.70 -4.18
CA THR B 357 34.07 -0.28 -3.48
C THR B 357 35.33 -0.60 -4.27
N TYR B 358 35.19 -0.99 -5.53
CA TYR B 358 36.35 -1.37 -6.31
C TYR B 358 37.23 -0.20 -6.70
N SER B 359 36.95 0.99 -6.20
CA SER B 359 37.82 2.14 -6.40
C SER B 359 38.75 2.30 -5.21
N SER B 360 38.47 1.57 -4.14
CA SER B 360 39.29 1.59 -2.95
C SER B 360 40.61 0.88 -3.30
N ASN B 361 41.72 1.46 -2.85
CA ASN B 361 43.04 0.88 -3.12
C ASN B 361 43.22 -0.43 -2.37
N CYS B 362 42.40 -0.65 -1.35
CA CYS B 362 42.38 -1.91 -0.66
C CYS B 362 42.11 -3.08 -1.59
N CYS B 363 41.13 -2.88 -2.46
CA CYS B 363 40.72 -3.91 -3.39
C CYS B 363 41.80 -4.30 -4.38
N ARG B 364 42.87 -3.51 -4.39
CA ARG B 364 44.04 -3.83 -5.20
C ARG B 364 45.36 -4.18 -4.50
N SER B 365 45.52 -3.72 -3.26
CA SER B 365 46.74 -4.05 -2.51
C SER B 365 46.69 -5.47 -1.97
N HIS B 366 45.50 -5.91 -1.53
CA HIS B 366 45.34 -7.22 -0.91
C HIS B 366 44.46 -8.16 -1.71
N ILE B 367 43.30 -7.68 -2.17
CA ILE B 367 42.29 -8.57 -2.75
C ILE B 367 42.80 -9.18 -4.06
N TYR B 368 43.17 -8.33 -5.01
CA TYR B 368 43.54 -8.83 -6.33
C TYR B 368 44.70 -9.82 -6.28
N PRO B 369 45.77 -9.58 -5.53
CA PRO B 369 46.83 -10.59 -5.43
C PRO B 369 46.33 -11.96 -5.02
N TRP B 370 45.40 -12.03 -4.08
CA TRP B 370 44.81 -13.31 -3.70
C TRP B 370 43.86 -13.76 -4.79
N CYS B 371 42.76 -13.04 -4.94
CA CYS B 371 41.79 -13.33 -5.96
C CYS B 371 42.07 -12.58 -7.25
N LYS B 372 42.85 -13.22 -8.11
CA LYS B 372 43.27 -12.64 -9.36
C LYS B 372 42.15 -12.64 -10.40
N CYS B 373 40.98 -13.10 -9.98
CA CYS B 373 39.81 -13.10 -10.83
C CYS B 373 39.17 -11.71 -10.92
N CYS B 374 39.26 -11.01 -9.80
CA CYS B 374 38.64 -9.73 -9.64
C CYS B 374 39.46 -8.53 -10.11
N GLN B 375 40.57 -8.84 -10.78
CA GLN B 375 41.53 -7.82 -11.18
C GLN B 375 40.97 -6.86 -12.24
N PRO B 376 40.25 -7.38 -13.24
CA PRO B 376 39.71 -6.48 -14.26
C PRO B 376 38.72 -5.44 -13.71
N CYS B 377 38.39 -5.53 -12.42
CA CYS B 377 37.46 -4.62 -11.83
C CYS B 377 38.05 -3.26 -11.45
N VAL B 378 39.29 -3.08 -11.87
CA VAL B 378 40.07 -1.87 -11.60
C VAL B 378 39.67 -0.66 -12.46
N VAL B 379 38.85 -0.92 -13.49
CA VAL B 379 38.24 0.15 -14.27
C VAL B 379 37.38 1.07 -13.41
N ASN B 380 36.95 0.59 -12.25
CA ASN B 380 36.09 1.38 -11.40
C ASN B 380 36.83 2.56 -10.79
N GLU B 381 38.16 2.54 -10.76
CA GLU B 381 38.91 3.74 -10.40
C GLU B 381 38.66 4.86 -11.39
N TYR B 382 38.76 4.55 -12.69
CA TYR B 382 38.43 5.53 -13.72
C TYR B 382 36.98 5.96 -13.63
N TYR B 383 36.06 5.01 -13.42
CA TYR B 383 34.66 5.34 -13.33
C TYR B 383 34.38 6.28 -12.15
N TYR B 384 34.95 5.97 -10.99
CA TYR B 384 34.76 6.81 -9.82
C TYR B 384 35.36 8.19 -10.01
N ARG B 385 36.52 8.25 -10.67
CA ARG B 385 37.12 9.54 -10.97
C ARG B 385 36.22 10.38 -11.85
N LYS B 386 35.59 9.76 -12.85
CA LYS B 386 34.67 10.47 -13.72
C LYS B 386 33.31 10.73 -13.07
N LYS B 387 33.00 10.09 -11.95
CA LYS B 387 31.71 10.22 -11.30
C LYS B 387 31.71 11.26 -10.19
N CYS B 388 32.62 11.17 -9.23
CA CYS B 388 32.55 11.93 -8.00
C CYS B 388 33.66 12.96 -7.90
N GLU B 389 33.28 14.16 -7.49
CA GLU B 389 34.20 15.21 -7.10
C GLU B 389 34.04 15.47 -5.60
N SER B 390 35.15 15.48 -4.88
CA SER B 390 35.15 15.67 -3.44
C SER B 390 35.63 17.06 -3.09
N ILE B 391 34.89 17.72 -2.18
CA ILE B 391 35.23 19.06 -1.71
C ILE B 391 35.12 19.07 -0.20
N VAL B 392 35.75 20.07 0.42
CA VAL B 392 35.78 20.19 1.87
C VAL B 392 35.07 21.49 2.26
N GLU B 393 34.71 21.55 3.53
CA GLU B 393 34.06 22.73 4.09
C GLU B 393 35.05 23.88 4.14
N PRO B 394 34.79 25.01 3.48
CA PRO B 394 35.73 26.14 3.52
C PRO B 394 35.67 26.90 4.83
N LYS B 395 36.05 26.23 5.90
CA LYS B 395 36.07 26.84 7.22
C LYS B 395 37.19 27.87 7.31
N PRO B 396 37.07 28.83 8.22
CA PRO B 396 38.16 29.82 8.37
C PRO B 396 39.48 29.21 8.77
N THR B 397 39.45 28.03 9.39
CA THR B 397 40.66 27.32 9.78
C THR B 397 41.36 26.62 8.62
N LEU B 398 40.69 26.48 7.48
CA LEU B 398 41.22 25.70 6.38
C LEU B 398 42.48 26.34 5.82
N LYS B 399 43.49 25.50 5.58
CA LYS B 399 44.77 25.95 5.07
C LYS B 399 45.41 24.82 4.28
N TYR B 400 46.18 25.19 3.25
CA TYR B 400 46.88 24.23 2.42
C TYR B 400 48.34 24.62 2.33
N VAL B 401 49.22 23.61 2.39
CA VAL B 401 50.65 23.81 2.40
C VAL B 401 51.29 22.85 1.43
N SER B 402 52.31 23.33 0.70
CA SER B 402 53.06 22.54 -0.26
C SER B 402 54.54 22.71 -0.01
N PHE B 403 55.27 21.60 -0.05
CA PHE B 403 56.71 21.59 0.09
C PHE B 403 57.35 21.12 -1.21
N VAL B 404 58.35 21.88 -1.68
CA VAL B 404 59.00 21.54 -2.95
C VAL B 404 59.73 20.21 -2.84
N ASP B 405 60.24 19.90 -1.65
CA ASP B 405 60.95 18.65 -1.44
C ASP B 405 60.01 17.46 -1.22
N GLU B 406 58.71 17.70 -1.15
CA GLU B 406 57.72 16.64 -1.02
C GLU B 406 56.92 16.53 -2.33
N SER B 407 55.98 15.58 -2.35
CA SER B 407 55.20 15.29 -3.54
C SER B 407 53.69 15.33 -3.28
N HIS B 408 53.27 15.83 -2.13
CA HIS B 408 51.85 15.93 -1.80
C HIS B 408 51.60 17.30 -1.17
N ILE B 409 50.33 17.56 -0.88
CA ILE B 409 49.90 18.81 -0.28
C ILE B 409 49.23 18.50 1.05
N ARG B 410 49.37 19.41 2.00
CA ARG B 410 48.92 19.21 3.38
C ARG B 410 47.75 20.14 3.66
N MET B 411 46.63 19.58 4.11
CA MET B 411 45.46 20.36 4.51
C MET B 411 45.52 20.53 6.02
N VAL B 412 45.95 21.72 6.46
CA VAL B 412 46.00 22.03 7.89
C VAL B 412 44.66 22.68 8.23
N ASN B 413 43.67 21.83 8.49
CA ASN B 413 42.36 22.30 8.94
C ASN B 413 42.33 22.26 10.46
N GLN B 414 43.24 23.02 11.06
CA GLN B 414 43.44 23.04 12.50
C GLN B 414 44.00 24.41 12.87
N GLN B 415 43.70 24.85 14.09
CA GLN B 415 44.11 26.17 14.55
C GLN B 415 45.53 26.09 15.11
N LEU B 416 46.41 26.94 14.59
CA LEU B 416 47.79 27.00 15.07
C LEU B 416 47.81 27.66 16.44
N LEU B 417 48.08 26.89 17.48
CA LEU B 417 48.12 27.41 18.85
C LEU B 417 49.54 27.87 19.16
N GLY B 418 49.93 28.95 18.48
CA GLY B 418 51.29 29.45 18.58
C GLY B 418 52.33 28.55 17.96
N ARG B 419 51.91 27.55 17.19
CA ARG B 419 52.83 26.62 16.54
C ARG B 419 53.10 27.11 15.12
N SER B 420 54.37 27.09 14.74
CA SER B 420 54.74 27.42 13.37
C SER B 420 54.03 26.49 12.40
N LEU B 421 53.49 27.06 11.33
CA LEU B 421 52.83 26.26 10.31
C LEU B 421 53.78 25.24 9.69
N GLN B 422 55.09 25.50 9.76
CA GLN B 422 56.06 24.52 9.31
C GLN B 422 55.99 23.25 10.17
N ASP B 423 55.82 23.42 11.48
CA ASP B 423 55.76 22.28 12.38
C ASP B 423 54.42 21.56 12.27
N VAL B 424 53.32 22.32 12.26
CA VAL B 424 51.99 21.71 12.18
C VAL B 424 51.89 20.93 10.88
N LYS B 425 51.65 19.63 10.99
CA LYS B 425 51.43 18.77 9.84
C LYS B 425 49.96 18.38 9.80
N GLY B 426 49.36 18.46 8.61
CA GLY B 426 47.96 18.18 8.43
C GLY B 426 47.72 16.98 7.54
N GLN B 427 46.46 16.81 7.15
CA GLN B 427 46.07 15.69 6.32
C GLN B 427 46.74 15.79 4.95
N GLU B 428 47.08 14.63 4.40
CA GLU B 428 47.81 14.53 3.14
C GLU B 428 46.80 14.47 1.99
N VAL B 429 46.75 15.52 1.19
CA VAL B 429 45.84 15.62 0.05
C VAL B 429 46.69 15.60 -1.22
N PRO B 430 46.35 14.78 -2.21
CA PRO B 430 47.18 14.73 -3.42
C PRO B 430 47.07 16.01 -4.24
N ARG B 431 48.16 16.32 -4.95
CA ARG B 431 48.13 17.47 -5.84
C ARG B 431 47.33 17.13 -7.09
N PRO B 432 46.57 18.07 -7.65
CA PRO B 432 45.85 17.79 -8.89
C PRO B 432 46.80 17.40 -10.01
N ALA B 433 46.39 16.44 -10.84
CA ALA B 433 47.23 15.92 -11.95
C ALA B 433 46.95 16.72 -13.22
N MET B 434 47.96 16.88 -14.09
CA MET B 434 47.83 17.63 -15.37
C MET B 434 48.87 17.10 -16.37
N SER B 473 68.57 33.38 9.41
CA SER B 473 67.44 32.56 8.89
C SER B 473 66.75 31.87 10.07
N PRO B 474 65.40 31.77 10.08
CA PRO B 474 64.68 31.16 11.21
C PRO B 474 65.06 29.69 11.46
N VAL B 475 64.62 29.12 12.59
CA VAL B 475 64.98 27.73 12.96
C VAL B 475 64.08 26.73 12.22
N TRP B 476 62.93 27.19 11.71
CA TRP B 476 61.96 26.33 10.96
C TRP B 476 62.32 26.36 9.48
N CYS B 477 63.31 27.16 9.10
CA CYS B 477 63.70 27.35 7.70
C CYS B 477 64.74 26.31 7.31
N GLN B 478 64.42 25.50 6.31
CA GLN B 478 65.33 24.52 5.74
C GLN B 478 65.92 24.99 4.42
N CYS B 479 65.75 26.27 4.06
CA CYS B 479 66.25 26.78 2.79
C CYS B 479 67.11 28.03 2.91
N GLY B 480 67.07 28.73 4.03
CA GLY B 480 68.00 29.81 4.29
C GLY B 480 67.66 31.13 3.64
N SER B 481 66.43 31.32 3.14
CA SER B 481 66.02 32.58 2.56
C SER B 481 64.69 33.06 3.12
N CYS B 482 64.26 32.51 4.25
CA CYS B 482 63.01 32.90 4.89
C CYS B 482 63.27 33.95 5.97
N LEU B 483 62.21 34.70 6.28
CA LEU B 483 62.27 35.81 7.22
C LEU B 483 61.20 35.65 8.28
N PRO B 484 61.38 36.29 9.43
CA PRO B 484 60.33 36.25 10.47
C PRO B 484 59.19 37.20 10.15
N SER B 485 57.99 36.78 10.54
CA SER B 485 56.80 37.56 10.21
C SER B 485 56.69 38.86 10.99
N GLN B 486 56.13 39.85 10.30
CA GLN B 486 55.83 41.18 10.80
C GLN B 486 54.40 41.30 11.28
N LEU B 487 53.62 40.23 11.22
CA LEU B 487 52.26 40.23 11.74
C LEU B 487 52.29 40.34 13.25
N PRO B 488 51.14 40.54 13.89
CA PRO B 488 51.11 40.51 15.36
C PRO B 488 51.55 39.15 15.89
N GLU B 489 52.13 39.16 17.09
CA GLU B 489 52.69 37.94 17.65
C GLU B 489 51.66 36.81 17.70
N SER B 490 50.37 37.16 17.85
CA SER B 490 49.33 36.15 17.84
C SER B 490 49.21 35.47 16.48
N HIS B 491 49.30 36.26 15.41
CA HIS B 491 49.13 35.77 14.05
C HIS B 491 50.46 35.55 13.33
N ARG B 492 51.58 35.57 14.05
CA ARG B 492 52.93 35.46 13.44
C ARG B 492 53.22 34.02 13.02
N CYS B 493 52.52 33.02 13.57
CA CYS B 493 52.83 31.63 13.29
C CYS B 493 52.31 31.15 11.95
N LEU B 494 51.25 31.77 11.43
CA LEU B 494 50.71 31.37 10.15
C LEU B 494 51.75 31.54 9.04
N GLU B 495 52.51 32.62 9.09
CA GLU B 495 53.52 32.91 8.08
C GLU B 495 54.90 32.37 8.45
N GLU B 496 54.98 31.47 9.42
CA GLU B 496 56.24 30.81 9.76
C GLU B 496 56.35 29.49 9.01
N LEU B 497 56.39 29.60 7.69
CA LEU B 497 56.40 28.45 6.80
C LEU B 497 57.53 28.60 5.80
N CYS B 498 58.18 27.48 5.50
CA CYS B 498 59.24 27.40 4.51
C CYS B 498 58.76 26.63 3.29
N CYS B 499 59.52 26.74 2.20
CA CYS B 499 59.17 26.09 0.95
C CYS B 499 59.55 24.63 0.93
N ARG B 500 60.12 24.09 1.99
CA ARG B 500 60.50 22.68 2.00
C ARG B 500 60.56 22.18 3.44
N LYS B 501 60.42 20.86 3.57
CA LYS B 501 60.43 20.19 4.86
C LYS B 501 61.82 19.78 5.30
N LYS B 502 62.72 19.52 4.35
CA LYS B 502 64.06 19.06 4.64
C LYS B 502 65.08 19.98 3.98
N PRO B 503 66.31 20.04 4.50
CA PRO B 503 67.29 21.01 4.00
C PRO B 503 67.60 20.82 2.52
N GLY B 504 67.93 21.93 1.87
CA GLY B 504 68.28 21.92 0.47
C GLY B 504 68.14 23.29 -0.15
N ALA B 505 67.87 23.30 -1.46
CA ALA B 505 67.74 24.54 -2.22
C ALA B 505 66.38 25.19 -1.96
N CYS B 506 66.18 26.37 -2.54
CA CYS B 506 64.98 27.15 -2.36
C CYS B 506 64.22 27.25 -3.67
N ILE B 507 62.88 27.26 -3.57
CA ILE B 507 62.06 27.35 -4.76
C ILE B 507 62.17 28.71 -5.43
N THR B 508 62.60 29.74 -4.68
CA THR B 508 62.76 31.07 -5.27
C THR B 508 63.90 31.14 -6.27
N THR B 509 64.82 30.19 -6.24
CA THR B 509 65.89 30.14 -7.23
C THR B 509 65.46 29.47 -8.52
N SER B 510 64.32 28.79 -8.53
CA SER B 510 63.86 28.12 -9.72
C SER B 510 63.56 29.14 -10.82
N GLU B 511 63.90 28.79 -12.05
CA GLU B 511 63.67 29.70 -13.16
C GLU B 511 62.19 29.99 -13.35
N LEU B 512 61.35 28.97 -13.16
CA LEU B 512 59.92 29.17 -13.30
C LEU B 512 59.41 30.23 -12.33
N PHE B 513 60.06 30.39 -11.18
CA PHE B 513 59.65 31.42 -10.25
C PHE B 513 59.80 32.81 -10.85
N ARG B 514 60.92 33.04 -11.53
CA ARG B 514 61.20 34.36 -12.15
C ARG B 514 60.31 34.52 -13.39
N LYS B 515 60.04 33.43 -14.12
CA LYS B 515 59.27 33.53 -15.35
C LYS B 515 57.78 33.73 -15.10
N LEU B 516 57.23 33.12 -14.05
CA LEU B 516 55.80 33.18 -13.76
C LEU B 516 55.47 34.19 -12.67
N VAL B 517 56.08 34.03 -11.50
CA VAL B 517 55.68 34.82 -10.34
C VAL B 517 56.12 36.26 -10.48
N LEU B 518 57.34 36.49 -10.96
CA LEU B 518 57.94 37.81 -10.96
C LEU B 518 57.96 38.50 -12.31
N SER B 519 57.63 37.80 -13.39
CA SER B 519 57.64 38.43 -14.70
C SER B 519 56.59 39.54 -14.75
N ARG B 520 57.05 40.79 -14.73
CA ARG B 520 56.13 41.91 -14.71
C ARG B 520 55.27 41.94 -15.97
N HIS B 521 55.82 41.47 -17.09
CA HIS B 521 55.05 41.40 -18.33
C HIS B 521 53.90 40.42 -18.20
N VAL B 522 54.17 39.24 -17.65
CA VAL B 522 53.11 38.25 -17.45
C VAL B 522 52.02 38.81 -16.54
N LEU B 523 52.42 39.42 -15.43
CA LEU B 523 51.43 39.94 -14.49
C LEU B 523 50.61 41.05 -15.12
N GLN B 524 51.24 41.95 -15.89
CA GLN B 524 50.46 43.02 -16.51
C GLN B 524 49.52 42.48 -17.57
N PHE B 525 49.96 41.46 -18.31
CA PHE B 525 49.05 40.82 -19.27
C PHE B 525 47.85 40.24 -18.56
N LEU B 526 48.07 39.60 -17.41
CA LEU B 526 46.97 39.05 -16.64
C LEU B 526 46.05 40.15 -16.14
N LEU B 527 46.62 41.27 -15.68
CA LEU B 527 45.80 42.38 -15.21
C LEU B 527 44.96 42.97 -16.35
N LEU B 528 45.57 43.10 -17.53
CA LEU B 528 44.88 43.70 -18.67
C LEU B 528 43.88 42.77 -19.33
N TYR B 529 44.01 41.45 -19.13
CA TYR B 529 43.05 40.53 -19.70
C TYR B 529 41.66 40.81 -19.18
N GLN B 530 41.53 41.01 -17.86
CA GLN B 530 40.23 41.33 -17.28
C GLN B 530 39.84 42.78 -17.55
N GLU B 531 40.82 43.69 -17.52
CA GLU B 531 40.61 45.12 -17.71
C GLU B 531 41.47 45.60 -18.86
N PRO B 532 40.96 45.54 -20.10
CA PRO B 532 41.78 45.94 -21.25
C PRO B 532 42.38 47.33 -21.10
N LEU B 533 41.57 48.33 -20.83
CA LEU B 533 42.04 49.71 -20.73
C LEU B 533 42.22 50.08 -19.26
N LEU B 534 43.25 49.50 -18.66
CA LEU B 534 43.54 49.68 -17.25
C LEU B 534 44.76 50.58 -17.12
N ALA B 535 44.60 51.69 -16.41
CA ALA B 535 45.69 52.59 -16.07
C ALA B 535 45.60 52.92 -14.59
N LEU B 536 46.70 52.72 -13.86
CA LEU B 536 46.71 52.88 -12.42
C LEU B 536 47.99 53.59 -12.00
N ASP B 537 48.00 54.05 -10.75
CA ASP B 537 49.17 54.69 -10.19
C ASP B 537 50.30 53.67 -10.02
N VAL B 538 51.45 54.17 -9.57
CA VAL B 538 52.59 53.28 -9.36
C VAL B 538 52.34 52.35 -8.18
N ASP B 539 51.87 52.89 -7.06
CA ASP B 539 51.63 52.05 -5.88
C ASP B 539 50.46 51.12 -6.10
N SER B 540 49.39 51.62 -6.72
CA SER B 540 48.24 50.76 -7.01
C SER B 540 48.64 49.63 -7.94
N THR B 541 49.42 49.93 -8.97
CA THR B 541 49.88 48.89 -9.89
C THR B 541 50.78 47.89 -9.17
N ASN B 542 51.64 48.37 -8.28
CA ASN B 542 52.50 47.46 -7.52
C ASN B 542 51.66 46.54 -6.65
N SER B 543 50.64 47.06 -5.98
CA SER B 543 49.78 46.22 -5.16
C SER B 543 49.05 45.20 -6.01
N ARG B 544 48.54 45.62 -7.16
CA ARG B 544 47.87 44.71 -8.07
C ARG B 544 48.80 43.58 -8.49
N LEU B 545 50.03 43.92 -8.88
CA LEU B 545 50.97 42.91 -9.31
C LEU B 545 51.40 42.01 -8.17
N ARG B 546 51.46 42.54 -6.94
CA ARG B 546 51.78 41.72 -5.79
C ARG B 546 50.71 40.66 -5.55
N HIS B 547 49.44 41.07 -5.59
CA HIS B 547 48.36 40.11 -5.44
C HIS B 547 48.36 39.11 -6.59
N CYS B 548 48.63 39.58 -7.81
CA CYS B 548 48.70 38.68 -8.95
C CYS B 548 49.82 37.66 -8.79
N ALA B 549 50.95 38.08 -8.24
CA ALA B 549 52.07 37.16 -8.01
C ALA B 549 51.71 36.12 -6.97
N TYR B 550 51.07 36.54 -5.87
CA TYR B 550 50.58 35.56 -4.90
C TYR B 550 49.69 34.52 -5.58
N ARG B 551 48.74 35.00 -6.38
CA ARG B 551 47.79 34.09 -7.03
C ARG B 551 48.50 33.16 -8.02
N CYS B 552 49.48 33.70 -8.75
CA CYS B 552 50.22 32.88 -9.71
C CYS B 552 51.01 31.79 -9.02
N TYR B 553 51.69 32.11 -7.91
CA TYR B 553 52.38 31.07 -7.17
C TYR B 553 51.42 30.02 -6.66
N ALA B 554 50.29 30.45 -6.09
CA ALA B 554 49.33 29.49 -5.54
C ALA B 554 48.77 28.59 -6.63
N THR B 555 48.47 29.14 -7.80
CA THR B 555 47.98 28.33 -8.90
C THR B 555 49.04 27.37 -9.42
N TRP B 556 50.29 27.84 -9.50
CA TRP B 556 51.37 26.98 -9.96
C TRP B 556 51.59 25.78 -9.04
N ARG B 557 51.59 26.02 -7.74
CA ARG B 557 51.96 24.96 -6.80
C ARG B 557 50.77 24.13 -6.32
N PHE B 558 49.57 24.70 -6.27
CA PHE B 558 48.41 24.00 -5.74
C PHE B 558 47.36 23.69 -6.79
N GLY B 559 47.42 24.31 -7.96
CA GLY B 559 46.53 23.96 -9.05
C GLY B 559 45.14 24.53 -8.90
N SER B 560 44.20 23.65 -8.52
CA SER B 560 42.82 24.04 -8.33
C SER B 560 42.70 25.34 -7.55
N GLN B 561 41.79 26.20 -8.00
CA GLN B 561 41.52 27.44 -7.29
C GLN B 561 40.91 27.19 -5.92
N ASP B 562 40.39 25.98 -5.69
CA ASP B 562 39.83 25.65 -4.39
C ASP B 562 40.91 25.63 -3.31
N MET B 563 42.06 25.03 -3.64
CA MET B 563 43.17 24.98 -2.70
C MET B 563 44.03 26.23 -2.79
N ALA B 564 44.11 26.86 -3.96
CA ALA B 564 44.86 28.10 -4.10
C ALA B 564 44.24 29.23 -3.30
N ASP B 565 42.92 29.22 -3.11
CA ASP B 565 42.28 30.27 -2.33
C ASP B 565 42.64 30.17 -0.85
N PHE B 566 42.97 28.97 -0.38
CA PHE B 566 43.32 28.75 1.01
C PHE B 566 44.78 28.35 1.20
N ALA B 567 45.59 28.49 0.16
CA ALA B 567 47.00 28.16 0.27
C ALA B 567 47.71 29.20 1.13
N ILE B 568 48.95 28.88 1.48
CA ILE B 568 49.80 29.76 2.29
C ILE B 568 51.16 29.86 1.62
N LEU B 569 51.57 31.06 1.30
CA LEU B 569 52.86 31.26 0.67
C LEU B 569 53.98 31.15 1.70
N PRO B 570 55.11 30.55 1.34
CA PRO B 570 56.26 30.57 2.24
C PRO B 570 56.81 31.97 2.41
N SER B 571 57.50 32.17 3.54
CA SER B 571 58.09 33.48 3.80
C SER B 571 59.15 33.83 2.77
N CYS B 572 59.88 32.84 2.26
CA CYS B 572 60.87 33.12 1.23
C CYS B 572 60.21 33.68 -0.02
N CYS B 573 59.24 32.95 -0.58
CA CYS B 573 58.53 33.43 -1.76
C CYS B 573 57.69 34.66 -1.44
N ARG B 574 57.04 34.67 -0.28
CA ARG B 574 56.26 35.83 0.13
C ARG B 574 57.09 37.10 0.09
N TRP B 575 58.25 37.09 0.73
CA TRP B 575 59.05 38.30 0.83
C TRP B 575 59.80 38.59 -0.46
N ARG B 576 60.13 37.58 -1.25
CA ARG B 576 60.62 37.85 -2.59
C ARG B 576 59.59 38.64 -3.40
N ILE B 577 58.33 38.20 -3.37
CA ILE B 577 57.28 38.89 -4.11
C ILE B 577 57.09 40.30 -3.56
N ARG B 578 57.03 40.43 -2.24
CA ARG B 578 56.82 41.75 -1.64
C ARG B 578 57.98 42.68 -1.95
N LYS B 579 59.19 42.14 -2.11
CA LYS B 579 60.33 42.95 -2.51
C LYS B 579 60.21 43.40 -3.96
N GLU B 580 59.78 42.52 -4.84
CA GLU B 580 59.69 42.90 -6.25
C GLU B 580 58.55 43.88 -6.50
N PHE B 581 57.49 43.82 -5.70
CA PHE B 581 56.32 44.69 -5.86
C PHE B 581 55.93 45.26 -4.50
N PRO B 582 56.74 46.14 -3.93
CA PRO B 582 56.46 46.66 -2.60
C PRO B 582 55.32 47.67 -2.60
N LYS B 583 54.79 47.91 -1.40
CA LYS B 583 53.79 48.94 -1.19
C LYS B 583 54.47 50.19 -0.61
N SER B 584 53.94 51.35 -0.99
CA SER B 584 54.61 52.60 -0.63
C SER B 584 54.69 52.78 0.88
N GLU B 585 53.60 52.50 1.60
CA GLU B 585 53.56 52.76 3.03
C GLU B 585 52.66 51.73 3.69
N GLY B 586 52.92 51.49 4.97
CA GLY B 586 52.12 50.59 5.77
C GLY B 586 52.69 49.19 5.82
N GLN B 587 51.95 48.31 6.49
CA GLN B 587 52.29 46.91 6.64
C GLN B 587 51.36 46.07 5.75
N TYR B 588 51.64 44.77 5.73
CA TYR B 588 50.91 43.83 4.89
C TYR B 588 49.98 42.99 5.74
N SER B 589 48.70 42.93 5.34
CA SER B 589 47.73 42.13 6.09
C SER B 589 48.03 40.65 6.02
N GLY B 590 48.25 40.13 4.81
CA GLY B 590 48.49 38.72 4.63
C GLY B 590 47.25 37.94 4.23
N PHE B 591 47.25 36.64 4.54
CA PHE B 591 46.17 35.78 4.10
C PHE B 591 44.86 36.13 4.81
N LYS B 592 43.79 36.21 4.02
CA LYS B 592 42.43 36.29 4.54
C LYS B 592 41.60 35.20 3.88
N SER B 593 40.92 34.40 4.68
CA SER B 593 40.07 33.35 4.14
C SER B 593 38.89 34.00 3.43
N PRO B 594 38.59 33.61 2.18
CA PRO B 594 37.42 34.20 1.51
C PRO B 594 36.12 33.98 2.25
N TYR B 595 36.00 32.92 3.03
CA TYR B 595 34.80 32.65 3.80
C TYR B 595 35.09 32.74 5.29
N SER C 6 21.36 0.90 -31.52
CA SER C 6 22.07 -0.34 -31.81
C SER C 6 22.33 -1.12 -30.52
N CYS C 7 22.86 -2.34 -30.66
CA CYS C 7 23.05 -3.20 -29.51
C CYS C 7 24.01 -2.57 -28.50
N SER C 8 25.10 -1.98 -28.98
CA SER C 8 26.07 -1.37 -28.08
C SER C 8 25.45 -0.24 -27.27
N ASP C 9 24.45 0.44 -27.82
CA ASP C 9 23.74 1.48 -27.06
C ASP C 9 22.80 0.88 -26.03
N VAL C 10 22.41 -0.39 -26.18
CA VAL C 10 21.60 -1.05 -25.16
C VAL C 10 22.45 -1.34 -23.94
N PHE C 11 23.70 -1.78 -24.14
CA PHE C 11 24.58 -2.16 -23.05
C PHE C 11 25.32 -0.93 -22.53
N GLN C 12 24.56 -0.07 -21.87
CA GLN C 12 25.08 1.16 -21.29
C GLN C 12 24.50 1.32 -19.89
N TYR C 13 25.28 1.96 -19.03
CA TYR C 13 24.82 2.31 -17.69
C TYR C 13 25.06 3.79 -17.47
N GLU C 14 24.02 4.51 -17.05
CA GLU C 14 24.10 5.92 -16.75
C GLU C 14 24.18 6.10 -15.24
N THR C 15 25.23 6.77 -14.78
CA THR C 15 25.41 7.06 -13.37
C THR C 15 25.43 8.58 -13.18
N ASN C 16 24.86 9.03 -12.08
CA ASN C 16 24.76 10.46 -11.80
C ASN C 16 26.10 10.99 -11.32
N LYS C 17 26.50 12.13 -11.88
CA LYS C 17 27.64 12.86 -11.36
C LYS C 17 27.29 13.49 -10.03
N VAL C 18 28.17 13.35 -9.04
CA VAL C 18 27.87 13.76 -7.68
C VAL C 18 29.03 14.59 -7.13
N THR C 19 28.69 15.46 -6.19
CA THR C 19 29.67 16.23 -5.43
C THR C 19 29.64 15.76 -3.98
N ARG C 20 30.74 15.17 -3.54
CA ARG C 20 30.86 14.68 -2.17
C ARG C 20 31.41 15.78 -1.28
N ILE C 21 30.63 16.17 -0.27
CA ILE C 21 30.97 17.27 0.62
C ILE C 21 31.38 16.70 1.97
N GLN C 22 32.44 17.26 2.54
CA GLN C 22 32.95 16.86 3.85
C GLN C 22 32.51 17.90 4.87
N SER C 23 31.31 17.70 5.41
CA SER C 23 30.72 18.62 6.37
C SER C 23 30.09 17.81 7.49
N MET C 24 30.42 18.18 8.73
CA MET C 24 29.83 17.50 9.87
C MET C 24 28.33 17.72 9.94
N ASN C 25 27.88 18.95 9.70
CA ASN C 25 26.45 19.26 9.81
C ASN C 25 25.63 18.38 8.89
N TYR C 26 26.02 18.29 7.63
CA TYR C 26 25.20 17.61 6.64
C TYR C 26 25.28 16.09 6.79
N GLY C 27 26.45 15.56 7.11
CA GLY C 27 26.54 14.14 7.40
C GLY C 27 25.69 13.75 8.60
N THR C 28 25.76 14.56 9.67
CA THR C 28 24.96 14.30 10.85
C THR C 28 23.47 14.37 10.53
N ILE C 29 23.06 15.37 9.75
CA ILE C 29 21.65 15.49 9.37
C ILE C 29 21.20 14.27 8.57
N LYS C 30 22.02 13.86 7.60
CA LYS C 30 21.68 12.71 6.77
C LYS C 30 21.49 11.46 7.63
N TRP C 31 22.44 11.21 8.53
CA TRP C 31 22.38 9.99 9.33
C TRP C 31 21.24 10.06 10.34
N PHE C 32 20.96 11.24 10.90
CA PHE C 32 19.80 11.40 11.77
C PHE C 32 18.51 11.08 11.02
N PHE C 33 18.33 11.66 9.83
CA PHE C 33 17.16 11.36 9.02
C PHE C 33 17.03 9.86 8.78
N HIS C 34 18.13 9.23 8.36
CA HIS C 34 18.09 7.82 8.01
C HIS C 34 17.73 6.97 9.22
N VAL C 35 18.32 7.25 10.37
CA VAL C 35 18.05 6.46 11.56
C VAL C 35 16.60 6.61 11.99
N ILE C 36 16.09 7.84 12.01
CA ILE C 36 14.70 8.04 12.42
C ILE C 36 13.76 7.31 11.47
N ILE C 37 14.00 7.44 10.16
CA ILE C 37 13.10 6.82 9.18
C ILE C 37 13.15 5.31 9.29
N PHE C 38 14.35 4.74 9.43
CA PHE C 38 14.47 3.30 9.59
C PHE C 38 13.76 2.81 10.84
N SER C 39 13.94 3.52 11.95
CA SER C 39 13.32 3.10 13.20
C SER C 39 11.80 3.14 13.09
N TYR C 40 11.26 4.21 12.52
CA TYR C 40 9.81 4.30 12.36
C TYR C 40 9.29 3.22 11.41
N VAL C 41 10.03 2.93 10.34
CA VAL C 41 9.61 1.93 9.39
C VAL C 41 9.52 0.56 10.06
N CYS C 42 10.56 0.21 10.82
CA CYS C 42 10.54 -1.07 11.52
C CYS C 42 9.45 -1.12 12.58
N PHE C 43 9.26 -0.02 13.32
CA PHE C 43 8.21 0.01 14.33
C PHE C 43 6.84 -0.18 13.71
N ALA C 44 6.55 0.50 12.60
CA ALA C 44 5.27 0.35 11.94
C ALA C 44 5.10 -1.05 11.38
N LEU C 45 6.16 -1.62 10.84
CA LEU C 45 6.08 -2.99 10.33
C LEU C 45 5.75 -3.98 11.44
N VAL C 46 6.34 -3.80 12.62
CA VAL C 46 6.18 -4.76 13.70
C VAL C 46 4.85 -4.57 14.41
N SER C 47 4.46 -3.32 14.67
CA SER C 47 3.28 -3.07 15.49
C SER C 47 1.99 -3.49 14.78
N ASP C 48 1.85 -3.16 13.50
CA ASP C 48 0.67 -3.53 12.73
C ASP C 48 0.89 -4.75 11.87
N LYS C 49 2.02 -5.42 12.01
CA LYS C 49 2.31 -6.67 11.30
C LYS C 49 1.96 -6.54 9.83
N LEU C 50 2.63 -5.61 9.17
CA LEU C 50 2.38 -5.33 7.75
C LEU C 50 3.11 -6.28 6.83
N TYR C 51 3.90 -7.20 7.39
CA TYR C 51 4.46 -8.33 6.65
C TYR C 51 3.50 -9.51 6.58
N GLN C 52 2.37 -9.43 7.28
CA GLN C 52 1.41 -10.52 7.38
C GLN C 52 0.21 -10.29 6.47
N ARG C 53 -0.33 -11.38 5.95
CA ARG C 53 -1.64 -11.39 5.33
C ARG C 53 -2.68 -11.81 6.38
N LYS C 54 -3.73 -11.02 6.51
CA LYS C 54 -4.72 -11.18 7.56
C LYS C 54 -6.00 -11.75 6.99
N GLU C 55 -6.52 -12.79 7.63
CA GLU C 55 -7.76 -13.44 7.25
C GLU C 55 -8.77 -13.31 8.39
N PRO C 56 -10.01 -12.94 8.10
CA PRO C 56 -11.03 -12.93 9.15
C PRO C 56 -11.45 -14.34 9.56
N VAL C 57 -11.98 -14.42 10.76
CA VAL C 57 -12.29 -15.68 11.41
C VAL C 57 -13.64 -16.20 10.95
N ILE C 58 -13.70 -17.52 10.68
CA ILE C 58 -14.95 -18.25 10.47
C ILE C 58 -15.23 -19.05 11.73
N SER C 59 -16.38 -18.81 12.35
CA SER C 59 -16.65 -19.28 13.70
C SER C 59 -17.90 -20.15 13.78
N SER C 60 -17.84 -21.14 14.66
CA SER C 60 -19.00 -21.95 15.04
C SER C 60 -19.06 -22.02 16.56
N VAL C 61 -20.24 -21.79 17.12
CA VAL C 61 -20.44 -21.73 18.56
C VAL C 61 -21.44 -22.81 18.98
N HIS C 62 -21.15 -23.45 20.11
CA HIS C 62 -22.04 -24.44 20.71
C HIS C 62 -22.08 -24.20 22.21
N THR C 63 -23.28 -24.06 22.75
CA THR C 63 -23.49 -23.69 24.15
C THR C 63 -24.21 -24.80 24.91
N LYS C 64 -23.98 -24.80 26.22
CA LYS C 64 -24.60 -25.76 27.14
C LYS C 64 -24.91 -25.03 28.44
N VAL C 65 -26.18 -24.73 28.67
CA VAL C 65 -26.65 -24.07 29.89
C VAL C 65 -27.00 -25.11 30.92
N LYS C 66 -26.70 -24.82 32.18
CA LYS C 66 -26.91 -25.73 33.28
C LYS C 66 -27.51 -24.98 34.46
N GLY C 67 -28.47 -25.61 35.13
CA GLY C 67 -29.10 -25.05 36.32
C GLY C 67 -30.60 -25.23 36.39
N ILE C 68 -31.11 -25.29 37.61
CA ILE C 68 -32.53 -25.38 37.90
C ILE C 68 -32.92 -24.23 38.81
N ALA C 69 -34.18 -23.83 38.73
CA ALA C 69 -34.72 -22.74 39.52
C ALA C 69 -35.99 -23.18 40.23
N GLU C 70 -36.11 -22.77 41.49
CA GLU C 70 -37.35 -22.90 42.24
C GLU C 70 -38.16 -21.63 42.09
N VAL C 71 -39.42 -21.77 41.70
CA VAL C 71 -40.27 -20.65 41.31
C VAL C 71 -41.49 -20.62 42.22
N LYS C 72 -41.80 -19.44 42.74
CA LYS C 72 -42.97 -19.20 43.58
C LYS C 72 -43.96 -18.34 42.80
N GLU C 73 -45.13 -18.90 42.50
CA GLU C 73 -46.20 -18.17 41.83
C GLU C 73 -47.47 -18.32 42.64
N GLU C 74 -48.07 -17.19 43.02
CA GLU C 74 -49.30 -17.20 43.80
C GLU C 74 -50.43 -17.84 43.00
N ILE C 75 -51.19 -18.71 43.66
CA ILE C 75 -52.30 -19.40 43.03
C ILE C 75 -53.00 -20.30 44.05
N LEU C 83 -49.97 -20.13 47.32
CA LEU C 83 -48.64 -20.14 46.74
C LEU C 83 -48.17 -21.56 46.46
N VAL C 84 -47.49 -21.74 45.34
CA VAL C 84 -47.00 -23.05 44.92
C VAL C 84 -45.50 -22.95 44.64
N HIS C 85 -44.82 -24.08 44.84
CA HIS C 85 -43.40 -24.19 44.59
C HIS C 85 -43.17 -25.17 43.44
N SER C 86 -42.47 -24.72 42.41
CA SER C 86 -42.20 -25.50 41.23
C SER C 86 -40.73 -25.38 40.86
N VAL C 87 -40.23 -26.41 40.19
CA VAL C 87 -38.85 -26.48 39.75
C VAL C 87 -38.80 -26.35 38.24
N PHE C 88 -38.00 -25.41 37.76
CA PHE C 88 -37.78 -25.19 36.35
C PHE C 88 -36.39 -25.68 35.97
N ASP C 89 -36.32 -26.54 34.96
CA ASP C 89 -35.06 -27.00 34.41
C ASP C 89 -34.92 -26.50 32.96
N THR C 90 -33.81 -26.89 32.34
CA THR C 90 -33.45 -26.36 31.03
C THR C 90 -34.58 -26.52 30.02
N ALA C 91 -35.31 -27.63 30.08
CA ALA C 91 -36.43 -27.84 29.18
C ALA C 91 -37.55 -26.84 29.40
N ASP C 92 -37.53 -26.10 30.52
CA ASP C 92 -38.58 -25.15 30.84
C ASP C 92 -38.19 -23.70 30.64
N TYR C 93 -36.91 -23.39 30.46
CA TYR C 93 -36.49 -22.00 30.35
C TYR C 93 -35.52 -21.70 29.21
N THR C 94 -34.99 -22.71 28.51
CA THR C 94 -34.06 -22.45 27.42
C THR C 94 -34.29 -23.43 26.29
N PHE C 95 -33.82 -23.04 25.11
CA PHE C 95 -33.81 -23.84 23.90
C PHE C 95 -32.42 -23.79 23.31
N PRO C 96 -32.03 -24.79 22.52
CA PRO C 96 -30.67 -24.82 21.97
C PRO C 96 -30.33 -23.56 21.21
N LEU C 97 -29.07 -23.13 21.34
CA LEU C 97 -28.61 -21.88 20.74
C LEU C 97 -28.83 -21.88 19.23
N GLN C 98 -29.39 -20.78 18.73
CA GLN C 98 -29.63 -20.59 17.31
C GLN C 98 -29.03 -19.26 16.88
N GLY C 99 -28.27 -19.28 15.79
CA GLY C 99 -27.68 -18.06 15.28
C GLY C 99 -26.76 -17.37 16.27
N ASN C 100 -25.93 -18.14 16.97
CA ASN C 100 -24.97 -17.58 17.93
C ASN C 100 -25.66 -16.79 19.03
N SER C 101 -26.87 -17.21 19.41
CA SER C 101 -27.61 -16.59 20.50
C SER C 101 -28.38 -17.66 21.24
N PHE C 102 -28.45 -17.52 22.57
CA PHE C 102 -29.29 -18.37 23.41
C PHE C 102 -30.07 -17.50 24.39
N PHE C 103 -31.24 -17.99 24.76
CA PHE C 103 -32.20 -17.25 25.57
C PHE C 103 -32.48 -18.00 26.87
N VAL C 104 -32.56 -17.26 27.96
CA VAL C 104 -32.93 -17.79 29.27
C VAL C 104 -34.11 -16.98 29.78
N MET C 105 -35.24 -17.66 30.00
CA MET C 105 -36.40 -17.02 30.60
C MET C 105 -36.16 -16.72 32.06
N THR C 106 -36.54 -15.51 32.47
CA THR C 106 -36.38 -15.04 33.84
C THR C 106 -37.69 -14.65 34.50
N ASN C 107 -38.74 -14.41 33.73
CA ASN C 107 -40.02 -13.97 34.25
C ASN C 107 -41.08 -14.33 33.23
N PHE C 108 -42.32 -14.44 33.71
CA PHE C 108 -43.40 -14.77 32.80
C PHE C 108 -44.73 -14.35 33.42
N LEU C 109 -45.66 -13.99 32.54
CA LEU C 109 -47.06 -13.80 32.89
C LEU C 109 -47.88 -14.79 32.08
N LYS C 110 -48.84 -15.43 32.73
CA LYS C 110 -49.57 -16.54 32.15
C LYS C 110 -51.06 -16.22 32.08
N THR C 111 -51.68 -16.61 30.96
CA THR C 111 -53.12 -16.40 30.72
C THR C 111 -53.70 -17.72 30.22
N GLU C 112 -54.33 -18.47 31.12
CA GLU C 112 -54.85 -19.80 30.80
C GLU C 112 -56.21 -19.75 30.11
N GLY C 113 -56.46 -20.81 29.34
CA GLY C 113 -57.79 -21.11 28.82
C GLY C 113 -58.39 -20.10 27.87
N GLN C 114 -57.60 -19.59 26.93
CA GLN C 114 -58.11 -18.66 25.95
C GLN C 114 -58.87 -19.41 24.85
N GLU C 115 -59.96 -18.81 24.40
CA GLU C 115 -60.76 -19.34 23.31
C GLU C 115 -61.01 -18.25 22.28
N GLN C 116 -61.12 -18.64 21.03
CA GLN C 116 -61.54 -17.73 19.97
C GLN C 116 -63.02 -17.47 20.14
N ARG C 117 -63.36 -16.29 20.67
CA ARG C 117 -64.71 -15.97 21.07
C ARG C 117 -64.92 -14.47 20.93
N LEU C 118 -66.03 -14.00 21.47
CA LEU C 118 -66.30 -12.58 21.67
C LEU C 118 -66.24 -12.30 23.17
N CYS C 119 -65.57 -11.22 23.54
CA CYS C 119 -65.34 -10.91 24.94
C CYS C 119 -65.27 -9.40 25.12
N PRO C 120 -65.51 -8.91 26.33
CA PRO C 120 -65.18 -7.51 26.63
C PRO C 120 -63.68 -7.31 26.73
N GLU C 121 -63.21 -6.23 26.14
CA GLU C 121 -61.80 -5.89 26.26
C GLU C 121 -61.48 -5.48 27.68
N TYR C 122 -60.25 -5.75 28.10
CA TYR C 122 -59.85 -5.45 29.46
C TYR C 122 -59.93 -3.94 29.70
N PRO C 123 -60.42 -3.51 30.87
CA PRO C 123 -60.67 -2.08 31.06
C PRO C 123 -59.42 -1.22 30.93
N THR C 124 -59.53 -0.18 30.10
CA THR C 124 -58.50 0.83 29.95
C THR C 124 -59.20 2.12 29.57
N ARG C 125 -58.44 3.23 29.58
CA ARG C 125 -58.98 4.49 29.13
C ARG C 125 -59.54 4.37 27.72
N ARG C 126 -58.84 3.62 26.86
CA ARG C 126 -59.28 3.47 25.47
C ARG C 126 -60.52 2.57 25.38
N THR C 127 -60.52 1.46 26.10
CA THR C 127 -61.58 0.46 25.95
C THR C 127 -62.78 0.73 26.83
N LEU C 128 -62.72 1.71 27.72
CA LEU C 128 -63.86 2.03 28.57
C LEU C 128 -64.89 2.83 27.78
N CYS C 129 -66.12 2.33 27.75
CA CYS C 129 -67.22 2.91 27.00
C CYS C 129 -68.28 3.43 27.95
N SER C 130 -69.28 4.10 27.36
CA SER C 130 -70.53 4.41 28.04
C SER C 130 -71.74 4.01 27.21
N SER C 131 -71.59 3.82 25.90
CA SER C 131 -72.66 3.35 25.03
C SER C 131 -72.01 2.77 23.78
N ASP C 132 -72.84 2.19 22.92
CA ASP C 132 -72.34 1.60 21.68
C ASP C 132 -71.85 2.65 20.70
N ARG C 133 -71.91 3.93 21.03
CA ARG C 133 -71.39 4.98 20.17
C ARG C 133 -69.89 5.20 20.34
N GLY C 134 -69.29 4.67 21.41
CA GLY C 134 -67.87 4.79 21.63
C GLY C 134 -67.03 3.72 20.96
N CYS C 135 -67.71 2.77 20.30
CA CYS C 135 -67.04 1.68 19.64
C CYS C 135 -67.51 1.52 18.20
N LYS C 136 -66.63 1.08 17.30
CA LYS C 136 -66.96 0.94 15.88
C LYS C 136 -66.65 -0.43 15.37
N LYS C 137 -67.59 -1.04 14.66
CA LYS C 137 -67.38 -2.38 14.16
C LYS C 137 -66.21 -2.45 13.20
N GLY C 138 -65.34 -3.43 13.41
CA GLY C 138 -64.21 -3.62 12.53
C GLY C 138 -63.01 -2.80 12.88
N TRP C 139 -62.98 -2.23 14.07
CA TRP C 139 -61.88 -1.35 14.44
C TRP C 139 -60.61 -2.10 14.88
N MET C 140 -59.45 -1.75 14.31
CA MET C 140 -58.20 -2.41 14.68
C MET C 140 -57.30 -1.37 15.32
N ASP C 141 -57.42 -1.21 16.63
CA ASP C 141 -56.53 -0.32 17.34
C ASP C 141 -55.15 -0.95 17.46
N PRO C 142 -54.07 -0.19 17.22
CA PRO C 142 -52.74 -0.78 17.33
C PRO C 142 -52.41 -1.27 18.72
N GLN C 143 -53.16 -0.86 19.75
CA GLN C 143 -52.92 -1.27 21.11
C GLN C 143 -53.88 -2.35 21.57
N SER C 144 -54.61 -2.97 20.65
CA SER C 144 -55.54 -4.04 20.97
C SER C 144 -55.14 -5.33 20.25
N LYS C 145 -55.43 -6.45 20.90
CA LYS C 145 -55.25 -7.78 20.33
C LYS C 145 -56.55 -8.35 19.78
N GLY C 146 -57.56 -7.50 19.57
CA GLY C 146 -58.84 -7.95 19.07
C GLY C 146 -59.45 -6.93 18.13
N ILE C 147 -60.55 -7.35 17.50
CA ILE C 147 -61.28 -6.53 16.54
C ILE C 147 -62.65 -6.21 17.10
N GLN C 148 -62.97 -4.92 17.16
CA GLN C 148 -64.23 -4.46 17.73
C GLN C 148 -65.41 -4.96 16.92
N THR C 149 -66.50 -5.25 17.62
CA THR C 149 -67.76 -5.65 16.99
C THR C 149 -68.78 -4.53 16.93
N GLY C 150 -68.45 -3.34 17.44
CA GLY C 150 -69.32 -2.19 17.38
C GLY C 150 -70.20 -1.99 18.59
N ARG C 151 -70.28 -2.96 19.49
CA ARG C 151 -71.09 -2.86 20.69
C ARG C 151 -70.23 -3.11 21.92
N CYS C 152 -70.47 -2.33 22.97
CA CYS C 152 -69.66 -2.39 24.17
C CYS C 152 -70.47 -3.00 25.32
N VAL C 153 -69.77 -3.71 26.19
CA VAL C 153 -70.37 -4.65 27.14
C VAL C 153 -69.76 -4.43 28.52
N VAL C 154 -70.25 -5.18 29.49
CA VAL C 154 -69.78 -5.12 30.87
C VAL C 154 -68.61 -6.07 31.08
N TYR C 155 -67.51 -5.54 31.62
CA TYR C 155 -66.40 -6.38 32.03
C TYR C 155 -66.61 -6.92 33.44
N GLU C 156 -66.99 -6.05 34.37
CA GLU C 156 -67.18 -6.43 35.77
C GLU C 156 -68.03 -5.36 36.41
N GLY C 157 -69.22 -5.75 36.88
CA GLY C 157 -70.10 -4.81 37.55
C GLY C 157 -70.36 -3.53 36.80
N ASN C 158 -69.89 -2.41 37.35
CA ASN C 158 -70.14 -1.11 36.73
C ASN C 158 -69.30 -0.92 35.48
N GLN C 159 -68.15 -1.58 35.39
CA GLN C 159 -67.22 -1.32 34.30
C GLN C 159 -67.86 -1.67 32.96
N LYS C 160 -67.73 -0.76 32.00
CA LYS C 160 -68.25 -0.95 30.65
C LYS C 160 -67.09 -0.90 29.68
N THR C 161 -66.97 -1.92 28.83
CA THR C 161 -65.85 -2.02 27.90
C THR C 161 -66.35 -2.45 26.54
N CYS C 162 -65.59 -2.08 25.50
CA CYS C 162 -65.91 -2.45 24.14
C CYS C 162 -65.76 -3.95 23.94
N GLU C 163 -66.65 -4.52 23.13
CA GLU C 163 -66.58 -5.92 22.79
C GLU C 163 -65.65 -6.13 21.60
N VAL C 164 -64.89 -7.23 21.64
CA VAL C 164 -63.95 -7.55 20.59
C VAL C 164 -64.02 -9.04 20.29
N SER C 165 -63.77 -9.38 19.02
CA SER C 165 -63.50 -10.75 18.64
C SER C 165 -62.00 -10.98 18.74
N ALA C 166 -61.61 -12.01 19.48
CA ALA C 166 -60.20 -12.23 19.80
C ALA C 166 -60.09 -13.59 20.49
N TRP C 167 -58.87 -13.89 20.93
CA TRP C 167 -58.68 -14.94 21.93
C TRP C 167 -59.14 -14.43 23.28
N CYS C 168 -60.07 -15.14 23.89
CA CYS C 168 -60.70 -14.65 25.10
C CYS C 168 -60.60 -15.71 26.20
N PRO C 169 -60.40 -15.29 27.45
CA PRO C 169 -60.33 -13.92 27.97
C PRO C 169 -59.09 -13.15 27.56
N ILE C 170 -59.26 -11.83 27.44
CA ILE C 170 -58.17 -10.95 27.02
C ILE C 170 -57.14 -10.81 28.14
N GLU C 171 -55.88 -10.64 27.74
CA GLU C 171 -54.81 -10.49 28.71
C GLU C 171 -55.02 -9.24 29.55
N ALA C 172 -54.72 -9.35 30.84
CA ALA C 172 -54.76 -8.19 31.72
C ALA C 172 -53.54 -7.32 31.48
N VAL C 173 -53.75 -6.00 31.61
CA VAL C 173 -52.65 -5.05 31.54
C VAL C 173 -51.96 -5.05 32.89
N GLU C 174 -50.86 -5.77 32.99
CA GLU C 174 -50.15 -5.98 34.25
C GLU C 174 -48.67 -5.85 34.00
N GLU C 175 -47.96 -5.29 34.98
CA GLU C 175 -46.52 -5.17 34.91
C GLU C 175 -45.86 -6.51 35.23
N ALA C 176 -44.61 -6.63 34.82
CA ALA C 176 -43.87 -7.85 35.04
C ALA C 176 -43.74 -8.12 36.54
N PRO C 177 -43.84 -9.37 36.97
CA PRO C 177 -43.73 -9.65 38.41
C PRO C 177 -42.42 -9.15 38.98
N ARG C 178 -42.52 -8.58 40.19
CA ARG C 178 -41.37 -8.10 40.94
C ARG C 178 -41.44 -8.73 42.32
N PRO C 179 -40.43 -9.52 42.73
CA PRO C 179 -39.21 -9.91 42.03
C PRO C 179 -39.43 -10.96 40.95
N ALA C 180 -38.47 -11.08 40.04
CA ALA C 180 -38.58 -12.04 38.96
C ALA C 180 -38.69 -13.46 39.50
N LEU C 181 -39.50 -14.27 38.81
CA LEU C 181 -39.76 -15.62 39.27
C LEU C 181 -38.55 -16.53 39.13
N LEU C 182 -37.69 -16.26 38.16
CA LEU C 182 -36.47 -17.06 37.98
C LEU C 182 -35.21 -16.28 38.30
N ASN C 183 -35.28 -15.37 39.27
CA ASN C 183 -34.10 -14.64 39.71
C ASN C 183 -32.92 -15.53 40.11
N SER C 184 -33.17 -16.80 40.40
CA SER C 184 -32.09 -17.75 40.66
C SER C 184 -31.28 -18.06 39.41
N ALA C 185 -31.72 -17.57 38.25
CA ALA C 185 -31.00 -17.78 37.01
C ALA C 185 -29.60 -17.18 37.02
N GLU C 186 -29.33 -16.24 37.92
CA GLU C 186 -27.97 -15.69 38.00
C GLU C 186 -26.96 -16.73 38.44
N ASN C 187 -27.40 -17.84 39.02
CA ASN C 187 -26.53 -18.95 39.38
C ASN C 187 -26.44 -20.01 38.30
N PHE C 188 -27.16 -19.84 37.19
CA PHE C 188 -26.98 -20.73 36.05
C PHE C 188 -25.60 -20.51 35.44
N THR C 189 -25.09 -21.57 34.82
CA THR C 189 -23.81 -21.54 34.14
C THR C 189 -24.01 -21.91 32.68
N VAL C 190 -23.13 -21.40 31.83
CA VAL C 190 -23.12 -21.74 30.42
C VAL C 190 -21.69 -22.09 30.02
N LEU C 191 -21.53 -23.21 29.35
CA LEU C 191 -20.27 -23.61 28.74
C LEU C 191 -20.33 -23.28 27.26
N ILE C 192 -19.35 -22.50 26.79
CA ILE C 192 -19.27 -22.06 25.40
C ILE C 192 -18.13 -22.81 24.74
N LYS C 193 -18.42 -23.43 23.61
CA LYS C 193 -17.43 -24.05 22.76
C LYS C 193 -17.36 -23.28 21.45
N ASN C 194 -16.17 -22.81 21.10
CA ASN C 194 -15.95 -21.98 19.93
C ASN C 194 -14.94 -22.64 19.02
N ASN C 195 -15.39 -23.01 17.82
CA ASN C 195 -14.54 -23.52 16.77
C ASN C 195 -14.32 -22.42 15.74
N ILE C 196 -13.06 -22.19 15.37
CA ILE C 196 -12.72 -21.17 14.40
C ILE C 196 -11.80 -21.76 13.34
N ASP C 197 -11.73 -21.07 12.21
CA ASP C 197 -10.98 -21.52 11.06
C ASP C 197 -10.52 -20.32 10.26
N PHE C 198 -9.35 -20.47 9.63
CA PHE C 198 -8.85 -19.53 8.64
C PHE C 198 -8.65 -20.32 7.35
N PRO C 199 -9.66 -20.36 6.48
CA PRO C 199 -9.57 -21.26 5.31
C PRO C 199 -8.40 -20.96 4.40
N GLY C 200 -8.05 -19.69 4.22
CA GLY C 200 -6.92 -19.35 3.38
C GLY C 200 -5.60 -19.82 3.95
N HIS C 201 -5.40 -19.65 5.26
CA HIS C 201 -4.21 -20.15 5.93
C HIS C 201 -4.30 -21.61 6.30
N ASN C 202 -5.43 -22.24 6.07
CA ASN C 202 -5.66 -23.67 6.37
C ASN C 202 -5.30 -23.92 7.85
N TYR C 203 -5.91 -23.18 8.77
CA TYR C 203 -5.72 -23.34 10.20
C TYR C 203 -7.06 -23.32 10.90
N THR C 204 -7.27 -24.27 11.80
CA THR C 204 -8.42 -24.29 12.68
C THR C 204 -7.99 -24.72 14.07
N THR C 205 -8.56 -24.08 15.08
CA THR C 205 -8.34 -24.44 16.47
C THR C 205 -9.66 -24.28 17.21
N ARG C 206 -9.60 -24.36 18.54
CA ARG C 206 -10.78 -24.22 19.36
C ARG C 206 -10.38 -23.64 20.71
N ASN C 207 -11.40 -23.22 21.46
CA ASN C 207 -11.20 -22.49 22.71
C ASN C 207 -10.92 -23.40 23.90
N ILE C 208 -11.15 -24.70 23.79
CA ILE C 208 -10.91 -25.64 24.86
C ILE C 208 -9.81 -26.56 24.40
N LEU C 209 -8.67 -26.43 24.99
CA LEU C 209 -7.53 -27.26 24.67
C LEU C 209 -7.38 -28.38 25.69
N PRO C 210 -6.79 -29.51 25.29
CA PRO C 210 -6.60 -30.60 26.25
C PRO C 210 -5.78 -30.14 27.44
N GLY C 211 -6.19 -30.60 28.62
CA GLY C 211 -5.58 -30.19 29.87
C GLY C 211 -6.29 -29.05 30.57
N LEU C 212 -7.13 -28.30 29.85
CA LEU C 212 -7.85 -27.20 30.46
C LEU C 212 -8.72 -27.71 31.61
N ASN C 213 -8.66 -27.01 32.73
CA ASN C 213 -9.50 -27.34 33.88
C ASN C 213 -10.98 -27.20 33.51
N ILE C 214 -11.78 -28.19 33.88
CA ILE C 214 -13.17 -28.28 33.47
C ILE C 214 -14.14 -28.05 34.62
N THR C 215 -13.63 -27.69 35.80
CA THR C 215 -14.49 -27.40 36.94
C THR C 215 -14.43 -25.94 37.37
N CYS C 216 -13.73 -25.11 36.61
CA CYS C 216 -13.53 -23.72 36.97
C CYS C 216 -14.72 -22.87 36.53
N THR C 217 -14.68 -21.60 36.92
CA THR C 217 -15.56 -20.58 36.42
C THR C 217 -14.72 -19.38 36.00
N PHE C 218 -15.15 -18.70 34.95
CA PHE C 218 -14.35 -17.63 34.37
C PHE C 218 -14.07 -16.53 35.38
N HIS C 219 -12.85 -16.01 35.33
CA HIS C 219 -12.46 -14.80 36.03
C HIS C 219 -11.40 -14.12 35.19
N LYS C 220 -11.50 -12.80 35.05
CA LYS C 220 -10.63 -12.09 34.13
C LYS C 220 -9.16 -12.17 34.51
N THR C 221 -8.84 -12.38 35.79
CA THR C 221 -7.47 -12.49 36.24
C THR C 221 -7.08 -13.89 36.67
N GLN C 222 -7.98 -14.62 37.31
CA GLN C 222 -7.67 -15.93 37.87
C GLN C 222 -7.88 -17.07 36.88
N ASN C 223 -9.01 -17.07 36.18
CA ASN C 223 -9.33 -18.10 35.18
C ASN C 223 -9.79 -17.41 33.90
N PRO C 224 -8.89 -16.70 33.23
CA PRO C 224 -9.27 -15.97 32.02
C PRO C 224 -9.46 -16.83 30.79
N GLN C 225 -9.30 -18.16 30.90
CA GLN C 225 -9.50 -19.06 29.79
C GLN C 225 -10.52 -20.15 30.08
N CYS C 226 -11.19 -20.12 31.22
CA CYS C 226 -12.24 -21.08 31.50
C CYS C 226 -13.51 -20.68 30.74
N PRO C 227 -14.05 -21.54 29.89
CA PRO C 227 -15.20 -21.14 29.07
C PRO C 227 -16.55 -21.33 29.75
N ILE C 228 -16.54 -21.52 31.07
CA ILE C 228 -17.77 -21.63 31.86
C ILE C 228 -18.04 -20.30 32.54
N PHE C 229 -19.23 -19.77 32.34
CA PHE C 229 -19.59 -18.45 32.83
C PHE C 229 -20.86 -18.53 33.67
N ARG C 230 -20.80 -17.95 34.87
CA ARG C 230 -21.99 -17.68 35.64
C ARG C 230 -22.60 -16.37 35.17
N LEU C 231 -23.91 -16.38 34.94
CA LEU C 231 -24.58 -15.24 34.31
C LEU C 231 -24.53 -14.00 35.19
N GLY C 232 -24.75 -14.17 36.49
CA GLY C 232 -24.63 -13.06 37.41
C GLY C 232 -23.25 -12.43 37.38
N ASP C 233 -22.21 -13.27 37.23
CA ASP C 233 -20.86 -12.74 37.14
C ASP C 233 -20.66 -11.91 35.87
N ILE C 234 -21.29 -12.33 34.78
CA ILE C 234 -21.27 -11.53 33.56
C ILE C 234 -21.87 -10.16 33.81
N PHE C 235 -23.06 -10.14 34.42
CA PHE C 235 -23.73 -8.87 34.65
C PHE C 235 -22.93 -7.99 35.61
N ARG C 236 -22.30 -8.61 36.61
CA ARG C 236 -21.45 -7.87 37.53
C ARG C 236 -20.25 -7.27 36.80
N GLU C 237 -19.65 -8.03 35.89
CA GLU C 237 -18.55 -7.50 35.09
C GLU C 237 -18.98 -6.31 34.25
N THR C 238 -20.21 -6.33 33.75
CA THR C 238 -20.70 -5.20 32.96
C THR C 238 -21.20 -4.05 33.82
N GLY C 239 -21.40 -4.25 35.13
CA GLY C 239 -21.96 -3.22 35.98
C GLY C 239 -23.46 -3.14 35.99
N ASP C 240 -24.15 -4.26 35.79
CA ASP C 240 -25.61 -4.30 35.79
C ASP C 240 -26.10 -5.20 36.92
N ASN C 241 -27.34 -4.96 37.35
CA ASN C 241 -28.03 -5.83 38.27
C ASN C 241 -28.71 -6.93 37.49
N PHE C 242 -28.46 -8.18 37.85
CA PHE C 242 -29.24 -9.28 37.26
C PHE C 242 -30.67 -9.24 37.75
N SER C 243 -30.88 -8.82 39.01
CA SER C 243 -32.22 -8.80 39.56
C SER C 243 -33.14 -7.85 38.82
N ASP C 244 -32.65 -6.65 38.47
CA ASP C 244 -33.47 -5.67 37.78
C ASP C 244 -33.69 -6.04 36.32
N VAL C 245 -32.64 -6.49 35.63
CA VAL C 245 -32.77 -6.86 34.23
C VAL C 245 -33.62 -8.10 34.06
N ALA C 246 -33.62 -8.99 35.06
CA ALA C 246 -34.41 -10.21 34.99
C ALA C 246 -35.91 -9.93 35.05
N ILE C 247 -36.32 -8.76 35.49
CA ILE C 247 -37.75 -8.45 35.62
C ILE C 247 -38.36 -8.20 34.24
N GLN C 248 -37.78 -7.28 33.47
CA GLN C 248 -38.30 -6.94 32.16
C GLN C 248 -37.50 -7.54 31.01
N GLY C 249 -36.28 -7.99 31.27
CA GLY C 249 -35.46 -8.63 30.27
C GLY C 249 -34.40 -7.71 29.70
N GLY C 250 -33.59 -8.29 28.84
CA GLY C 250 -32.52 -7.55 28.20
C GLY C 250 -31.73 -8.42 27.26
N ILE C 251 -30.67 -7.85 26.72
CA ILE C 251 -29.76 -8.54 25.81
C ILE C 251 -28.34 -8.27 26.27
N MET C 252 -27.55 -9.33 26.40
CA MET C 252 -26.17 -9.25 26.84
C MET C 252 -25.27 -9.89 25.79
N GLY C 253 -24.14 -9.24 25.52
CA GLY C 253 -23.17 -9.74 24.57
C GLY C 253 -21.97 -10.38 25.24
N ILE C 254 -21.59 -11.54 24.73
CA ILE C 254 -20.36 -12.20 25.10
C ILE C 254 -19.44 -12.13 23.89
N GLU C 255 -18.35 -11.37 24.03
CA GLU C 255 -17.42 -11.15 22.94
C GLU C 255 -16.23 -12.09 23.07
N ILE C 256 -15.88 -12.75 21.97
CA ILE C 256 -14.71 -13.61 21.89
C ILE C 256 -13.82 -13.05 20.80
N TYR C 257 -12.70 -12.48 21.20
CA TYR C 257 -11.75 -11.86 20.28
C TYR C 257 -10.60 -12.82 20.01
N TRP C 258 -10.27 -13.00 18.73
CA TRP C 258 -9.17 -13.86 18.30
C TRP C 258 -8.16 -12.99 17.56
N ASP C 259 -7.05 -12.68 18.23
CA ASP C 259 -5.91 -12.01 17.60
C ASP C 259 -4.82 -13.08 17.49
N CYS C 260 -4.76 -13.73 16.35
CA CYS C 260 -3.97 -14.95 16.18
C CYS C 260 -2.81 -14.72 15.23
N ASN C 261 -1.64 -15.23 15.63
CA ASN C 261 -0.44 -15.23 14.81
C ASN C 261 -0.12 -16.67 14.46
N LEU C 262 -0.07 -16.96 13.18
CA LEU C 262 0.11 -18.32 12.69
C LEU C 262 1.52 -18.60 12.20
N ASP C 263 2.47 -17.72 12.49
CA ASP C 263 3.88 -18.03 12.27
C ASP C 263 4.34 -19.02 13.33
N ARG C 264 4.98 -20.10 12.88
CA ARG C 264 5.21 -21.23 13.77
C ARG C 264 6.23 -20.90 14.87
N TRP C 265 7.07 -19.89 14.66
CA TRP C 265 7.99 -19.46 15.71
C TRP C 265 7.32 -18.55 16.73
N PHE C 266 6.39 -17.70 16.28
CA PHE C 266 5.68 -16.77 17.14
C PHE C 266 4.21 -17.13 17.33
N HIS C 267 3.89 -18.41 17.17
CA HIS C 267 2.50 -18.85 17.15
C HIS C 267 1.75 -18.63 18.46
N HIS C 268 0.62 -17.94 18.36
CA HIS C 268 -0.28 -17.78 19.49
C HIS C 268 -1.69 -17.56 18.94
N CYS C 269 -2.62 -18.42 19.35
CA CYS C 269 -4.02 -18.30 18.94
C CYS C 269 -4.91 -18.71 20.12
N ARG C 270 -5.25 -17.74 20.95
CA ARG C 270 -6.15 -17.94 22.08
C ARG C 270 -7.21 -16.86 22.09
N PRO C 271 -8.37 -17.14 22.68
CA PRO C 271 -9.43 -16.13 22.76
C PRO C 271 -9.35 -15.23 23.97
N LYS C 272 -9.84 -14.01 23.78
CA LYS C 272 -10.00 -13.03 24.83
C LYS C 272 -11.49 -12.78 25.01
N TYR C 273 -11.98 -12.98 26.23
CA TYR C 273 -13.41 -12.87 26.53
C TYR C 273 -13.73 -11.50 27.09
N SER C 274 -14.90 -10.98 26.70
CA SER C 274 -15.34 -9.65 27.10
C SER C 274 -16.86 -9.63 27.08
N PHE C 275 -17.44 -8.66 27.77
CA PHE C 275 -18.88 -8.59 27.96
C PHE C 275 -19.38 -7.17 27.74
N ARG C 276 -20.56 -7.08 27.11
CA ARG C 276 -21.15 -5.80 26.73
C ARG C 276 -22.65 -5.95 26.67
N ARG C 277 -23.37 -5.05 27.35
CA ARG C 277 -24.81 -5.02 27.25
C ARG C 277 -25.23 -4.44 25.91
N LEU C 278 -26.18 -5.11 25.26
CA LEU C 278 -26.55 -4.79 23.89
C LEU C 278 -27.91 -4.13 23.76
N ASP C 279 -28.76 -4.23 24.76
CA ASP C 279 -30.06 -3.58 24.73
C ASP C 279 -29.94 -2.18 25.31
N ASP C 280 -30.69 -1.26 24.74
CA ASP C 280 -30.74 0.10 25.27
C ASP C 280 -31.49 0.10 26.59
N LYS C 281 -30.92 0.76 27.59
CA LYS C 281 -31.54 0.82 28.90
C LYS C 281 -32.58 1.93 28.87
N THR C 282 -33.58 1.77 28.01
CA THR C 282 -34.61 2.78 27.84
C THR C 282 -35.74 2.50 28.82
N THR C 283 -36.31 3.56 29.36
CA THR C 283 -37.48 3.49 30.23
C THR C 283 -38.75 3.95 29.53
N ASN C 284 -38.68 4.21 28.23
CA ASN C 284 -39.82 4.70 27.47
C ASN C 284 -40.65 3.52 27.00
N VAL C 285 -41.88 3.42 27.51
CA VAL C 285 -42.76 2.32 27.13
C VAL C 285 -43.05 2.34 25.63
N SER C 286 -42.89 3.51 25.00
CA SER C 286 -43.11 3.60 23.55
C SER C 286 -42.07 2.82 22.78
N LEU C 287 -40.86 2.69 23.32
CA LEU C 287 -39.77 1.99 22.65
C LEU C 287 -39.70 0.52 23.03
N TYR C 288 -40.66 0.02 23.80
CA TYR C 288 -40.72 -1.38 24.16
C TYR C 288 -39.49 -1.83 24.94
N PRO C 289 -39.29 -1.30 26.15
CA PRO C 289 -38.10 -1.65 26.92
C PRO C 289 -38.01 -3.13 27.26
N GLY C 290 -36.77 -3.60 27.40
CA GLY C 290 -36.50 -4.95 27.82
C GLY C 290 -36.43 -5.96 26.69
N TYR C 291 -36.83 -7.19 26.99
CA TYR C 291 -36.90 -8.26 26.00
C TYR C 291 -38.02 -9.18 26.42
N ASN C 292 -39.10 -9.21 25.63
CA ASN C 292 -40.21 -10.12 25.90
C ASN C 292 -40.86 -10.49 24.59
N PHE C 293 -41.57 -11.60 24.61
CA PHE C 293 -42.37 -12.03 23.48
C PHE C 293 -43.54 -12.83 24.00
N ARG C 294 -44.56 -12.97 23.17
CA ARG C 294 -45.76 -13.71 23.48
C ARG C 294 -45.70 -15.07 22.83
N TYR C 295 -45.96 -16.11 23.60
CA TYR C 295 -45.87 -17.49 23.16
C TYR C 295 -47.16 -18.21 23.50
N ALA C 296 -47.65 -19.00 22.56
CA ALA C 296 -48.90 -19.72 22.70
C ALA C 296 -48.66 -21.20 22.93
N LYS C 297 -49.23 -21.71 24.01
CA LYS C 297 -49.30 -23.14 24.27
C LYS C 297 -50.70 -23.61 23.89
N TYR C 298 -50.79 -24.35 22.79
CA TYR C 298 -52.08 -24.80 22.28
C TYR C 298 -52.43 -26.15 22.86
N TYR C 299 -53.72 -26.34 23.14
CA TYR C 299 -54.19 -27.61 23.67
C TYR C 299 -55.69 -27.73 23.40
N LYS C 300 -56.15 -28.97 23.30
CA LYS C 300 -57.54 -29.28 23.03
C LYS C 300 -58.21 -29.77 24.30
N GLU C 301 -59.38 -29.21 24.60
CA GLU C 301 -60.15 -29.58 25.78
C GLU C 301 -61.62 -29.64 25.41
N ASN C 302 -62.22 -30.81 25.57
CA ASN C 302 -63.62 -31.02 25.20
C ASN C 302 -63.85 -30.78 23.71
N ASN C 303 -62.85 -31.10 22.90
CA ASN C 303 -62.83 -30.84 21.46
C ASN C 303 -62.84 -29.36 21.12
N VAL C 304 -62.69 -28.49 22.12
CA VAL C 304 -62.56 -27.06 21.89
C VAL C 304 -61.08 -26.71 21.82
N GLU C 305 -60.69 -26.00 20.77
CA GLU C 305 -59.31 -25.56 20.61
C GLU C 305 -59.05 -24.40 21.57
N LYS C 306 -58.10 -24.62 22.47
CA LYS C 306 -57.78 -23.64 23.54
C LYS C 306 -56.33 -23.20 23.42
N ARG C 307 -55.95 -22.15 24.14
CA ARG C 307 -54.62 -21.56 24.13
C ARG C 307 -54.29 -21.04 25.51
N THR C 308 -53.10 -21.40 26.00
CA THR C 308 -52.50 -20.74 27.15
C THR C 308 -51.41 -19.81 26.64
N LEU C 309 -51.61 -18.51 26.86
CA LEU C 309 -50.66 -17.51 26.42
C LEU C 309 -49.72 -17.13 27.56
N ILE C 310 -48.43 -17.18 27.29
CA ILE C 310 -47.40 -16.75 28.22
C ILE C 310 -46.69 -15.54 27.62
N LYS C 311 -46.62 -14.45 28.39
CA LYS C 311 -45.74 -13.34 28.07
C LYS C 311 -44.39 -13.65 28.70
N VAL C 312 -43.40 -13.93 27.87
CA VAL C 312 -42.11 -14.41 28.31
C VAL C 312 -41.15 -13.23 28.42
N PHE C 313 -40.53 -13.09 29.58
CA PHE C 313 -39.43 -12.15 29.78
C PHE C 313 -38.15 -12.94 30.02
N GLY C 314 -37.04 -12.38 29.57
CA GLY C 314 -35.76 -13.02 29.80
C GLY C 314 -34.64 -12.25 29.15
N ILE C 315 -33.45 -12.83 29.25
CA ILE C 315 -32.23 -12.24 28.75
C ILE C 315 -31.75 -13.08 27.58
N ARG C 316 -31.56 -12.43 26.44
CA ARG C 316 -30.94 -13.05 25.29
C ARG C 316 -29.44 -12.80 25.33
N PHE C 317 -28.66 -13.87 25.15
CA PHE C 317 -27.22 -13.80 25.17
C PHE C 317 -26.69 -14.00 23.76
N ASP C 318 -26.06 -12.98 23.21
CA ASP C 318 -25.50 -13.01 21.87
C ASP C 318 -24.00 -13.24 21.96
N ILE C 319 -23.53 -14.29 21.29
CA ILE C 319 -22.11 -14.63 21.27
C ILE C 319 -21.51 -13.97 20.04
N LEU C 320 -20.64 -12.99 20.26
CA LEU C 320 -20.04 -12.21 19.19
C LEU C 320 -18.57 -12.61 19.05
N VAL C 321 -18.22 -13.17 17.90
CA VAL C 321 -16.89 -13.70 17.66
C VAL C 321 -16.30 -12.97 16.46
N PHE C 322 -15.14 -12.35 16.69
CA PHE C 322 -14.46 -11.56 15.67
C PHE C 322 -12.97 -11.74 15.86
N GLY C 323 -12.22 -11.41 14.82
CA GLY C 323 -10.78 -11.45 14.91
C GLY C 323 -10.15 -11.77 13.57
N THR C 324 -8.83 -11.91 13.61
CA THR C 324 -8.02 -12.06 12.40
C THR C 324 -6.91 -13.06 12.66
N GLY C 325 -6.47 -13.70 11.57
CA GLY C 325 -5.32 -14.57 11.60
C GLY C 325 -4.26 -14.11 10.62
N GLY C 326 -3.03 -13.98 11.08
CA GLY C 326 -1.95 -13.47 10.26
C GLY C 326 -0.83 -14.48 10.06
N LYS C 327 -0.38 -14.60 8.82
CA LYS C 327 0.80 -15.38 8.47
C LYS C 327 1.65 -14.57 7.51
N PHE C 328 2.96 -14.79 7.58
CA PHE C 328 3.90 -14.01 6.78
C PHE C 328 3.61 -14.16 5.29
N ASP C 329 3.59 -13.04 4.58
CA ASP C 329 3.40 -13.00 3.14
C ASP C 329 4.50 -12.15 2.51
N ILE C 330 5.15 -12.69 1.48
CA ILE C 330 6.25 -12.00 0.84
C ILE C 330 5.77 -10.77 0.09
N ILE C 331 4.63 -10.89 -0.60
CA ILE C 331 4.15 -9.79 -1.43
C ILE C 331 3.78 -8.58 -0.58
N GLN C 332 3.15 -8.81 0.57
CA GLN C 332 2.80 -7.69 1.44
C GLN C 332 4.05 -6.95 1.93
N LEU C 333 5.07 -7.70 2.32
CA LEU C 333 6.32 -7.08 2.75
C LEU C 333 6.98 -6.32 1.62
N VAL C 334 6.99 -6.90 0.42
CA VAL C 334 7.59 -6.21 -0.73
C VAL C 334 6.87 -4.90 -1.00
N VAL C 335 5.54 -4.92 -0.92
CA VAL C 335 4.75 -3.70 -1.14
C VAL C 335 5.07 -2.67 -0.07
N TYR C 336 5.13 -3.07 1.19
CA TYR C 336 5.40 -2.13 2.27
C TYR C 336 6.78 -1.49 2.12
N ILE C 337 7.80 -2.31 1.85
CA ILE C 337 9.15 -1.79 1.72
C ILE C 337 9.23 -0.80 0.56
N GLY C 338 8.60 -1.12 -0.55
CA GLY C 338 8.56 -0.19 -1.66
C GLY C 338 7.84 1.09 -1.33
N SER C 339 6.75 1.00 -0.58
CA SER C 339 6.05 2.19 -0.14
C SER C 339 6.90 3.04 0.79
N THR C 340 7.87 2.45 1.46
CA THR C 340 8.72 3.21 2.38
C THR C 340 10.01 3.71 1.75
N LEU C 341 10.47 3.11 0.65
CA LEU C 341 11.80 3.39 0.14
C LEU C 341 12.01 4.87 -0.16
N SER C 342 10.97 5.55 -0.65
CA SER C 342 11.14 6.93 -1.08
C SER C 342 11.32 7.92 0.06
N TYR C 343 11.12 7.49 1.30
CA TYR C 343 11.33 8.37 2.44
C TYR C 343 12.80 8.59 2.76
N PHE C 344 13.69 7.77 2.21
CA PHE C 344 15.12 7.90 2.46
C PHE C 344 15.77 8.97 1.60
N GLY C 345 15.05 9.54 0.64
CA GLY C 345 15.54 10.67 -0.13
C GLY C 345 15.18 12.03 0.41
N LEU C 346 14.38 12.08 1.47
CA LEU C 346 13.99 13.35 2.05
C LEU C 346 15.18 14.08 2.67
N ALA C 347 16.17 13.33 3.16
CA ALA C 347 17.38 13.96 3.66
C ALA C 347 18.07 14.76 2.55
N ALA C 348 18.22 14.15 1.39
CA ALA C 348 18.82 14.85 0.26
C ALA C 348 17.97 16.03 -0.16
N VAL C 349 16.65 15.84 -0.22
CA VAL C 349 15.76 16.93 -0.61
C VAL C 349 15.95 18.12 0.33
N PHE C 350 15.94 17.87 1.63
CA PHE C 350 16.04 18.94 2.62
C PHE C 350 17.40 19.62 2.58
N ILE C 351 18.48 18.84 2.47
CA ILE C 351 19.80 19.45 2.49
C ILE C 351 20.05 20.25 1.20
N ASP C 352 19.58 19.74 0.07
CA ASP C 352 19.69 20.51 -1.17
C ASP C 352 18.86 21.79 -1.10
N PHE C 353 17.71 21.73 -0.44
CA PHE C 353 16.93 22.94 -0.20
C PHE C 353 17.72 23.94 0.62
N LEU C 354 18.40 23.48 1.67
CA LEU C 354 19.23 24.36 2.48
C LEU C 354 20.32 25.00 1.63
N ILE C 355 20.99 24.20 0.82
CA ILE C 355 22.06 24.71 -0.03
C ILE C 355 21.52 25.79 -0.95
N ASP C 356 20.36 25.53 -1.58
CA ASP C 356 19.80 26.51 -2.50
C ASP C 356 19.40 27.80 -1.78
N THR C 357 18.83 27.68 -0.58
CA THR C 357 18.37 28.86 0.13
C THR C 357 19.54 29.71 0.62
N TYR C 358 20.46 29.10 1.37
CA TYR C 358 21.56 29.87 1.93
C TYR C 358 22.58 30.31 0.89
N SER C 359 22.32 30.07 -0.39
CA SER C 359 23.16 30.58 -1.45
C SER C 359 22.60 31.88 -1.99
N SER C 360 21.37 32.20 -1.60
CA SER C 360 20.74 33.45 -1.98
C SER C 360 21.46 34.58 -1.26
N ASN C 361 21.73 35.66 -1.97
CA ASN C 361 22.41 36.82 -1.39
C ASN C 361 21.53 37.51 -0.35
N CYS C 362 20.22 37.25 -0.42
CA CYS C 362 19.31 37.73 0.58
C CYS C 362 19.70 37.29 1.99
N CYS C 363 20.05 36.00 2.08
CA CYS C 363 20.40 35.41 3.35
C CYS C 363 21.65 36.02 3.98
N ARG C 364 22.34 36.83 3.19
CA ARG C 364 23.49 37.60 3.69
C ARG C 364 23.41 39.12 3.78
N SER C 365 22.52 39.71 2.98
CA SER C 365 22.35 41.17 3.02
C SER C 365 21.51 41.58 4.22
N HIS C 366 20.48 40.78 4.57
CA HIS C 366 19.56 41.12 5.64
C HIS C 366 19.62 40.13 6.80
N ILE C 367 19.61 38.84 6.51
CA ILE C 367 19.43 37.83 7.56
C ILE C 367 20.62 37.82 8.51
N TYR C 368 21.82 37.61 7.97
CA TYR C 368 23.00 37.46 8.83
C TYR C 368 23.24 38.68 9.71
N PRO C 369 23.12 39.92 9.23
CA PRO C 369 23.28 41.06 10.13
C PRO C 369 22.37 41.02 11.34
N TRP C 370 21.12 40.60 11.15
CA TRP C 370 20.21 40.44 12.29
C TRP C 370 20.60 39.20 13.08
N CYS C 371 20.41 38.03 12.47
CA CYS C 371 20.77 36.79 13.08
C CYS C 371 22.19 36.37 12.71
N LYS C 372 23.11 36.81 13.56
CA LYS C 372 24.53 36.55 13.36
C LYS C 372 24.91 35.11 13.70
N CYS C 373 23.91 34.32 14.05
CA CYS C 373 24.12 32.92 14.34
C CYS C 373 24.23 32.09 13.07
N CYS C 374 23.49 32.53 12.05
CA CYS C 374 23.39 31.84 10.81
C CYS C 374 24.46 32.18 9.77
N GLN C 375 25.46 32.93 10.23
CA GLN C 375 26.49 33.45 9.34
C GLN C 375 27.38 32.35 8.75
N PRO C 376 27.77 31.37 9.57
CA PRO C 376 28.63 30.31 9.01
C PRO C 376 27.97 29.50 7.89
N CYS C 377 26.69 29.76 7.63
CA CYS C 377 25.98 29.05 6.60
C CYS C 377 26.25 29.51 5.17
N VAL C 378 27.24 30.41 5.08
CA VAL C 378 27.65 31.01 3.83
C VAL C 378 28.50 30.11 2.93
N VAL C 379 28.95 28.98 3.50
CA VAL C 379 29.61 27.94 2.73
C VAL C 379 28.71 27.39 1.64
N ASN C 380 27.40 27.58 1.77
CA ASN C 380 26.48 27.05 0.78
C ASN C 380 26.58 27.77 -0.54
N GLU C 381 27.16 28.97 -0.57
CA GLU C 381 27.48 29.59 -1.85
C GLU C 381 28.49 28.77 -2.62
N TYR C 382 29.57 28.35 -1.95
CA TYR C 382 30.54 27.47 -2.57
C TYR C 382 29.91 26.15 -2.97
N TYR C 383 29.10 25.58 -2.08
CA TYR C 383 28.45 24.30 -2.39
C TYR C 383 27.55 24.40 -3.62
N TYR C 384 26.75 25.45 -3.69
CA TYR C 384 25.85 25.66 -4.82
C TYR C 384 26.63 25.88 -6.10
N ARG C 385 27.74 26.62 -6.02
CA ARG C 385 28.58 26.83 -7.18
C ARG C 385 29.14 25.51 -7.69
N LYS C 386 29.57 24.63 -6.79
CA LYS C 386 30.06 23.32 -7.18
C LYS C 386 28.96 22.35 -7.57
N LYS C 387 27.70 22.65 -7.27
CA LYS C 387 26.59 21.76 -7.55
C LYS C 387 25.88 22.05 -8.87
N CYS C 388 25.46 23.29 -9.08
CA CYS C 388 24.55 23.63 -10.16
C CYS C 388 25.23 24.49 -11.22
N GLU C 389 25.00 24.14 -12.47
CA GLU C 389 25.34 24.96 -13.63
C GLU C 389 24.05 25.41 -14.30
N SER C 390 23.94 26.71 -14.56
CA SER C 390 22.74 27.29 -15.16
C SER C 390 23.01 27.63 -16.62
N ILE C 391 22.06 27.26 -17.49
CA ILE C 391 22.13 27.54 -18.91
C ILE C 391 20.79 28.09 -19.36
N VAL C 392 20.80 28.74 -20.52
CA VAL C 392 19.60 29.36 -21.06
C VAL C 392 19.25 28.71 -22.39
N GLU C 393 18.02 28.91 -22.81
CA GLU C 393 17.55 28.37 -24.07
C GLU C 393 18.23 29.10 -25.23
N PRO C 394 18.96 28.39 -26.09
CA PRO C 394 19.63 29.07 -27.23
C PRO C 394 18.66 29.46 -28.33
N LYS C 395 17.75 30.36 -28.01
CA LYS C 395 16.78 30.84 -28.98
C LYS C 395 17.47 31.71 -30.03
N PRO C 396 16.88 31.84 -31.22
CA PRO C 396 17.48 32.71 -32.24
C PRO C 396 17.57 34.15 -31.82
N THR C 397 16.76 34.57 -30.86
CA THR C 397 16.78 35.93 -30.34
C THR C 397 17.92 36.18 -29.36
N LEU C 398 18.56 35.12 -28.88
CA LEU C 398 19.55 35.25 -27.81
C LEU C 398 20.76 36.04 -28.30
N LYS C 399 21.22 36.97 -27.47
CA LYS C 399 22.35 37.82 -27.80
C LYS C 399 23.04 38.23 -26.50
N TYR C 400 24.35 38.42 -26.58
CA TYR C 400 25.16 38.85 -25.44
C TYR C 400 25.99 40.05 -25.83
N VAL C 401 26.08 41.01 -24.93
CA VAL C 401 26.77 42.27 -25.16
C VAL C 401 27.66 42.58 -23.98
N SER C 402 28.85 43.10 -24.26
CA SER C 402 29.83 43.49 -23.24
C SER C 402 30.33 44.89 -23.54
N PHE C 403 30.42 45.69 -22.49
CA PHE C 403 30.94 47.05 -22.57
C PHE C 403 32.24 47.13 -21.76
N VAL C 404 33.28 47.69 -22.38
CA VAL C 404 34.57 47.79 -21.71
C VAL C 404 34.48 48.70 -20.50
N ASP C 405 33.63 49.72 -20.56
CA ASP C 405 33.46 50.64 -19.45
C ASP C 405 32.55 50.09 -18.35
N GLU C 406 31.95 48.92 -18.54
CA GLU C 406 31.14 48.25 -17.54
C GLU C 406 31.87 47.02 -17.03
N SER C 407 31.23 46.32 -16.09
CA SER C 407 31.83 45.16 -15.44
C SER C 407 30.94 43.93 -15.49
N HIS C 408 29.86 43.95 -16.30
CA HIS C 408 28.98 42.82 -16.45
C HIS C 408 28.65 42.64 -17.92
N ILE C 409 27.90 41.59 -18.23
CA ILE C 409 27.50 41.27 -19.58
C ILE C 409 25.98 41.27 -19.65
N ARG C 410 25.45 41.66 -20.80
CA ARG C 410 24.02 41.87 -21.00
C ARG C 410 23.47 40.81 -21.94
N MET C 411 22.44 40.09 -21.48
CA MET C 411 21.76 39.10 -22.31
C MET C 411 20.54 39.76 -22.91
N VAL C 412 20.65 40.14 -24.19
CA VAL C 412 19.52 40.74 -24.92
C VAL C 412 18.79 39.58 -25.59
N ASN C 413 17.91 38.95 -24.82
CA ASN C 413 17.04 37.90 -25.35
C ASN C 413 15.72 38.53 -25.76
N GLN C 414 15.81 39.48 -26.70
CA GLN C 414 14.67 40.25 -27.14
C GLN C 414 14.94 40.69 -28.58
N GLN C 415 13.87 40.86 -29.34
CA GLN C 415 13.98 41.22 -30.74
C GLN C 415 14.12 42.73 -30.89
N LEU C 416 15.17 43.16 -31.58
CA LEU C 416 15.40 44.58 -31.82
C LEU C 416 14.40 45.07 -32.86
N LEU C 417 13.44 45.88 -32.43
CA LEU C 417 12.41 46.42 -33.32
C LEU C 417 12.92 47.74 -33.90
N GLY C 418 13.92 47.63 -34.75
CA GLY C 418 14.58 48.79 -35.30
C GLY C 418 15.36 49.61 -34.30
N ARG C 419 15.59 49.07 -33.10
CA ARG C 419 16.34 49.76 -32.06
C ARG C 419 17.79 49.33 -32.12
N SER C 420 18.70 50.30 -32.03
CA SER C 420 20.11 49.99 -31.95
C SER C 420 20.39 49.09 -30.75
N LEU C 421 21.21 48.07 -30.98
CA LEU C 421 21.59 47.17 -29.89
C LEU C 421 22.29 47.93 -28.77
N GLN C 422 22.90 49.08 -29.08
CA GLN C 422 23.48 49.91 -28.04
C GLN C 422 22.41 50.41 -27.08
N ASP C 423 21.24 50.79 -27.61
CA ASP C 423 20.16 51.29 -26.78
C ASP C 423 19.47 50.17 -26.02
N VAL C 424 19.16 49.07 -26.71
CA VAL C 424 18.48 47.95 -26.05
C VAL C 424 19.36 47.42 -24.93
N LYS C 425 18.84 47.47 -23.71
CA LYS C 425 19.51 46.92 -22.54
C LYS C 425 18.79 45.66 -22.11
N GLY C 426 19.55 44.61 -21.83
CA GLY C 426 19.01 43.34 -21.45
C GLY C 426 19.36 42.94 -20.03
N GLN C 427 19.07 41.68 -19.72
CA GLN C 427 19.34 41.15 -18.39
C GLN C 427 20.84 41.16 -18.12
N GLU C 428 21.19 41.40 -16.86
CA GLU C 428 22.56 41.54 -16.42
C GLU C 428 23.08 40.17 -15.98
N VAL C 429 24.00 39.61 -16.76
CA VAL C 429 24.59 38.31 -16.49
C VAL C 429 26.05 38.52 -16.13
N PRO C 430 26.56 37.93 -15.05
CA PRO C 430 27.95 38.16 -14.66
C PRO C 430 28.91 37.51 -15.65
N ARG C 431 30.09 38.12 -15.77
CA ARG C 431 31.13 37.54 -16.61
C ARG C 431 31.76 36.35 -15.89
N PRO C 432 32.12 35.29 -16.61
CA PRO C 432 32.79 34.15 -15.95
C PRO C 432 34.08 34.59 -15.28
N ALA C 433 34.37 34.02 -14.11
CA ALA C 433 35.58 34.39 -13.32
C ALA C 433 36.74 33.47 -13.69
N MET C 434 37.98 33.98 -13.63
CA MET C 434 39.20 33.19 -13.96
C MET C 434 40.40 33.78 -13.20
N SER C 473 31.24 59.66 -36.95
CA SER C 473 30.96 58.57 -35.98
C SER C 473 29.47 58.56 -35.63
N PRO C 474 28.83 57.39 -35.50
CA PRO C 474 27.38 57.32 -35.23
C PRO C 474 26.98 58.01 -33.91
N VAL C 475 25.68 58.19 -33.69
CA VAL C 475 25.18 58.88 -32.47
C VAL C 475 25.16 57.93 -31.27
N TRP C 476 25.18 56.62 -31.51
CA TRP C 476 25.17 55.58 -30.45
C TRP C 476 26.62 55.26 -30.06
N CYS C 477 27.60 55.84 -30.75
CA CYS C 477 29.01 55.57 -30.52
C CYS C 477 29.56 56.51 -29.46
N GLN C 478 30.07 55.92 -28.38
CA GLN C 478 30.73 56.65 -27.31
C GLN C 478 32.25 56.54 -27.39
N CYS C 479 32.79 56.03 -28.49
CA CYS C 479 34.24 55.85 -28.63
C CYS C 479 34.83 56.47 -29.88
N GLY C 480 34.01 56.80 -30.89
CA GLY C 480 34.49 57.56 -32.02
C GLY C 480 35.22 56.77 -33.09
N SER C 481 35.13 55.43 -33.08
CA SER C 481 35.76 54.61 -34.11
C SER C 481 34.80 53.59 -34.68
N CYS C 482 33.50 53.78 -34.47
CA CYS C 482 32.48 52.88 -34.99
C CYS C 482 31.93 53.39 -36.31
N LEU C 483 31.37 52.47 -37.10
CA LEU C 483 30.86 52.74 -38.43
C LEU C 483 29.43 52.26 -38.55
N PRO C 484 28.67 52.81 -39.51
CA PRO C 484 27.30 52.32 -39.73
C PRO C 484 27.29 51.01 -40.50
N SER C 485 26.31 50.16 -40.18
CA SER C 485 26.24 48.85 -40.79
C SER C 485 25.87 48.87 -42.26
N GLN C 486 26.43 47.92 -42.99
CA GLN C 486 26.19 47.66 -44.39
C GLN C 486 25.17 46.57 -44.61
N LEU C 487 24.60 46.02 -43.53
CA LEU C 487 23.55 45.03 -43.64
C LEU C 487 22.28 45.68 -44.19
N PRO C 488 21.26 44.90 -44.53
CA PRO C 488 19.99 45.49 -44.93
C PRO C 488 19.40 46.33 -43.80
N GLU C 489 18.64 47.35 -44.18
CA GLU C 489 18.10 48.29 -43.18
C GLU C 489 17.32 47.57 -42.10
N SER C 490 16.70 46.43 -42.44
CA SER C 490 15.97 45.66 -41.43
C SER C 490 16.93 45.09 -40.37
N HIS C 491 18.08 44.59 -40.82
CA HIS C 491 19.05 43.93 -39.94
C HIS C 491 20.21 44.85 -39.57
N ARG C 492 20.10 46.15 -39.84
CA ARG C 492 21.21 47.11 -39.60
C ARG C 492 21.35 47.43 -38.11
N CYS C 493 20.32 47.19 -37.30
CA CYS C 493 20.36 47.58 -35.89
C CYS C 493 21.15 46.61 -35.03
N LEU C 494 21.26 45.36 -35.44
CA LEU C 494 22.02 44.39 -34.65
C LEU C 494 23.48 44.82 -34.53
N GLU C 495 24.05 45.35 -35.60
CA GLU C 495 25.44 45.78 -35.62
C GLU C 495 25.62 47.24 -35.26
N GLU C 496 24.60 47.88 -34.68
CA GLU C 496 24.72 49.24 -34.19
C GLU C 496 25.08 49.25 -32.71
N LEU C 497 26.26 48.70 -32.43
CA LEU C 497 26.75 48.51 -31.08
C LEU C 497 28.15 49.07 -30.95
N CYS C 498 28.43 49.71 -29.83
CA CYS C 498 29.74 50.25 -29.50
C CYS C 498 30.38 49.41 -28.39
N CYS C 499 31.68 49.61 -28.21
CA CYS C 499 32.43 48.88 -27.21
C CYS C 499 32.26 49.44 -25.81
N ARG C 500 31.47 50.49 -25.63
CA ARG C 500 31.30 51.06 -24.30
C ARG C 500 29.97 51.80 -24.23
N LYS C 501 29.47 51.94 -23.00
CA LYS C 501 28.20 52.60 -22.74
C LYS C 501 28.36 54.10 -22.53
N LYS C 502 29.50 54.54 -22.04
CA LYS C 502 29.76 55.92 -21.72
C LYS C 502 31.02 56.41 -22.44
N PRO C 503 31.13 57.71 -22.69
CA PRO C 503 32.24 58.22 -23.51
C PRO C 503 33.61 57.91 -22.90
N GLY C 504 34.59 57.75 -23.78
CA GLY C 504 35.95 57.45 -23.37
C GLY C 504 36.75 56.84 -24.50
N ALA C 505 37.75 56.05 -24.12
CA ALA C 505 38.64 55.41 -25.07
C ALA C 505 37.97 54.20 -25.72
N CYS C 506 38.66 53.60 -26.68
CA CYS C 506 38.16 52.47 -27.45
C CYS C 506 38.97 51.22 -27.13
N ILE C 507 38.27 50.07 -27.11
CA ILE C 507 38.95 48.82 -26.83
C ILE C 507 39.90 48.42 -27.94
N THR C 508 39.71 48.95 -29.16
CA THR C 508 40.60 48.62 -30.26
C THR C 508 42.00 49.20 -30.07
N THR C 509 42.16 50.19 -29.20
CA THR C 509 43.48 50.74 -28.90
C THR C 509 44.23 49.91 -27.87
N SER C 510 43.54 49.00 -27.18
CA SER C 510 44.19 48.18 -26.18
C SER C 510 45.25 47.30 -26.82
N GLU C 511 46.39 47.13 -26.13
CA GLU C 511 47.46 46.31 -26.67
C GLU C 511 47.01 44.86 -26.85
N LEU C 512 46.23 44.35 -25.91
CA LEU C 512 45.73 42.99 -26.01
C LEU C 512 44.94 42.77 -27.28
N PHE C 513 44.29 43.82 -27.79
CA PHE C 513 43.55 43.69 -29.04
C PHE C 513 44.48 43.35 -30.19
N ARG C 514 45.64 44.02 -30.25
CA ARG C 514 46.62 43.78 -31.34
C ARG C 514 47.32 42.45 -31.10
N LYS C 515 47.55 42.06 -29.84
CA LYS C 515 48.28 40.83 -29.55
C LYS C 515 47.43 39.58 -29.76
N LEU C 516 46.14 39.64 -29.48
CA LEU C 516 45.27 38.48 -29.57
C LEU C 516 44.42 38.49 -30.84
N VAL C 517 43.66 39.56 -31.05
CA VAL C 517 42.67 39.57 -32.13
C VAL C 517 43.35 39.67 -33.49
N LEU C 518 44.38 40.52 -33.59
CA LEU C 518 44.97 40.84 -34.89
C LEU C 518 46.31 40.17 -35.15
N SER C 519 46.91 39.52 -34.16
CA SER C 519 48.19 38.89 -34.37
C SER C 519 48.03 37.75 -35.38
N ARG C 520 48.54 37.97 -36.59
CA ARG C 520 48.38 36.96 -37.64
C ARG C 520 49.08 35.67 -37.27
N HIS C 521 50.17 35.76 -36.52
CA HIS C 521 50.86 34.55 -36.07
C HIS C 521 49.99 33.74 -35.12
N VAL C 522 49.33 34.40 -34.17
CA VAL C 522 48.45 33.70 -33.24
C VAL C 522 47.32 33.02 -34.01
N LEU C 523 46.69 33.76 -34.93
CA LEU C 523 45.58 33.19 -35.67
C LEU C 523 46.01 32.02 -36.52
N GLN C 524 47.18 32.11 -37.18
CA GLN C 524 47.62 30.97 -37.99
C GLN C 524 47.97 29.78 -37.13
N PHE C 525 48.56 30.02 -35.95
CA PHE C 525 48.81 28.91 -35.05
C PHE C 525 47.50 28.23 -34.65
N LEU C 526 46.47 29.03 -34.38
CA LEU C 526 45.17 28.44 -34.04
C LEU C 526 44.60 27.66 -35.21
N LEU C 527 44.74 28.18 -36.43
CA LEU C 527 44.24 27.47 -37.60
C LEU C 527 44.98 26.15 -37.81
N LEU C 528 46.29 26.17 -37.61
CA LEU C 528 47.11 24.98 -37.83
C LEU C 528 47.00 23.96 -36.71
N TYR C 529 46.56 24.37 -35.52
CA TYR C 529 46.39 23.42 -34.43
C TYR C 529 45.37 22.35 -34.80
N GLN C 530 44.24 22.76 -35.38
CA GLN C 530 43.23 21.80 -35.81
C GLN C 530 43.64 21.11 -37.11
N GLU C 531 44.28 21.85 -38.01
CA GLU C 531 44.70 21.35 -39.32
C GLU C 531 46.21 21.55 -39.47
N PRO C 532 47.01 20.59 -39.03
CA PRO C 532 48.46 20.76 -39.11
C PRO C 532 48.96 21.14 -40.50
N LEU C 533 48.61 20.36 -41.51
CA LEU C 533 49.07 20.60 -42.88
C LEU C 533 47.98 21.33 -43.66
N LEU C 534 47.80 22.59 -43.32
CA LEU C 534 46.76 23.43 -43.92
C LEU C 534 47.41 24.43 -44.86
N ALA C 535 47.01 24.41 -46.12
CA ALA C 535 47.44 25.38 -47.11
C ALA C 535 46.21 25.88 -47.85
N LEU C 536 46.04 27.19 -47.91
CA LEU C 536 44.85 27.80 -48.48
C LEU C 536 45.24 28.99 -49.33
N ASP C 537 44.29 29.45 -50.13
CA ASP C 537 44.50 30.64 -50.96
C ASP C 537 44.62 31.88 -50.07
N VAL C 538 44.86 33.02 -50.70
CA VAL C 538 44.98 34.27 -49.97
C VAL C 538 43.63 34.68 -49.40
N ASP C 539 42.59 34.67 -50.23
CA ASP C 539 41.27 35.09 -49.77
C ASP C 539 40.69 34.09 -48.78
N SER C 540 40.86 32.79 -49.04
CA SER C 540 40.38 31.79 -48.10
C SER C 540 41.08 31.93 -46.76
N THR C 541 42.39 32.14 -46.76
CA THR C 541 43.12 32.33 -45.52
C THR C 541 42.67 33.59 -44.81
N ASN C 542 42.42 34.66 -45.55
CA ASN C 542 41.93 35.89 -44.93
C ASN C 542 40.58 35.68 -44.27
N SER C 543 39.67 34.96 -44.95
CA SER C 543 38.37 34.68 -44.35
C SER C 543 38.52 33.83 -43.09
N ARG C 544 39.38 32.82 -43.15
CA ARG C 544 39.63 31.98 -41.99
C ARG C 544 40.13 32.81 -40.81
N LEU C 545 41.10 33.69 -41.08
CA LEU C 545 41.66 34.51 -40.01
C LEU C 545 40.64 35.52 -39.49
N ARG C 546 39.76 36.00 -40.36
CA ARG C 546 38.71 36.92 -39.93
C ARG C 546 37.76 36.23 -38.95
N HIS C 547 37.32 35.02 -39.29
CA HIS C 547 36.46 34.27 -38.38
C HIS C 547 37.20 33.95 -37.09
N CYS C 548 38.49 33.60 -37.18
CA CYS C 548 39.28 33.31 -35.99
C CYS C 548 39.39 34.55 -35.10
N ALA C 549 39.54 35.72 -35.70
CA ALA C 549 39.62 36.96 -34.93
C ALA C 549 38.31 37.26 -34.23
N TYR C 550 37.18 37.08 -34.92
CA TYR C 550 35.89 37.21 -34.26
C TYR C 550 35.82 36.30 -33.04
N ARG C 551 36.18 35.03 -33.22
CA ARG C 551 36.09 34.06 -32.14
C ARG C 551 37.02 34.42 -30.99
N CYS C 552 38.24 34.90 -31.31
CA CYS C 552 39.18 35.27 -30.28
C CYS C 552 38.68 36.46 -29.46
N TYR C 553 38.12 37.47 -30.12
CA TYR C 553 37.55 38.58 -29.36
C TYR C 553 36.40 38.10 -28.48
N ALA C 554 35.52 37.26 -29.01
CA ALA C 554 34.38 36.80 -28.23
C ALA C 554 34.83 35.99 -27.03
N THR C 555 35.84 35.14 -27.21
CA THR C 555 36.36 34.35 -26.09
C THR C 555 37.05 35.24 -25.06
N TRP C 556 37.79 36.25 -25.51
CA TRP C 556 38.48 37.15 -24.60
C TRP C 556 37.48 37.91 -23.74
N ARG C 557 36.42 38.44 -24.34
CA ARG C 557 35.53 39.33 -23.62
C ARG C 557 34.37 38.62 -22.92
N PHE C 558 33.93 37.47 -23.44
CA PHE C 558 32.78 36.78 -22.90
C PHE C 558 33.12 35.44 -22.25
N GLY C 559 34.30 34.90 -22.51
CA GLY C 559 34.75 33.71 -21.83
C GLY C 559 34.13 32.43 -22.36
N SER C 560 33.17 31.91 -21.61
CA SER C 560 32.48 30.69 -21.99
C SER C 560 32.08 30.71 -23.46
N GLN C 561 32.26 29.57 -24.12
CA GLN C 561 31.83 29.43 -25.50
C GLN C 561 30.32 29.51 -25.64
N ASP C 562 29.59 29.34 -24.53
CA ASP C 562 28.14 29.44 -24.58
C ASP C 562 27.71 30.87 -24.91
N MET C 563 28.35 31.85 -24.28
CA MET C 563 28.04 33.25 -24.55
C MET C 563 28.82 33.78 -25.74
N ALA C 564 30.00 33.24 -26.00
CA ALA C 564 30.78 33.66 -27.17
C ALA C 564 30.09 33.27 -28.47
N ASP C 565 29.32 32.17 -28.47
CA ASP C 565 28.62 31.76 -29.68
C ASP C 565 27.49 32.72 -30.03
N PHE C 566 26.94 33.41 -29.03
CA PHE C 566 25.85 34.35 -29.24
C PHE C 566 26.26 35.79 -28.96
N ALA C 567 27.55 36.05 -28.81
CA ALA C 567 28.02 37.41 -28.58
C ALA C 567 27.85 38.24 -29.84
N ILE C 568 28.04 39.56 -29.69
CA ILE C 568 27.95 40.50 -30.80
C ILE C 568 29.16 41.41 -30.73
N LEU C 569 29.92 41.46 -31.80
CA LEU C 569 31.09 42.30 -31.85
C LEU C 569 30.69 43.75 -32.09
N PRO C 570 31.36 44.70 -31.44
CA PRO C 570 31.12 46.11 -31.76
C PRO C 570 31.56 46.45 -33.17
N SER C 571 30.96 47.50 -33.71
CA SER C 571 31.32 47.94 -35.06
C SER C 571 32.77 48.38 -35.13
N CYS C 572 33.29 48.98 -34.06
CA CYS C 572 34.70 49.38 -34.06
C CYS C 572 35.60 48.17 -34.21
N CYS C 573 35.46 47.18 -33.32
CA CYS C 573 36.27 45.97 -33.40
C CYS C 573 35.93 45.17 -34.65
N ARG C 574 34.64 45.08 -34.97
CA ARG C 574 34.21 44.37 -36.17
C ARG C 574 34.94 44.88 -37.41
N TRP C 575 34.92 46.20 -37.61
CA TRP C 575 35.48 46.75 -38.83
C TRP C 575 37.01 46.83 -38.77
N ARG C 576 37.59 46.94 -37.57
CA ARG C 576 39.03 46.76 -37.44
C ARG C 576 39.45 45.38 -37.94
N ILE C 577 38.75 44.34 -37.48
CA ILE C 577 39.07 42.98 -37.90
C ILE C 577 38.86 42.83 -39.40
N ARG C 578 37.73 43.31 -39.90
CA ARG C 578 37.44 43.17 -41.33
C ARG C 578 38.46 43.91 -42.18
N LYS C 579 39.02 45.01 -41.64
CA LYS C 579 40.07 45.72 -42.35
C LYS C 579 41.37 44.94 -42.35
N GLU C 580 41.72 44.32 -41.22
CA GLU C 580 42.98 43.57 -41.18
C GLU C 580 42.92 42.30 -42.01
N PHE C 581 41.74 41.70 -42.14
CA PHE C 581 41.56 40.45 -42.90
C PHE C 581 40.36 40.59 -43.82
N PRO C 582 40.46 41.41 -44.85
CA PRO C 582 39.31 41.64 -45.73
C PRO C 582 39.05 40.47 -46.67
N LYS C 583 37.84 40.47 -47.22
CA LYS C 583 37.46 39.50 -48.24
C LYS C 583 37.58 40.15 -49.62
N SER C 584 37.95 39.33 -50.61
CA SER C 584 38.25 39.87 -51.93
C SER C 584 37.04 40.57 -52.54
N GLU C 585 35.87 39.95 -52.46
CA GLU C 585 34.68 40.47 -53.11
C GLU C 585 33.44 40.12 -52.30
N GLY C 586 32.41 40.93 -52.44
CA GLY C 586 31.14 40.69 -51.79
C GLY C 586 31.01 41.46 -50.48
N GLN C 587 29.88 41.22 -49.82
CA GLN C 587 29.57 41.81 -48.53
C GLN C 587 29.70 40.75 -47.45
N TYR C 588 29.52 41.19 -46.20
CA TYR C 588 29.68 40.34 -45.03
C TYR C 588 28.32 40.01 -44.45
N SER C 589 28.08 38.71 -44.22
CA SER C 589 26.80 38.29 -43.67
C SER C 589 26.63 38.77 -42.23
N GLY C 590 27.63 38.53 -41.39
CA GLY C 590 27.57 38.89 -39.99
C GLY C 590 27.15 37.75 -39.09
N PHE C 591 26.56 38.08 -37.95
CA PHE C 591 26.23 37.08 -36.95
C PHE C 591 25.12 36.15 -37.44
N LYS C 592 25.33 34.85 -37.27
CA LYS C 592 24.29 33.84 -37.44
C LYS C 592 24.21 33.00 -36.18
N SER C 593 23.02 32.87 -35.63
CA SER C 593 22.84 32.05 -34.45
C SER C 593 23.07 30.58 -34.81
N PRO C 594 23.90 29.85 -34.06
CA PRO C 594 24.10 28.42 -34.39
C PRO C 594 22.83 27.62 -34.37
N TYR C 595 21.84 28.01 -33.56
CA TYR C 595 20.57 27.32 -33.49
C TYR C 595 19.45 28.20 -34.03
#